data_6D65
#
_entry.id   6D65
#
_cell.length_a   75.327
_cell.length_b   109.503
_cell.length_c   218.558
_cell.angle_alpha   90.00
_cell.angle_beta   90.00
_cell.angle_gamma   90.00
#
_symmetry.space_group_name_H-M   'P 21 21 21'
#
loop_
_entity.id
_entity.type
_entity.pdbx_description
1 polymer 'Maltose-binding periplasmic protein,Dual specificity protein phosphatase 1'
2 polymer 'Designed AR protein off7'
3 non-polymer GLYCEROL
4 non-polymer 'SULFATE ION'
5 non-polymer ETHANOL
6 water water
#
loop_
_entity_poly.entity_id
_entity_poly.type
_entity_poly.pdbx_seq_one_letter_code
_entity_poly.pdbx_strand_id
1 'polypeptide(L)'
;MKIEEGKLVIWINGDKGYNGLAEVGKKFEKDTGIKVTVEHPDKLEEKFPQVAATGDGPDIIFWAHDRFGGYAQSGLLAEI
TPAAAFQDKLYPFTWDAVRYNGKLIAYPIAVEALSLIYNKDLLPNPPKTWEEIPALDKELKAKGKSALMFNLQEPYFTWP
LIAADGGYAFKYAAGKYDIKDVGVDNAGAKAGLTFLVDLIKNKHMNADTDYSIAEAAFNKGETAMTINGPWAWSNIDTSA
VNYGVTVLPTFKGQPSKPFVGVLSAGINAASPNKELAKEFLENYLLTDEGLEAVNKDKPLGAVALKSYEEELAKDPRIAA
TMENAQKGEIMPNIPQMSAFWYAVRTAVINAASGRQTVDAALAAAQTNAAAGGPVEILPFLYLGSAYHASRKDMLDALGI
TALINVSANCPNHFEGHYQYKSIPVEDNHKADISSWFNEAIDFIDSIKNAGGRVFVHSQAGISRSATICLAYLMRTNRVK
LDEAFEFVKQRRSIISPNFSFMGQLLQFESQVLAHHHHHH
;
A,C
2 'polypeptide(L)'
;MRGSHHHHHHGSDLGRKLLEAARAGQDDEVRILMANGADVNAADNTGTTPLHLAAYSGHLEIVEVLLKHGADVDASDVFG
YTPLHLAAYWGHLEIVEVLLKNGADVNAMDSDGMTPLHLAAKWGYLEIVEVLLKHGADVNAQDKFGKTAFDISIDNGNED
LAEILQKLN
;
B,D
#
loop_
_chem_comp.id
_chem_comp.type
_chem_comp.name
_chem_comp.formula
EOH non-polymer ETHANOL 'C2 H6 O'
GOL non-polymer GLYCEROL 'C3 H8 O3'
SO4 non-polymer 'SULFATE ION' 'O4 S -2'
#
# COMPACT_ATOMS: atom_id res chain seq x y z
N LYS A 2 30.78 12.40 -26.11
CA LYS A 2 30.85 12.90 -24.74
C LYS A 2 32.10 12.38 -23.99
N ILE A 3 32.74 11.34 -24.53
CA ILE A 3 33.96 10.77 -23.95
C ILE A 3 35.15 11.31 -24.72
N GLU A 4 36.06 11.99 -24.03
CA GLU A 4 37.15 12.70 -24.68
C GLU A 4 38.46 12.44 -23.94
N GLU A 5 39.55 12.34 -24.71
CA GLU A 5 40.88 12.21 -24.13
C GLU A 5 41.16 13.37 -23.19
N GLY A 6 41.92 13.09 -22.14
CA GLY A 6 42.30 14.09 -21.15
C GLY A 6 41.26 14.39 -20.11
N LYS A 7 40.16 13.66 -20.07
CA LYS A 7 39.04 13.91 -19.18
C LYS A 7 38.55 12.58 -18.60
N LEU A 8 37.95 12.65 -17.41
CA LEU A 8 37.38 11.48 -16.76
C LEU A 8 35.93 11.77 -16.40
N VAL A 9 35.03 10.91 -16.83
CA VAL A 9 33.64 10.93 -16.39
C VAL A 9 33.39 9.67 -15.59
N ILE A 10 32.79 9.82 -14.40
CA ILE A 10 32.51 8.70 -13.51
C ILE A 10 31.00 8.63 -13.27
N TRP A 11 30.44 7.43 -13.39
CA TRP A 11 29.06 7.14 -13.01
C TRP A 11 29.03 6.34 -11.72
N ILE A 12 28.23 6.80 -10.76
CA ILE A 12 27.97 6.07 -9.53
C ILE A 12 26.51 6.29 -9.15
N ASN A 13 25.92 5.28 -8.50
CA ASN A 13 24.50 5.33 -8.15
C ASN A 13 24.21 6.44 -7.15
N GLY A 14 22.96 6.92 -7.16
CA GLY A 14 22.58 8.08 -6.35
C GLY A 14 22.58 7.86 -4.85
N ASP A 15 22.50 6.61 -4.39
CA ASP A 15 22.50 6.35 -2.95
C ASP A 15 23.91 6.14 -2.38
N LYS A 16 24.95 6.36 -3.18
CA LYS A 16 26.33 6.31 -2.72
C LYS A 16 26.86 7.71 -2.51
N GLY A 17 28.02 7.80 -1.85
CA GLY A 17 28.62 9.09 -1.56
C GLY A 17 29.24 9.80 -2.74
N TYR A 18 28.41 10.20 -3.72
CA TYR A 18 28.97 10.76 -4.96
C TYR A 18 29.66 12.09 -4.73
N ASN A 19 29.27 12.84 -3.69
CA ASN A 19 29.95 14.08 -3.38
C ASN A 19 31.33 13.84 -2.77
N GLY A 20 31.46 12.83 -1.91
CA GLY A 20 32.78 12.47 -1.42
C GLY A 20 33.69 12.01 -2.54
N LEU A 21 33.14 11.23 -3.47
CA LEU A 21 33.89 10.80 -4.65
C LEU A 21 34.37 11.99 -5.48
N ALA A 22 33.48 12.97 -5.69
CA ALA A 22 33.88 14.18 -6.42
C ALA A 22 35.01 14.93 -5.71
N GLU A 23 35.05 14.90 -4.38
CA GLU A 23 36.18 15.49 -3.68
C GLU A 23 37.47 14.84 -4.13
N VAL A 24 37.46 13.51 -4.26
CA VAL A 24 38.66 12.81 -4.69
C VAL A 24 39.01 13.22 -6.11
N GLY A 25 37.99 13.31 -6.98
CA GLY A 25 38.22 13.75 -8.33
C GLY A 25 38.78 15.15 -8.38
N LYS A 26 38.36 15.99 -7.43
CA LYS A 26 38.90 17.34 -7.32
C LYS A 26 40.39 17.32 -6.96
N LYS A 27 40.79 16.45 -6.03
CA LYS A 27 42.21 16.35 -5.69
C LYS A 27 43.02 15.76 -6.83
N PHE A 28 42.44 14.79 -7.55
CA PHE A 28 43.09 14.26 -8.74
C PHE A 28 43.37 15.36 -9.75
N GLU A 29 42.44 16.30 -9.90
CA GLU A 29 42.61 17.36 -10.89
C GLU A 29 43.66 18.36 -10.43
N LYS A 30 43.70 18.67 -9.14
CA LYS A 30 44.72 19.57 -8.61
C LYS A 30 46.13 19.00 -8.82
N ASP A 31 46.30 17.67 -8.73
CA ASP A 31 47.62 17.05 -8.83
C ASP A 31 48.04 16.76 -10.26
N THR A 32 47.10 16.63 -11.19
CA THR A 32 47.39 16.10 -12.53
C THR A 32 46.96 17.00 -13.68
N GLY A 33 46.08 17.97 -13.44
CA GLY A 33 45.46 18.73 -14.51
C GLY A 33 44.29 18.04 -15.17
N ILE A 34 44.03 16.78 -14.85
CA ILE A 34 42.93 16.03 -15.43
C ILE A 34 41.66 16.30 -14.63
N LYS A 35 40.62 16.80 -15.29
CA LYS A 35 39.39 17.13 -14.57
C LYS A 35 38.46 15.92 -14.52
N VAL A 36 37.83 15.73 -13.37
CA VAL A 36 37.01 14.56 -13.08
C VAL A 36 35.59 15.02 -12.79
N THR A 37 34.64 14.49 -13.55
CA THR A 37 33.23 14.82 -13.39
C THR A 37 32.49 13.58 -12.91
N VAL A 38 31.88 13.66 -11.72
CA VAL A 38 31.10 12.57 -11.16
C VAL A 38 29.62 12.82 -11.43
N GLU A 39 28.95 11.79 -11.95
CA GLU A 39 27.53 11.82 -12.26
C GLU A 39 26.82 10.62 -11.63
N HIS A 40 25.54 10.83 -11.31
CA HIS A 40 24.68 9.77 -10.79
C HIS A 40 23.35 9.74 -11.55
N PRO A 41 23.38 9.31 -12.81
CA PRO A 41 22.13 9.24 -13.60
C PRO A 41 21.22 8.13 -13.11
N ASP A 42 19.93 8.28 -13.42
CA ASP A 42 18.96 7.24 -13.10
C ASP A 42 19.14 6.04 -14.03
N LYS A 43 18.91 4.84 -13.48
CA LYS A 43 19.04 3.58 -14.24
C LYS A 43 20.40 3.45 -14.91
N LEU A 44 21.45 3.98 -14.28
CA LEU A 44 22.76 4.01 -14.94
C LEU A 44 23.28 2.61 -15.25
N GLU A 45 22.83 1.60 -14.50
CA GLU A 45 23.24 0.23 -14.78
C GLU A 45 22.63 -0.29 -16.08
N GLU A 46 21.56 0.34 -16.57
CA GLU A 46 20.98 -0.02 -17.84
C GLU A 46 21.40 0.90 -18.98
N LYS A 47 21.62 2.19 -18.69
CA LYS A 47 22.15 3.09 -19.71
C LYS A 47 23.53 2.64 -20.15
N PHE A 48 24.37 2.22 -19.19
CA PHE A 48 25.78 1.93 -19.51
C PHE A 48 25.96 0.92 -20.62
N PRO A 49 25.34 -0.27 -20.61
CA PRO A 49 25.54 -1.18 -21.75
C PRO A 49 24.98 -0.63 -23.05
N GLN A 50 24.08 0.35 -22.98
CA GLN A 50 23.59 1.00 -24.19
C GLN A 50 24.65 1.93 -24.76
N VAL A 51 25.03 2.95 -23.99
CA VAL A 51 25.96 3.96 -24.49
C VAL A 51 27.35 3.36 -24.75
N ALA A 52 27.73 2.31 -24.03
CA ALA A 52 29.07 1.77 -24.19
C ALA A 52 29.23 0.95 -25.47
N ALA A 53 28.15 0.33 -25.96
CA ALA A 53 28.25 -0.45 -27.19
C ALA A 53 28.49 0.45 -28.40
N THR A 54 28.06 1.71 -28.33
CA THR A 54 28.39 2.71 -29.33
C THR A 54 29.78 3.32 -29.15
N GLY A 55 30.52 2.90 -28.13
CA GLY A 55 31.81 3.50 -27.88
C GLY A 55 31.76 4.78 -27.09
N ASP A 56 30.64 5.04 -26.42
CA ASP A 56 30.48 6.21 -25.58
C ASP A 56 30.25 5.79 -24.11
N GLY A 57 29.83 6.77 -23.29
CA GLY A 57 29.54 6.53 -21.89
C GLY A 57 30.57 7.14 -20.96
N PRO A 58 30.59 6.70 -19.69
CA PRO A 58 31.59 7.21 -18.76
C PRO A 58 32.90 6.46 -18.89
N ASP A 59 33.97 7.07 -18.37
CA ASP A 59 35.22 6.34 -18.29
C ASP A 59 35.14 5.23 -17.25
N ILE A 60 34.54 5.52 -16.10
CA ILE A 60 34.49 4.59 -14.97
C ILE A 60 33.04 4.46 -14.52
N ILE A 61 32.65 3.24 -14.15
CA ILE A 61 31.32 2.95 -13.64
C ILE A 61 31.45 2.21 -12.31
N PHE A 62 30.72 2.68 -11.30
CA PHE A 62 30.62 2.02 -10.00
C PHE A 62 29.29 1.27 -9.89
N TRP A 63 29.37 -0.03 -9.62
CA TRP A 63 28.15 -0.80 -9.43
C TRP A 63 28.51 -2.09 -8.72
N ALA A 64 27.47 -2.77 -8.24
CA ALA A 64 27.64 -4.10 -7.65
C ALA A 64 28.26 -5.06 -8.66
N HIS A 65 29.22 -5.86 -8.16
CA HIS A 65 30.06 -6.68 -9.02
C HIS A 65 29.26 -7.63 -9.91
N ASP A 66 28.07 -8.07 -9.47
CA ASP A 66 27.39 -9.17 -10.17
C ASP A 66 26.81 -8.73 -11.50
N ARG A 67 26.48 -7.45 -11.64
CA ARG A 67 26.09 -6.87 -12.91
C ARG A 67 27.26 -6.79 -13.90
N PHE A 68 28.51 -6.90 -13.42
CA PHE A 68 29.66 -6.72 -14.29
C PHE A 68 30.00 -7.98 -15.07
N GLY A 69 29.59 -9.16 -14.61
CA GLY A 69 29.83 -10.37 -15.38
C GLY A 69 29.17 -10.32 -16.74
N GLY A 70 27.96 -9.74 -16.81
CA GLY A 70 27.31 -9.58 -18.09
C GLY A 70 28.02 -8.56 -18.97
N TYR A 71 28.29 -7.37 -18.40
CA TYR A 71 29.07 -6.36 -19.11
C TYR A 71 30.33 -6.95 -19.73
N ALA A 72 31.04 -7.79 -18.98
CA ALA A 72 32.30 -8.34 -19.47
C ALA A 72 32.07 -9.34 -20.58
N GLN A 73 30.93 -10.04 -20.55
CA GLN A 73 30.55 -10.92 -21.65
C GLN A 73 30.35 -10.14 -22.94
N SER A 74 29.71 -8.96 -22.85
CA SER A 74 29.50 -8.08 -23.98
C SER A 74 30.75 -7.30 -24.38
N GLY A 75 31.89 -7.57 -23.74
CA GLY A 75 33.13 -6.87 -24.03
C GLY A 75 33.14 -5.38 -23.71
N LEU A 76 32.41 -4.95 -22.68
CA LEU A 76 32.31 -3.52 -22.39
C LEU A 76 33.26 -3.04 -21.29
N LEU A 77 34.01 -3.93 -20.66
CA LEU A 77 34.87 -3.58 -19.54
C LEU A 77 36.32 -3.88 -19.87
N ALA A 78 37.19 -2.90 -19.62
CA ALA A 78 38.62 -3.10 -19.86
C ALA A 78 39.16 -4.12 -18.88
N GLU A 79 40.10 -4.94 -19.34
CA GLU A 79 40.81 -5.83 -18.43
C GLU A 79 41.88 -5.06 -17.66
N ILE A 80 41.91 -5.21 -16.34
CA ILE A 80 42.92 -4.56 -15.52
C ILE A 80 43.93 -5.59 -15.01
N THR A 81 45.17 -5.15 -14.84
CA THR A 81 46.28 -5.98 -14.39
C THR A 81 47.08 -5.24 -13.31
N PRO A 82 46.48 -5.00 -12.14
CA PRO A 82 47.22 -4.32 -11.07
C PRO A 82 48.38 -5.18 -10.59
N ALA A 83 49.46 -4.51 -10.17
CA ALA A 83 50.65 -5.23 -9.71
C ALA A 83 50.33 -6.03 -8.45
N ALA A 84 51.14 -7.07 -8.21
CA ALA A 84 50.93 -7.91 -7.04
C ALA A 84 50.89 -7.09 -5.75
N ALA A 85 51.79 -6.11 -5.61
CA ALA A 85 51.80 -5.25 -4.42
C ALA A 85 50.50 -4.48 -4.26
N PHE A 86 49.91 -4.02 -5.35
CA PHE A 86 48.60 -3.38 -5.22
C PHE A 86 47.51 -4.42 -4.89
N GLN A 87 47.55 -5.59 -5.54
CA GLN A 87 46.54 -6.59 -5.24
C GLN A 87 46.56 -6.98 -3.77
N ASP A 88 47.75 -6.99 -3.17
CA ASP A 88 47.87 -7.35 -1.77
C ASP A 88 47.23 -6.33 -0.82
N LYS A 89 46.83 -5.17 -1.32
CA LYS A 89 46.17 -4.21 -0.45
C LYS A 89 44.69 -4.52 -0.23
N LEU A 90 44.11 -5.40 -1.02
CA LEU A 90 42.69 -5.71 -0.90
C LEU A 90 42.55 -7.16 -0.47
N TYR A 91 41.46 -7.46 0.23
CA TYR A 91 41.26 -8.84 0.67
C TYR A 91 41.16 -9.74 -0.55
N PRO A 92 41.85 -10.87 -0.56
CA PRO A 92 41.83 -11.73 -1.76
C PRO A 92 40.43 -12.11 -2.22
N PHE A 93 39.49 -12.35 -1.31
CA PHE A 93 38.18 -12.81 -1.79
C PHE A 93 37.44 -11.73 -2.55
N THR A 94 37.79 -10.45 -2.35
CA THR A 94 37.11 -9.43 -3.15
C THR A 94 37.61 -9.42 -4.59
N TRP A 95 38.84 -9.87 -4.85
CA TRP A 95 39.28 -9.93 -6.25
C TRP A 95 38.54 -11.01 -7.01
N ASP A 96 38.11 -12.08 -6.33
CA ASP A 96 37.31 -13.12 -6.97
C ASP A 96 35.96 -12.61 -7.42
N ALA A 97 35.47 -11.55 -6.82
CA ALA A 97 34.17 -11.01 -7.20
C ALA A 97 34.22 -10.23 -8.52
N VAL A 98 35.41 -9.88 -9.01
CA VAL A 98 35.52 -9.04 -10.19
C VAL A 98 36.31 -9.78 -11.24
N ARG A 99 36.17 -11.11 -11.22
CA ARG A 99 36.79 -12.01 -12.19
C ARG A 99 35.75 -12.45 -13.21
N TYR A 100 36.09 -12.37 -14.48
CA TYR A 100 35.24 -12.91 -15.54
C TYR A 100 36.10 -13.64 -16.57
N ASN A 101 35.80 -14.92 -16.77
CA ASN A 101 36.56 -15.76 -17.69
C ASN A 101 38.05 -15.68 -17.37
N GLY A 102 38.35 -15.70 -16.06
CA GLY A 102 39.73 -15.70 -15.63
C GLY A 102 40.50 -14.41 -15.81
N LYS A 103 39.83 -13.29 -16.10
CA LYS A 103 40.50 -12.00 -16.19
C LYS A 103 39.80 -10.99 -15.29
N LEU A 104 40.59 -10.17 -14.60
CA LEU A 104 40.09 -9.09 -13.75
C LEU A 104 39.45 -7.99 -14.58
N ILE A 105 38.29 -7.51 -14.13
CA ILE A 105 37.55 -6.53 -14.93
C ILE A 105 37.00 -5.37 -14.10
N ALA A 106 37.46 -5.22 -12.86
CA ALA A 106 37.06 -4.09 -12.03
C ALA A 106 37.89 -4.07 -10.74
N TYR A 107 37.84 -2.93 -10.03
CA TYR A 107 38.45 -2.81 -8.71
C TYR A 107 37.40 -3.01 -7.62
N PRO A 108 37.57 -3.95 -6.68
CA PRO A 108 36.63 -4.04 -5.56
C PRO A 108 36.75 -2.80 -4.66
N ILE A 109 35.60 -2.28 -4.24
CA ILE A 109 35.53 -1.10 -3.39
C ILE A 109 34.99 -1.43 -2.00
N ALA A 110 33.74 -1.87 -1.93
CA ALA A 110 33.09 -2.09 -0.65
C ALA A 110 32.53 -3.51 -0.60
N VAL A 111 32.08 -3.90 0.58
CA VAL A 111 31.72 -5.29 0.83
C VAL A 111 30.46 -5.27 1.68
N GLU A 112 29.44 -5.99 1.25
CA GLU A 112 28.17 -5.94 1.95
C GLU A 112 27.55 -7.34 2.05
N ALA A 113 26.96 -7.65 3.21
CA ALA A 113 26.31 -8.93 3.45
C ALA A 113 25.33 -8.80 4.61
N LEU A 114 24.45 -9.79 4.74
CA LEU A 114 23.52 -9.85 5.88
C LEU A 114 24.25 -10.14 7.19
N SER A 115 23.69 -9.62 8.28
CA SER A 115 24.12 -10.00 9.62
C SER A 115 22.92 -10.30 10.51
N LEU A 116 23.22 -10.83 11.71
CA LEU A 116 22.22 -11.01 12.75
C LEU A 116 22.15 -9.76 13.61
N ILE A 117 20.95 -9.21 13.75
CA ILE A 117 20.70 -8.01 14.56
C ILE A 117 19.81 -8.42 15.73
N TYR A 118 20.17 -8.01 16.94
CA TYR A 118 19.43 -8.49 18.11
C TYR A 118 19.18 -7.35 19.08
N ASN A 119 18.17 -7.54 19.94
CA ASN A 119 17.72 -6.53 20.89
C ASN A 119 18.36 -6.83 22.23
N LYS A 120 19.31 -5.99 22.65
CA LYS A 120 20.05 -6.30 23.87
C LYS A 120 19.17 -6.29 25.12
N ASP A 121 18.03 -5.59 25.10
CA ASP A 121 17.11 -5.61 26.25
C ASP A 121 16.32 -6.93 26.32
N LEU A 122 15.82 -7.43 25.18
CA LEU A 122 15.07 -8.69 25.22
C LEU A 122 15.99 -9.89 25.27
N LEU A 123 17.20 -9.77 24.77
CA LEU A 123 18.07 -10.91 24.53
C LEU A 123 19.51 -10.48 24.81
N PRO A 124 19.88 -10.40 26.09
CA PRO A 124 21.27 -10.05 26.42
C PRO A 124 22.28 -11.08 25.94
N ASN A 125 21.85 -12.32 25.70
CA ASN A 125 22.74 -13.43 25.34
C ASN A 125 22.25 -14.04 24.02
N PRO A 126 22.59 -13.40 22.90
CA PRO A 126 22.08 -13.86 21.62
C PRO A 126 22.61 -15.25 21.29
N PRO A 127 21.83 -16.06 20.55
CA PRO A 127 22.22 -17.45 20.28
C PRO A 127 23.36 -17.56 19.29
N LYS A 128 24.20 -18.55 19.53
CA LYS A 128 25.23 -18.90 18.59
C LYS A 128 24.75 -19.89 17.51
N THR A 129 23.70 -20.67 17.75
CA THR A 129 23.24 -21.67 16.79
C THR A 129 21.78 -21.49 16.40
N TRP A 130 21.45 -21.90 15.18
CA TRP A 130 20.06 -21.93 14.77
C TRP A 130 19.26 -22.88 15.65
N GLU A 131 19.87 -24.00 16.08
CA GLU A 131 19.18 -25.04 16.83
C GLU A 131 18.63 -24.53 18.16
N GLU A 132 19.17 -23.44 18.68
CA GLU A 132 18.71 -22.87 19.94
C GLU A 132 17.44 -22.05 19.80
N ILE A 133 17.06 -21.66 18.59
CA ILE A 133 16.03 -20.65 18.42
C ILE A 133 14.66 -21.16 18.88
N PRO A 134 14.24 -22.40 18.55
CA PRO A 134 12.94 -22.87 19.07
C PRO A 134 12.80 -22.70 20.59
N ALA A 135 13.77 -23.18 21.39
CA ALA A 135 13.65 -23.01 22.84
C ALA A 135 13.69 -21.54 23.24
N LEU A 136 14.52 -20.76 22.57
CA LEU A 136 14.52 -19.32 22.84
C LEU A 136 13.17 -18.70 22.54
N ASP A 137 12.54 -19.12 21.43
CA ASP A 137 11.23 -18.59 21.06
C ASP A 137 10.16 -18.95 22.10
N LYS A 138 10.18 -20.20 22.59
CA LYS A 138 9.17 -20.59 23.58
C LYS A 138 9.23 -19.73 24.84
N GLU A 139 10.45 -19.38 25.28
CA GLU A 139 10.58 -18.56 26.46
C GLU A 139 10.17 -17.10 26.21
N LEU A 140 10.42 -16.59 25.01
CA LEU A 140 10.01 -15.23 24.70
C LEU A 140 8.52 -15.13 24.43
N LYS A 141 7.91 -16.18 23.87
CA LYS A 141 6.47 -16.17 23.61
C LYS A 141 5.69 -16.08 24.91
N ALA A 142 6.18 -16.74 25.97
CA ALA A 142 5.55 -16.65 27.29
C ALA A 142 5.50 -15.20 27.82
N LYS A 143 6.38 -14.31 27.34
CA LYS A 143 6.34 -12.91 27.72
C LYS A 143 5.74 -12.04 26.64
N GLY A 144 5.08 -12.62 25.64
CA GLY A 144 4.49 -11.82 24.60
C GLY A 144 5.44 -11.36 23.50
N LYS A 145 6.67 -11.87 23.44
CA LYS A 145 7.61 -11.54 22.38
C LYS A 145 7.87 -12.75 21.51
N SER A 146 8.67 -12.56 20.47
CA SER A 146 9.13 -13.66 19.67
C SER A 146 10.64 -13.58 19.53
N ALA A 147 11.25 -14.72 19.18
CA ALA A 147 12.71 -14.78 19.05
C ALA A 147 13.20 -14.07 17.79
N LEU A 148 12.59 -14.32 16.64
CA LEU A 148 13.22 -14.00 15.37
C LEU A 148 12.17 -13.71 14.29
N MET A 149 12.32 -12.58 13.60
CA MET A 149 11.52 -12.29 12.42
C MET A 149 12.41 -11.68 11.34
N PHE A 150 12.31 -12.23 10.14
CA PHE A 150 13.03 -11.67 9.01
C PHE A 150 12.25 -12.00 7.75
N ASN A 151 12.63 -11.35 6.65
CA ASN A 151 11.90 -11.46 5.39
C ASN A 151 11.98 -12.87 4.82
N LEU A 152 10.89 -13.65 4.95
CA LEU A 152 10.86 -15.01 4.41
C LEU A 152 10.41 -15.08 2.97
N GLN A 153 9.99 -13.96 2.37
CA GLN A 153 9.51 -13.97 0.98
C GLN A 153 10.66 -14.00 -0.02
N GLU A 154 11.80 -13.39 0.31
CA GLU A 154 12.88 -13.27 -0.64
C GLU A 154 13.97 -14.27 -0.30
N PRO A 155 14.35 -15.15 -1.23
CA PRO A 155 15.36 -16.18 -0.91
C PRO A 155 16.73 -15.63 -0.52
N TYR A 156 17.03 -14.38 -0.88
CA TYR A 156 18.27 -13.75 -0.41
C TYR A 156 18.40 -13.83 1.10
N PHE A 157 17.27 -13.71 1.83
CA PHE A 157 17.31 -13.71 3.29
C PHE A 157 17.34 -15.10 3.91
N THR A 158 16.87 -16.12 3.21
CA THR A 158 16.85 -17.47 3.75
C THR A 158 18.00 -18.33 3.23
N TRP A 159 18.57 -17.97 2.09
CA TRP A 159 19.75 -18.64 1.58
C TRP A 159 20.90 -18.84 2.58
N PRO A 160 21.21 -17.91 3.50
CA PRO A 160 22.32 -18.21 4.41
C PRO A 160 22.08 -19.49 5.21
N LEU A 161 20.84 -19.78 5.58
CA LEU A 161 20.56 -21.02 6.29
C LEU A 161 20.59 -22.22 5.34
N ILE A 162 20.02 -22.08 4.14
CA ILE A 162 19.98 -23.20 3.20
C ILE A 162 21.40 -23.60 2.76
N ALA A 163 22.29 -22.60 2.60
CA ALA A 163 23.66 -22.87 2.15
C ALA A 163 24.56 -23.40 3.25
N ALA A 164 24.16 -23.27 4.52
CA ALA A 164 25.11 -23.47 5.62
C ALA A 164 25.70 -24.88 5.61
N ASP A 165 24.86 -25.90 5.45
CA ASP A 165 25.31 -27.29 5.52
C ASP A 165 25.68 -27.84 4.13
N GLY A 166 25.68 -27.02 3.09
CA GLY A 166 26.20 -27.49 1.82
C GLY A 166 25.50 -27.02 0.55
N GLY A 167 24.43 -26.22 0.67
CA GLY A 167 23.82 -25.67 -0.52
C GLY A 167 24.76 -24.71 -1.24
N TYR A 168 24.60 -24.62 -2.55
CA TYR A 168 25.30 -23.62 -3.34
C TYR A 168 24.49 -23.32 -4.59
N ALA A 169 24.77 -22.17 -5.18
CA ALA A 169 24.03 -21.74 -6.36
C ALA A 169 24.51 -22.52 -7.57
N PHE A 170 25.60 -22.07 -8.20
CA PHE A 170 26.26 -22.78 -9.28
C PHE A 170 27.69 -23.06 -8.89
N LYS A 171 28.13 -24.31 -9.09
CA LYS A 171 29.48 -24.71 -8.67
C LYS A 171 30.54 -23.89 -9.40
N TYR A 172 31.48 -23.35 -8.63
CA TYR A 172 32.53 -22.47 -9.14
C TYR A 172 33.85 -23.23 -9.10
N ALA A 173 34.51 -23.32 -10.27
CA ALA A 173 35.74 -24.10 -10.44
C ALA A 173 36.59 -23.38 -11.46
N ALA A 174 37.86 -23.13 -11.08
CA ALA A 174 38.76 -22.23 -11.80
C ALA A 174 38.22 -20.82 -11.66
N GLY A 175 37.85 -20.19 -12.77
CA GLY A 175 37.25 -18.87 -12.74
C GLY A 175 35.89 -18.82 -13.41
N LYS A 176 35.24 -19.98 -13.52
CA LYS A 176 33.99 -20.13 -14.26
C LYS A 176 32.96 -20.85 -13.42
N TYR A 177 31.72 -20.38 -13.48
CA TYR A 177 30.59 -21.07 -12.89
C TYR A 177 30.04 -22.09 -13.88
N ASP A 178 29.74 -23.28 -13.37
CA ASP A 178 29.19 -24.36 -14.18
C ASP A 178 27.66 -24.27 -14.04
N ILE A 179 27.02 -23.69 -15.04
CA ILE A 179 25.58 -23.42 -14.98
C ILE A 179 24.77 -24.71 -15.10
N LYS A 180 25.44 -25.85 -15.29
CA LYS A 180 24.77 -27.15 -15.27
C LYS A 180 24.95 -27.87 -13.95
N ASP A 181 25.69 -27.29 -13.01
CA ASP A 181 25.98 -27.87 -11.70
C ASP A 181 25.35 -26.99 -10.62
N VAL A 182 24.14 -27.35 -10.22
CA VAL A 182 23.35 -26.58 -9.27
C VAL A 182 23.30 -27.33 -7.94
N GLY A 183 23.47 -26.59 -6.84
CA GLY A 183 23.45 -27.24 -5.55
C GLY A 183 22.29 -26.88 -4.64
N VAL A 184 21.08 -26.78 -5.18
CA VAL A 184 19.92 -26.48 -4.35
C VAL A 184 19.21 -27.74 -3.89
N ASP A 185 19.57 -28.90 -4.44
CA ASP A 185 18.86 -30.13 -4.14
C ASP A 185 19.74 -31.17 -3.45
N ASN A 186 20.89 -30.76 -2.92
CA ASN A 186 21.73 -31.68 -2.19
C ASN A 186 21.28 -31.77 -0.74
N ALA A 187 21.98 -32.61 0.03
CA ALA A 187 21.53 -32.93 1.38
C ALA A 187 21.67 -31.74 2.32
N GLY A 188 22.69 -30.90 2.11
CA GLY A 188 22.83 -29.72 2.94
C GLY A 188 21.73 -28.71 2.69
N ALA A 189 21.39 -28.49 1.41
CA ALA A 189 20.27 -27.63 1.10
C ALA A 189 18.98 -28.17 1.70
N LYS A 190 18.76 -29.48 1.59
CA LYS A 190 17.55 -30.07 2.16
C LYS A 190 17.51 -29.91 3.67
N ALA A 191 18.66 -30.09 4.33
CA ALA A 191 18.69 -30.01 5.79
C ALA A 191 18.36 -28.60 6.26
N GLY A 192 18.85 -27.59 5.54
CA GLY A 192 18.58 -26.21 5.90
C GLY A 192 17.14 -25.80 5.65
N LEU A 193 16.59 -26.12 4.48
CA LEU A 193 15.19 -25.78 4.24
C LEU A 193 14.29 -26.50 5.24
N THR A 194 14.59 -27.77 5.55
CA THR A 194 13.77 -28.53 6.50
C THR A 194 13.73 -27.84 7.86
N PHE A 195 14.89 -27.38 8.32
CA PHE A 195 14.92 -26.68 9.59
C PHE A 195 14.08 -25.40 9.53
N LEU A 196 14.16 -24.66 8.42
CA LEU A 196 13.33 -23.46 8.28
C LEU A 196 11.85 -23.81 8.28
N VAL A 197 11.44 -24.83 7.50
CA VAL A 197 10.02 -25.20 7.43
C VAL A 197 9.51 -25.66 8.79
N ASP A 198 10.34 -26.36 9.56
CA ASP A 198 9.91 -26.79 10.88
C ASP A 198 9.67 -25.60 11.81
N LEU A 199 10.50 -24.56 11.70
CA LEU A 199 10.23 -23.35 12.48
C LEU A 199 8.83 -22.81 12.18
N ILE A 200 8.41 -22.88 10.92
CA ILE A 200 7.11 -22.37 10.51
C ILE A 200 5.97 -23.26 10.99
N LYS A 201 6.09 -24.58 10.82
CA LYS A 201 4.96 -25.40 11.23
C LYS A 201 4.81 -25.44 12.74
N ASN A 202 5.90 -25.25 13.49
CA ASN A 202 5.80 -25.20 14.93
C ASN A 202 5.44 -23.82 15.46
N LYS A 203 5.22 -22.85 14.56
CA LYS A 203 4.77 -21.50 14.89
C LYS A 203 5.87 -20.64 15.52
N HIS A 204 7.15 -20.98 15.34
CA HIS A 204 8.17 -20.04 15.75
C HIS A 204 8.26 -18.89 14.76
N MET A 205 7.88 -19.11 13.51
CA MET A 205 7.79 -18.04 12.52
C MET A 205 6.53 -18.22 11.69
N ASN A 206 6.11 -17.14 11.05
CA ASN A 206 4.95 -17.10 10.18
C ASN A 206 5.41 -16.97 8.74
N ALA A 207 4.92 -17.86 7.86
CA ALA A 207 5.37 -17.88 6.46
C ALA A 207 5.01 -16.60 5.70
N ASP A 208 4.11 -15.79 6.23
CA ASP A 208 3.71 -14.56 5.56
C ASP A 208 4.61 -13.37 5.87
N THR A 209 5.52 -13.49 6.85
CA THR A 209 6.37 -12.35 7.20
C THR A 209 7.22 -11.91 6.00
N ASP A 210 7.20 -10.61 5.72
CA ASP A 210 7.95 -10.01 4.63
C ASP A 210 8.90 -8.95 5.19
N TYR A 211 9.48 -8.14 4.28
CA TYR A 211 10.49 -7.19 4.73
C TYR A 211 9.93 -6.17 5.73
N SER A 212 8.81 -5.54 5.40
CA SER A 212 8.34 -4.45 6.26
C SER A 212 7.75 -4.98 7.56
N ILE A 213 7.11 -6.16 7.54
CA ILE A 213 6.59 -6.73 8.77
C ILE A 213 7.70 -7.06 9.76
N ALA A 214 8.81 -7.62 9.27
CA ALA A 214 9.93 -7.95 10.15
C ALA A 214 10.62 -6.69 10.66
N GLU A 215 10.77 -5.69 9.80
CA GLU A 215 11.37 -4.42 10.20
C GLU A 215 10.55 -3.74 11.28
N ALA A 216 9.22 -3.66 11.08
CA ALA A 216 8.37 -3.01 12.07
C ALA A 216 8.41 -3.74 13.41
N ALA A 217 8.38 -5.07 13.37
CA ALA A 217 8.40 -5.87 14.58
C ALA A 217 9.70 -5.66 15.36
N PHE A 218 10.85 -5.73 14.67
CA PHE A 218 12.10 -5.52 15.39
C PHE A 218 12.22 -4.09 15.88
N ASN A 219 11.85 -3.12 15.05
CA ASN A 219 12.08 -1.73 15.41
C ASN A 219 11.09 -1.23 16.45
N LYS A 220 10.03 -1.99 16.74
CA LYS A 220 9.08 -1.67 17.80
C LYS A 220 9.27 -2.53 19.04
N GLY A 221 10.31 -3.36 19.09
CA GLY A 221 10.54 -4.18 20.27
C GLY A 221 9.67 -5.41 20.41
N GLU A 222 9.11 -5.94 19.33
CA GLU A 222 8.24 -7.12 19.46
C GLU A 222 8.98 -8.44 19.25
N THR A 223 10.11 -8.44 18.56
CA THR A 223 10.85 -9.66 18.32
C THR A 223 12.30 -9.41 18.72
N ALA A 224 12.95 -10.45 19.26
CA ALA A 224 14.28 -10.22 19.80
C ALA A 224 15.37 -10.13 18.73
N MET A 225 15.17 -10.72 17.56
CA MET A 225 16.20 -10.75 16.54
C MET A 225 15.60 -10.51 15.16
N THR A 226 16.45 -10.01 14.25
CA THR A 226 16.14 -9.95 12.85
C THR A 226 17.41 -10.26 12.07
N ILE A 227 17.23 -10.52 10.78
CA ILE A 227 18.32 -10.76 9.86
C ILE A 227 18.25 -9.68 8.79
N ASN A 228 19.29 -8.87 8.68
CA ASN A 228 19.24 -7.75 7.76
C ASN A 228 20.63 -7.19 7.53
N GLY A 229 20.73 -6.24 6.60
CA GLY A 229 21.99 -5.69 6.15
C GLY A 229 22.17 -4.23 6.52
N PRO A 230 23.32 -3.66 6.13
CA PRO A 230 23.67 -2.29 6.54
C PRO A 230 22.68 -1.23 6.13
N TRP A 231 21.93 -1.46 5.05
CA TRP A 231 20.94 -0.49 4.62
C TRP A 231 19.81 -0.31 5.62
N ALA A 232 19.65 -1.23 6.58
CA ALA A 232 18.59 -1.18 7.59
C ALA A 232 19.00 -0.46 8.89
N TRP A 233 20.30 -0.20 9.09
CA TRP A 233 20.74 0.34 10.38
C TRP A 233 20.13 1.71 10.66
N SER A 234 20.01 2.55 9.64
CA SER A 234 19.50 3.90 9.84
C SER A 234 18.13 3.88 10.52
N ASN A 235 17.23 3.01 10.03
CA ASN A 235 15.90 2.93 10.62
C ASN A 235 15.95 2.36 12.03
N ILE A 236 16.88 1.45 12.32
CA ILE A 236 16.96 0.94 13.67
C ILE A 236 17.45 2.03 14.61
N ASP A 237 18.41 2.85 14.16
CA ASP A 237 18.89 3.99 14.94
C ASP A 237 17.74 4.94 15.26
N THR A 238 16.90 5.22 14.26
CA THR A 238 15.76 6.14 14.47
C THR A 238 14.79 5.56 15.49
N SER A 239 14.56 4.25 15.44
CA SER A 239 13.66 3.59 16.38
C SER A 239 14.20 3.61 17.82
N ALA A 240 15.50 3.80 18.01
CA ALA A 240 16.12 3.84 19.33
C ALA A 240 16.10 2.50 20.07
N VAL A 241 15.98 1.38 19.35
CA VAL A 241 16.13 0.07 19.97
C VAL A 241 17.59 -0.12 20.38
N ASN A 242 17.81 -0.71 21.53
CA ASN A 242 19.17 -1.00 22.01
C ASN A 242 19.63 -2.28 21.31
N TYR A 243 20.24 -2.12 20.13
CA TYR A 243 20.60 -3.26 19.29
C TYR A 243 22.10 -3.50 19.19
N GLY A 244 22.43 -4.75 18.85
CA GLY A 244 23.76 -5.11 18.41
C GLY A 244 23.68 -5.90 17.11
N VAL A 245 24.83 -5.95 16.43
CA VAL A 245 24.97 -6.64 15.15
C VAL A 245 26.09 -7.66 15.31
N THR A 246 25.84 -8.90 14.89
CA THR A 246 26.78 -9.98 15.18
C THR A 246 26.76 -11.04 14.07
N VAL A 247 27.60 -12.06 14.25
CA VAL A 247 27.68 -13.16 13.29
C VAL A 247 26.36 -13.92 13.25
N LEU A 248 25.98 -14.35 12.05
CA LEU A 248 24.78 -15.16 11.89
C LEU A 248 24.96 -16.47 12.66
N PRO A 249 23.86 -17.07 13.14
CA PRO A 249 24.00 -18.33 13.86
C PRO A 249 24.50 -19.43 12.95
N THR A 250 25.15 -20.43 13.55
CA THR A 250 25.55 -21.62 12.85
C THR A 250 24.37 -22.57 12.70
N PHE A 251 24.50 -23.48 11.73
CA PHE A 251 23.55 -24.55 11.52
C PHE A 251 24.36 -25.83 11.32
N LYS A 252 24.07 -26.86 12.13
CA LYS A 252 24.87 -28.09 12.15
C LYS A 252 26.35 -27.79 12.32
N GLY A 253 26.67 -26.84 13.20
CA GLY A 253 28.05 -26.47 13.46
C GLY A 253 28.73 -25.72 12.34
N GLN A 254 28.04 -25.37 11.28
CA GLN A 254 28.69 -24.64 10.20
C GLN A 254 28.14 -23.22 10.09
N PRO A 255 28.93 -22.27 9.60
CA PRO A 255 28.44 -20.89 9.53
C PRO A 255 27.33 -20.73 8.50
N SER A 256 26.40 -19.83 8.79
CA SER A 256 25.50 -19.41 7.73
C SER A 256 26.33 -18.73 6.67
N LYS A 257 25.95 -18.90 5.40
CA LYS A 257 26.74 -18.44 4.26
C LYS A 257 25.88 -17.48 3.44
N PRO A 258 25.84 -16.22 3.83
CA PRO A 258 25.11 -15.23 3.03
C PRO A 258 25.88 -14.85 1.79
N PHE A 259 25.14 -14.45 0.75
CA PHE A 259 25.75 -13.92 -0.45
C PHE A 259 26.36 -12.55 -0.21
N VAL A 260 27.42 -12.26 -0.96
CA VAL A 260 28.22 -11.06 -0.77
C VAL A 260 28.10 -10.19 -2.01
N GLY A 261 27.81 -8.91 -1.80
CA GLY A 261 27.85 -7.92 -2.87
C GLY A 261 29.08 -7.04 -2.68
N VAL A 262 29.82 -6.87 -3.77
CA VAL A 262 31.09 -6.13 -3.73
C VAL A 262 30.92 -4.93 -4.68
N LEU A 263 30.66 -3.75 -4.11
CA LEU A 263 30.64 -2.53 -4.92
C LEU A 263 31.98 -2.37 -5.64
N SER A 264 31.93 -2.21 -6.96
CA SER A 264 33.10 -2.31 -7.81
C SER A 264 33.17 -1.13 -8.78
N ALA A 265 34.40 -0.79 -9.19
CA ALA A 265 34.66 0.27 -10.17
C ALA A 265 35.28 -0.36 -11.41
N GLY A 266 34.56 -0.35 -12.52
CA GLY A 266 35.06 -0.84 -13.78
C GLY A 266 35.43 0.28 -14.75
N ILE A 267 36.32 -0.03 -15.69
CA ILE A 267 36.77 0.94 -16.68
C ILE A 267 36.15 0.58 -18.02
N ASN A 268 35.42 1.54 -18.61
CA ASN A 268 34.79 1.38 -19.92
C ASN A 268 35.81 0.97 -20.97
N ALA A 269 35.54 -0.13 -21.68
CA ALA A 269 36.46 -0.59 -22.71
C ALA A 269 36.59 0.42 -23.84
N ALA A 270 35.58 1.26 -24.04
CA ALA A 270 35.65 2.34 -25.01
C ALA A 270 36.45 3.55 -24.52
N SER A 271 37.04 3.48 -23.31
CA SER A 271 37.61 4.71 -22.78
C SER A 271 38.97 4.98 -23.41
N PRO A 272 39.23 6.22 -23.80
CA PRO A 272 40.58 6.60 -24.23
C PRO A 272 41.49 7.02 -23.10
N ASN A 273 41.07 6.83 -21.85
CA ASN A 273 41.77 7.30 -20.66
C ASN A 273 42.03 6.17 -19.68
N LYS A 274 42.33 4.97 -20.18
CA LYS A 274 42.44 3.83 -19.28
C LYS A 274 43.60 3.99 -18.30
N GLU A 275 44.70 4.58 -18.75
CA GLU A 275 45.83 4.79 -17.84
C GLU A 275 45.50 5.85 -16.79
N LEU A 276 44.77 6.90 -17.17
CA LEU A 276 44.32 7.88 -16.19
C LEU A 276 43.31 7.27 -15.23
N ALA A 277 42.47 6.38 -15.71
CA ALA A 277 41.53 5.73 -14.80
C ALA A 277 42.29 4.85 -13.82
N LYS A 278 43.31 4.14 -14.31
CA LYS A 278 44.14 3.35 -13.41
C LYS A 278 44.79 4.24 -12.36
N GLU A 279 45.33 5.39 -12.77
CA GLU A 279 46.00 6.28 -11.81
C GLU A 279 45.02 6.81 -10.77
N PHE A 280 43.83 7.21 -11.22
CA PHE A 280 42.83 7.73 -10.29
C PHE A 280 42.41 6.66 -9.28
N LEU A 281 42.08 5.46 -9.79
CA LEU A 281 41.58 4.39 -8.94
C LEU A 281 42.67 3.81 -8.06
N GLU A 282 43.86 3.54 -8.62
CA GLU A 282 44.89 2.93 -7.80
C GLU A 282 45.59 3.95 -6.90
N ASN A 283 45.83 5.16 -7.39
CA ASN A 283 46.69 6.05 -6.62
C ASN A 283 45.92 7.04 -5.75
N TYR A 284 44.63 7.23 -5.97
CA TYR A 284 43.81 8.22 -5.26
C TYR A 284 42.58 7.62 -4.58
N LEU A 285 41.75 6.86 -5.30
CA LEU A 285 40.52 6.43 -4.66
C LEU A 285 40.76 5.29 -3.67
N LEU A 286 41.42 4.22 -4.11
CA LEU A 286 41.67 3.06 -3.27
C LEU A 286 42.86 3.29 -2.33
N THR A 287 42.74 4.34 -1.52
CA THR A 287 43.64 4.67 -0.42
C THR A 287 42.80 5.03 0.81
N ASP A 288 43.45 5.09 1.98
CA ASP A 288 42.72 5.48 3.19
C ASP A 288 42.03 6.84 2.98
N GLU A 289 42.74 7.82 2.40
CA GLU A 289 42.12 9.13 2.19
C GLU A 289 40.98 9.07 1.18
N GLY A 290 41.13 8.33 0.10
CA GLY A 290 40.08 8.30 -0.92
C GLY A 290 38.80 7.67 -0.40
N LEU A 291 38.91 6.50 0.19
CA LEU A 291 37.70 5.84 0.69
C LEU A 291 37.09 6.66 1.82
N GLU A 292 37.92 7.28 2.66
CA GLU A 292 37.38 8.03 3.78
C GLU A 292 36.51 9.19 3.29
N ALA A 293 36.99 9.95 2.31
CA ALA A 293 36.18 11.00 1.72
C ALA A 293 34.85 10.46 1.19
N VAL A 294 34.85 9.31 0.52
CA VAL A 294 33.58 8.74 0.08
C VAL A 294 32.76 8.32 1.30
N ASN A 295 33.41 7.68 2.28
CA ASN A 295 32.72 7.15 3.45
C ASN A 295 32.13 8.26 4.32
N LYS A 296 32.81 9.42 4.41
CA LYS A 296 32.29 10.53 5.19
C LYS A 296 31.01 11.07 4.58
N ASP A 297 30.86 10.96 3.26
CA ASP A 297 29.64 11.43 2.59
C ASP A 297 28.49 10.48 2.88
N LYS A 298 28.65 9.19 2.55
CA LYS A 298 27.64 8.16 2.84
C LYS A 298 28.42 6.87 3.09
N PRO A 299 28.19 6.21 4.22
CA PRO A 299 29.07 5.10 4.58
C PRO A 299 29.07 3.98 3.56
N LEU A 300 30.27 3.44 3.29
CA LEU A 300 30.42 2.33 2.38
C LEU A 300 30.10 0.99 3.04
N GLY A 301 30.06 0.96 4.38
CA GLY A 301 29.98 -0.31 5.07
C GLY A 301 31.37 -0.89 5.26
N ALA A 302 31.53 -2.20 5.10
CA ALA A 302 32.85 -2.78 5.06
C ALA A 302 33.50 -2.48 3.71
N VAL A 303 34.83 -2.36 3.71
CA VAL A 303 35.55 -2.02 2.48
C VAL A 303 36.52 -3.13 2.13
N ALA A 304 36.91 -3.16 0.85
CA ALA A 304 37.88 -4.15 0.37
C ALA A 304 39.31 -3.78 0.71
N LEU A 305 39.60 -2.50 0.97
CA LEU A 305 40.97 -2.08 1.30
C LEU A 305 41.32 -2.47 2.75
N LYS A 306 42.24 -3.42 2.92
CA LYS A 306 42.58 -3.94 4.24
C LYS A 306 42.86 -2.82 5.26
N SER A 307 43.67 -1.84 4.87
CA SER A 307 44.11 -0.84 5.85
C SER A 307 42.95 0.02 6.33
N TYR A 308 42.01 0.36 5.45
CA TYR A 308 40.89 1.17 5.92
C TYR A 308 39.81 0.31 6.57
N GLU A 309 39.66 -0.95 6.16
CA GLU A 309 38.69 -1.83 6.83
C GLU A 309 39.07 -2.05 8.29
N GLU A 310 40.36 -2.21 8.57
CA GLU A 310 40.82 -2.34 9.95
C GLU A 310 40.43 -1.12 10.79
N GLU A 311 40.40 0.06 10.17
CA GLU A 311 39.95 1.24 10.89
C GLU A 311 38.43 1.24 11.05
N LEU A 312 37.70 0.93 9.98
CA LEU A 312 36.24 0.96 10.05
C LEU A 312 35.68 -0.14 10.95
N ALA A 313 36.35 -1.28 11.01
CA ALA A 313 35.82 -2.40 11.80
C ALA A 313 35.92 -2.16 13.31
N LYS A 314 36.46 -1.01 13.76
CA LYS A 314 36.34 -0.62 15.15
C LYS A 314 34.88 -0.41 15.54
N ASP A 315 34.01 -0.12 14.56
CA ASP A 315 32.56 -0.21 14.64
C ASP A 315 32.20 -1.69 14.56
N PRO A 316 31.67 -2.27 15.64
CA PRO A 316 31.44 -3.72 15.65
C PRO A 316 30.37 -4.17 14.66
N ARG A 317 29.52 -3.26 14.17
CA ARG A 317 28.57 -3.61 13.12
C ARG A 317 29.28 -3.84 11.78
N ILE A 318 30.26 -3.00 11.46
CA ILE A 318 31.02 -3.19 10.24
C ILE A 318 31.90 -4.44 10.36
N ALA A 319 32.48 -4.67 11.54
CA ALA A 319 33.21 -5.89 11.79
C ALA A 319 32.32 -7.12 11.56
N ALA A 320 31.07 -7.04 11.98
CA ALA A 320 30.15 -8.17 11.80
C ALA A 320 29.80 -8.36 10.31
N THR A 321 29.57 -7.28 9.58
CA THR A 321 29.34 -7.38 8.14
C THR A 321 30.50 -8.09 7.45
N MET A 322 31.74 -7.65 7.72
CA MET A 322 32.89 -8.29 7.09
C MET A 322 33.04 -9.74 7.51
N GLU A 323 32.80 -10.02 8.80
CA GLU A 323 32.92 -11.41 9.27
C GLU A 323 31.91 -12.33 8.59
N ASN A 324 30.64 -11.88 8.47
CA ASN A 324 29.63 -12.68 7.76
C ASN A 324 29.95 -12.80 6.28
N ALA A 325 30.48 -11.74 5.67
CA ALA A 325 30.84 -11.78 4.25
C ALA A 325 31.90 -12.83 3.98
N GLN A 326 32.91 -12.93 4.86
CA GLN A 326 34.02 -13.86 4.63
C GLN A 326 33.62 -15.30 4.86
N LYS A 327 32.61 -15.56 5.67
CA LYS A 327 32.06 -16.90 5.81
C LYS A 327 31.05 -17.22 4.73
N GLY A 328 30.58 -16.21 3.99
CA GLY A 328 29.57 -16.38 2.96
C GLY A 328 30.17 -16.71 1.61
N GLU A 329 29.40 -16.43 0.56
CA GLU A 329 29.86 -16.68 -0.81
C GLU A 329 29.61 -15.45 -1.66
N ILE A 330 30.56 -15.14 -2.52
CA ILE A 330 30.35 -14.09 -3.50
C ILE A 330 29.15 -14.42 -4.37
N MET A 331 28.30 -13.44 -4.56
CA MET A 331 27.18 -13.55 -5.48
C MET A 331 27.70 -13.87 -6.88
N PRO A 332 27.23 -14.95 -7.51
CA PRO A 332 27.70 -15.25 -8.87
C PRO A 332 27.32 -14.13 -9.83
N ASN A 333 28.23 -13.82 -10.75
CA ASN A 333 28.10 -12.66 -11.63
C ASN A 333 27.55 -13.04 -13.02
N ILE A 334 26.75 -14.09 -13.11
CA ILE A 334 26.29 -14.61 -14.40
C ILE A 334 24.80 -14.33 -14.56
N PRO A 335 24.27 -14.26 -15.78
CA PRO A 335 22.84 -13.93 -15.95
C PRO A 335 21.90 -15.05 -15.56
N GLN A 336 22.38 -16.28 -15.41
CA GLN A 336 21.52 -17.35 -14.94
C GLN A 336 21.05 -17.14 -13.50
N MET A 337 21.58 -16.12 -12.80
CA MET A 337 21.14 -15.92 -11.43
C MET A 337 19.65 -15.58 -11.36
N SER A 338 19.10 -14.94 -12.40
CA SER A 338 17.69 -14.55 -12.37
C SER A 338 16.78 -15.77 -12.24
N ALA A 339 17.01 -16.77 -13.06
CA ALA A 339 16.24 -18.01 -12.99
C ALA A 339 16.53 -18.75 -11.69
N PHE A 340 17.77 -18.69 -11.21
CA PHE A 340 18.08 -19.30 -9.92
C PHE A 340 17.18 -18.73 -8.82
N TRP A 341 17.21 -17.39 -8.67
CA TRP A 341 16.50 -16.73 -7.60
C TRP A 341 15.00 -17.02 -7.64
N TYR A 342 14.42 -16.99 -8.84
CA TYR A 342 13.00 -17.30 -8.98
C TYR A 342 12.72 -18.75 -8.57
N ALA A 343 13.61 -19.66 -8.97
CA ALA A 343 13.42 -21.06 -8.66
C ALA A 343 13.44 -21.29 -7.16
N VAL A 344 14.43 -20.70 -6.49
CA VAL A 344 14.55 -20.91 -5.05
C VAL A 344 13.44 -20.18 -4.30
N ARG A 345 13.06 -19.00 -4.77
CA ARG A 345 11.99 -18.26 -4.14
C ARG A 345 10.69 -19.05 -4.18
N THR A 346 10.43 -19.77 -5.28
CA THR A 346 9.23 -20.60 -5.36
C THR A 346 9.32 -21.80 -4.42
N ALA A 347 10.47 -22.45 -4.36
CA ALA A 347 10.62 -23.62 -3.49
C ALA A 347 10.41 -23.24 -2.03
N VAL A 348 11.02 -22.14 -1.58
CA VAL A 348 10.85 -21.79 -0.17
C VAL A 348 9.40 -21.41 0.10
N ILE A 349 8.78 -20.64 -0.79
CA ILE A 349 7.36 -20.29 -0.58
C ILE A 349 6.51 -21.56 -0.58
N ASN A 350 6.73 -22.46 -1.54
CA ASN A 350 5.94 -23.68 -1.62
C ASN A 350 6.18 -24.62 -0.44
N ALA A 351 7.43 -24.73 0.03
CA ALA A 351 7.70 -25.63 1.15
C ALA A 351 7.20 -25.03 2.46
N ALA A 352 7.31 -23.69 2.60
CA ALA A 352 6.86 -23.01 3.82
C ALA A 352 5.34 -23.07 3.97
N SER A 353 4.61 -23.15 2.87
CA SER A 353 3.16 -23.21 2.93
C SER A 353 2.65 -24.65 2.91
N GLY A 354 3.54 -25.63 2.97
CA GLY A 354 3.14 -27.02 2.92
C GLY A 354 2.60 -27.48 1.57
N ARG A 355 2.60 -26.60 0.55
CA ARG A 355 2.10 -27.00 -0.76
C ARG A 355 2.95 -28.11 -1.37
N GLN A 356 4.27 -28.08 -1.13
CA GLN A 356 5.19 -29.13 -1.58
C GLN A 356 6.01 -29.59 -0.38
N THR A 357 6.46 -30.84 -0.41
CA THR A 357 7.48 -31.25 0.52
C THR A 357 8.79 -30.53 0.18
N VAL A 358 9.69 -30.48 1.17
CA VAL A 358 10.99 -29.85 0.98
C VAL A 358 11.74 -30.50 -0.18
N ASP A 359 11.71 -31.84 -0.26
CA ASP A 359 12.43 -32.54 -1.32
C ASP A 359 11.87 -32.20 -2.69
N ALA A 360 10.54 -32.23 -2.83
CA ALA A 360 9.96 -31.92 -4.13
C ALA A 360 10.18 -30.45 -4.48
N ALA A 361 10.07 -29.56 -3.49
CA ALA A 361 10.28 -28.14 -3.78
C ALA A 361 11.67 -27.89 -4.31
N LEU A 362 12.68 -28.49 -3.67
CA LEU A 362 14.05 -28.29 -4.10
C LEU A 362 14.39 -29.05 -5.38
N ALA A 363 13.75 -30.20 -5.61
CA ALA A 363 13.96 -30.90 -6.89
C ALA A 363 13.49 -30.04 -8.06
N ALA A 364 12.33 -29.41 -7.93
CA ALA A 364 11.88 -28.46 -8.95
C ALA A 364 12.84 -27.29 -9.11
N ALA A 365 13.27 -26.69 -8.00
CA ALA A 365 14.18 -25.55 -8.08
C ALA A 365 15.47 -25.92 -8.78
N GLN A 366 15.95 -27.14 -8.56
CA GLN A 366 17.17 -27.60 -9.21
C GLN A 366 17.02 -27.64 -10.73
N THR A 367 15.87 -28.10 -11.22
CA THR A 367 15.59 -28.09 -12.66
C THR A 367 15.53 -26.68 -13.21
N ASN A 368 14.73 -25.83 -12.57
CA ASN A 368 14.51 -24.50 -13.12
C ASN A 368 15.77 -23.63 -13.06
N ALA A 369 16.58 -23.80 -12.02
CA ALA A 369 17.80 -23.00 -11.91
C ALA A 369 18.72 -23.22 -13.10
N ALA A 370 18.72 -24.44 -13.67
CA ALA A 370 19.57 -24.82 -14.80
C ALA A 370 18.88 -24.69 -16.15
N ALA A 371 17.56 -24.47 -16.19
CA ALA A 371 16.81 -24.49 -17.44
C ALA A 371 17.22 -23.36 -18.37
N GLY A 372 17.12 -23.62 -19.68
CA GLY A 372 17.25 -22.56 -20.67
C GLY A 372 15.94 -21.80 -20.78
N GLY A 373 15.74 -21.14 -21.93
CA GLY A 373 14.48 -20.51 -22.23
C GLY A 373 13.44 -21.50 -22.68
N PRO A 374 12.27 -20.99 -23.05
CA PRO A 374 11.23 -21.87 -23.60
C PRO A 374 11.72 -22.59 -24.85
N VAL A 375 11.24 -23.82 -25.01
CA VAL A 375 11.62 -24.72 -26.08
C VAL A 375 10.53 -24.73 -27.16
N GLU A 376 10.93 -24.58 -28.42
CA GLU A 376 10.00 -24.69 -29.53
C GLU A 376 9.70 -26.15 -29.82
N ILE A 377 8.40 -26.52 -29.75
CA ILE A 377 7.96 -27.85 -30.13
C ILE A 377 7.53 -27.79 -31.60
N LEU A 378 6.62 -26.89 -31.91
CA LEU A 378 6.21 -26.52 -33.26
C LEU A 378 6.32 -25.01 -33.35
N PRO A 379 6.32 -24.42 -34.55
CA PRO A 379 6.50 -22.96 -34.62
C PRO A 379 5.47 -22.19 -33.82
N PHE A 380 4.26 -22.73 -33.62
CA PHE A 380 3.22 -22.06 -32.85
C PHE A 380 3.03 -22.64 -31.44
N LEU A 381 3.97 -23.47 -30.98
CA LEU A 381 3.76 -24.20 -29.72
C LEU A 381 5.08 -24.34 -28.98
N TYR A 382 5.17 -23.73 -27.81
CA TYR A 382 6.40 -23.66 -27.03
C TYR A 382 6.14 -24.26 -25.66
N LEU A 383 7.20 -24.80 -25.06
CA LEU A 383 7.13 -25.51 -23.79
C LEU A 383 8.10 -24.90 -22.80
N GLY A 384 7.65 -24.68 -21.58
CA GLY A 384 8.54 -24.16 -20.56
C GLY A 384 7.93 -24.12 -19.17
N SER A 385 8.41 -23.20 -18.34
CA SER A 385 8.13 -23.19 -16.91
C SER A 385 7.40 -21.93 -16.50
N ALA A 386 6.88 -21.96 -15.27
CA ALA A 386 6.21 -20.80 -14.70
C ALA A 386 7.13 -19.59 -14.64
N TYR A 387 8.44 -19.79 -14.49
CA TYR A 387 9.36 -18.66 -14.55
C TYR A 387 9.26 -17.93 -15.88
N HIS A 388 9.29 -18.67 -16.98
CA HIS A 388 9.17 -18.04 -18.29
C HIS A 388 7.89 -17.23 -18.40
N ALA A 389 6.79 -17.77 -17.86
CA ALA A 389 5.49 -17.12 -17.92
C ALA A 389 5.44 -15.82 -17.15
N SER A 390 6.46 -15.52 -16.35
CA SER A 390 6.49 -14.26 -15.61
C SER A 390 7.37 -13.21 -16.27
N ARG A 391 7.99 -13.53 -17.40
CA ARG A 391 8.89 -12.63 -18.11
C ARG A 391 8.23 -12.16 -19.41
N LYS A 392 7.53 -11.01 -19.33
CA LYS A 392 6.76 -10.52 -20.49
C LYS A 392 7.64 -10.26 -21.70
N ASP A 393 8.80 -9.64 -21.49
CA ASP A 393 9.65 -9.34 -22.64
C ASP A 393 10.26 -10.60 -23.25
N MET A 394 10.56 -11.60 -22.43
CA MET A 394 11.07 -12.85 -22.99
C MET A 394 10.00 -13.54 -23.84
N LEU A 395 8.76 -13.59 -23.35
CA LEU A 395 7.68 -14.14 -24.17
C LEU A 395 7.44 -13.30 -25.43
N ASP A 396 7.48 -11.98 -25.31
CA ASP A 396 7.19 -11.14 -26.49
C ASP A 396 8.25 -11.33 -27.55
N ALA A 397 9.50 -11.49 -27.12
CA ALA A 397 10.60 -11.74 -28.03
C ALA A 397 10.39 -13.02 -28.84
N LEU A 398 9.69 -14.00 -28.27
CA LEU A 398 9.36 -15.21 -29.02
C LEU A 398 8.11 -15.05 -29.87
N GLY A 399 7.37 -13.96 -29.72
CA GLY A 399 6.11 -13.83 -30.42
C GLY A 399 5.00 -14.63 -29.79
N ILE A 400 5.07 -14.88 -28.49
CA ILE A 400 4.02 -15.62 -27.81
C ILE A 400 2.78 -14.72 -27.70
N THR A 401 1.63 -15.27 -28.07
CA THR A 401 0.38 -14.53 -27.88
C THR A 401 -0.56 -15.18 -26.88
N ALA A 402 -0.26 -16.38 -26.40
CA ALA A 402 -1.20 -17.14 -25.59
C ALA A 402 -0.44 -18.12 -24.73
N LEU A 403 -0.99 -18.40 -23.54
CA LEU A 403 -0.37 -19.25 -22.56
C LEU A 403 -1.39 -20.25 -22.04
N ILE A 404 -0.97 -21.50 -21.93
CA ILE A 404 -1.69 -22.51 -21.20
C ILE A 404 -0.98 -22.73 -19.87
N ASN A 405 -1.68 -22.42 -18.79
CA ASN A 405 -1.14 -22.50 -17.44
C ASN A 405 -1.62 -23.82 -16.85
N VAL A 406 -0.75 -24.84 -16.88
CA VAL A 406 -1.12 -26.19 -16.39
C VAL A 406 -0.67 -26.27 -14.94
N SER A 407 -1.51 -25.75 -14.04
CA SER A 407 -1.20 -25.74 -12.62
C SER A 407 -2.46 -25.38 -11.85
N ALA A 408 -2.45 -25.70 -10.57
CA ALA A 408 -3.58 -25.36 -9.70
C ALA A 408 -3.49 -23.95 -9.16
N ASN A 409 -2.28 -23.44 -8.89
CA ASN A 409 -2.09 -22.21 -8.12
C ASN A 409 -1.37 -21.09 -8.85
N CYS A 410 -0.64 -21.37 -9.91
CA CYS A 410 0.11 -20.31 -10.57
C CYS A 410 -0.85 -19.28 -11.18
N PRO A 411 -0.64 -17.99 -10.98
CA PRO A 411 -1.53 -17.00 -11.57
C PRO A 411 -1.16 -16.62 -13.01
N ASN A 412 -2.15 -16.06 -13.70
CA ASN A 412 -1.97 -15.47 -15.02
C ASN A 412 -1.58 -14.02 -14.83
N HIS A 413 -0.34 -13.68 -15.19
CA HIS A 413 0.27 -12.40 -14.83
C HIS A 413 -0.17 -11.24 -15.73
N PHE A 414 -0.51 -11.50 -17.00
CA PHE A 414 -0.66 -10.41 -17.98
C PHE A 414 -1.93 -10.60 -18.79
N GLU A 415 -3.08 -10.43 -18.12
CA GLU A 415 -4.35 -10.75 -18.79
C GLU A 415 -4.75 -9.72 -19.83
N GLY A 416 -4.10 -8.56 -19.88
CA GLY A 416 -4.31 -7.68 -21.00
C GLY A 416 -3.37 -7.89 -22.17
N HIS A 417 -2.38 -8.78 -22.05
CA HIS A 417 -1.31 -8.96 -23.03
CA HIS A 417 -1.44 -8.92 -23.13
C HIS A 417 -1.32 -10.33 -23.72
N TYR A 418 -1.81 -11.37 -23.06
CA TYR A 418 -1.93 -12.71 -23.65
C TYR A 418 -3.31 -13.29 -23.36
N GLN A 419 -3.79 -14.14 -24.26
CA GLN A 419 -4.93 -15.00 -23.99
C GLN A 419 -4.47 -16.17 -23.12
N TYR A 420 -5.22 -16.45 -22.06
CA TYR A 420 -4.85 -17.50 -21.12
C TYR A 420 -5.86 -18.64 -21.17
N LYS A 421 -5.36 -19.85 -20.98
CA LYS A 421 -6.20 -21.00 -20.71
C LYS A 421 -5.61 -21.68 -19.50
N SER A 422 -6.47 -22.00 -18.53
CA SER A 422 -6.02 -22.61 -17.29
C SER A 422 -6.40 -24.09 -17.27
N ILE A 423 -5.43 -24.93 -16.96
CA ILE A 423 -5.69 -26.34 -16.74
C ILE A 423 -5.28 -26.66 -15.32
N PRO A 424 -6.21 -26.64 -14.39
CA PRO A 424 -5.85 -26.67 -12.95
C PRO A 424 -5.74 -28.10 -12.44
N VAL A 425 -4.62 -28.73 -12.73
CA VAL A 425 -4.37 -30.09 -12.27
C VAL A 425 -3.06 -30.10 -11.49
N GLU A 426 -2.96 -31.03 -10.55
CA GLU A 426 -1.73 -31.27 -9.82
C GLU A 426 -0.92 -32.36 -10.52
N ASP A 427 0.35 -32.42 -10.19
CA ASP A 427 1.25 -33.41 -10.77
C ASP A 427 1.33 -34.61 -9.82
N ASN A 428 0.26 -35.41 -9.81
CA ASN A 428 0.24 -36.60 -8.99
C ASN A 428 -0.50 -37.70 -9.73
N HIS A 429 -0.49 -38.89 -9.14
CA HIS A 429 -1.11 -40.07 -9.71
C HIS A 429 -2.62 -40.10 -9.56
N LYS A 430 -3.19 -39.07 -8.92
CA LYS A 430 -4.64 -38.94 -8.80
C LYS A 430 -5.27 -38.05 -9.87
N ALA A 431 -4.49 -37.11 -10.43
CA ALA A 431 -5.03 -36.09 -11.32
C ALA A 431 -5.48 -36.66 -12.65
N ASP A 432 -6.69 -36.29 -13.06
CA ASP A 432 -7.29 -36.67 -14.35
C ASP A 432 -7.00 -35.55 -15.38
N ILE A 433 -5.78 -35.54 -15.91
CA ILE A 433 -5.41 -34.51 -16.89
C ILE A 433 -6.08 -34.76 -18.24
N SER A 434 -6.33 -36.02 -18.60
CA SER A 434 -6.88 -36.31 -19.92
C SER A 434 -8.29 -35.76 -20.09
N SER A 435 -8.99 -35.48 -19.01
CA SER A 435 -10.27 -34.82 -19.21
C SER A 435 -10.13 -33.38 -19.67
N TRP A 436 -8.91 -32.85 -19.74
CA TRP A 436 -8.68 -31.52 -20.27
C TRP A 436 -8.07 -31.52 -21.66
N PHE A 437 -7.75 -32.70 -22.21
CA PHE A 437 -7.02 -32.75 -23.48
C PHE A 437 -7.77 -31.99 -24.57
N ASN A 438 -9.06 -32.28 -24.75
CA ASN A 438 -9.79 -31.69 -25.87
C ASN A 438 -9.87 -30.19 -25.75
N GLU A 439 -10.14 -29.69 -24.54
CA GLU A 439 -10.20 -28.24 -24.31
C GLU A 439 -8.85 -27.58 -24.57
N ALA A 440 -7.76 -28.22 -24.14
CA ALA A 440 -6.42 -27.71 -24.40
C ALA A 440 -6.13 -27.73 -25.89
N ILE A 441 -6.45 -28.84 -26.55
CA ILE A 441 -6.19 -28.94 -27.98
C ILE A 441 -7.02 -27.93 -28.75
N ASP A 442 -8.30 -27.78 -28.39
CA ASP A 442 -9.15 -26.78 -29.03
C ASP A 442 -8.58 -25.37 -28.87
N PHE A 443 -8.05 -25.06 -27.68
CA PHE A 443 -7.50 -23.73 -27.46
C PHE A 443 -6.27 -23.48 -28.33
N ILE A 444 -5.36 -24.47 -28.42
CA ILE A 444 -4.17 -24.31 -29.25
C ILE A 444 -4.55 -24.10 -30.70
N ASP A 445 -5.51 -24.87 -31.20
CA ASP A 445 -5.92 -24.69 -32.58
C ASP A 445 -6.55 -23.34 -32.80
N SER A 446 -7.29 -22.83 -31.81
CA SER A 446 -7.93 -21.53 -32.04
C SER A 446 -6.89 -20.42 -32.05
N ILE A 447 -5.80 -20.56 -31.30
CA ILE A 447 -4.72 -19.59 -31.37
C ILE A 447 -3.98 -19.73 -32.71
N LYS A 448 -3.72 -20.96 -33.13
CA LYS A 448 -3.01 -21.18 -34.38
C LYS A 448 -3.77 -20.62 -35.57
N ASN A 449 -5.09 -20.78 -35.57
CA ASN A 449 -5.91 -20.32 -36.67
C ASN A 449 -5.97 -18.80 -36.75
N ALA A 450 -5.59 -18.10 -35.68
CA ALA A 450 -5.46 -16.66 -35.73
C ALA A 450 -4.02 -16.23 -35.98
N GLY A 451 -3.14 -17.17 -36.34
CA GLY A 451 -1.73 -16.85 -36.48
C GLY A 451 -0.99 -16.55 -35.20
N GLY A 452 -1.53 -16.95 -34.03
CA GLY A 452 -0.83 -16.75 -32.77
C GLY A 452 0.16 -17.89 -32.44
N ARG A 453 0.80 -17.77 -31.26
CA ARG A 453 1.71 -18.76 -30.70
C ARG A 453 1.37 -19.04 -29.22
N VAL A 454 1.37 -20.32 -28.86
CA VAL A 454 1.00 -20.77 -27.52
C VAL A 454 2.25 -21.15 -26.75
N PHE A 455 2.35 -20.70 -25.51
CA PHE A 455 3.37 -21.13 -24.56
C PHE A 455 2.69 -21.98 -23.49
N VAL A 456 3.02 -23.27 -23.44
CA VAL A 456 2.44 -24.18 -22.44
C VAL A 456 3.45 -24.33 -21.30
N HIS A 457 3.01 -24.06 -20.08
CA HIS A 457 3.96 -24.12 -18.98
C HIS A 457 3.34 -24.83 -17.78
N SER A 458 4.23 -25.36 -16.95
CA SER A 458 3.90 -25.82 -15.63
C SER A 458 5.10 -25.48 -14.76
N GLN A 459 5.04 -25.87 -13.50
CA GLN A 459 6.03 -25.45 -12.54
C GLN A 459 7.45 -25.76 -13.00
N ALA A 460 7.68 -26.99 -13.43
CA ALA A 460 9.01 -27.42 -13.85
C ALA A 460 9.13 -27.66 -15.35
N GLY A 461 8.04 -27.55 -16.09
CA GLY A 461 8.09 -27.78 -17.52
C GLY A 461 8.48 -29.20 -17.86
N ILE A 462 8.14 -30.14 -16.99
CA ILE A 462 8.65 -31.51 -17.05
C ILE A 462 7.53 -32.51 -17.26
N SER A 463 6.47 -32.43 -16.45
CA SER A 463 5.41 -33.44 -16.48
C SER A 463 4.09 -32.91 -17.00
N ARG A 464 3.48 -31.92 -16.33
CA ARG A 464 2.12 -31.51 -16.70
C ARG A 464 2.06 -30.85 -18.08
N SER A 465 2.93 -29.86 -18.33
CA SER A 465 2.89 -29.14 -19.61
C SER A 465 3.36 -30.03 -20.75
N ALA A 466 4.37 -30.89 -20.51
CA ALA A 466 4.78 -31.84 -21.55
C ALA A 466 3.64 -32.80 -21.92
N THR A 467 2.81 -33.18 -20.95
CA THR A 467 1.69 -34.07 -21.25
C THR A 467 0.70 -33.39 -22.19
N ILE A 468 0.42 -32.10 -21.95
CA ILE A 468 -0.47 -31.37 -22.85
C ILE A 468 0.13 -31.27 -24.25
N CYS A 469 1.43 -31.01 -24.37
CA CYS A 469 2.01 -30.91 -25.71
C CYS A 469 1.99 -32.26 -26.42
N LEU A 470 2.28 -33.35 -25.69
CA LEU A 470 2.21 -34.68 -26.28
C LEU A 470 0.79 -35.00 -26.78
N ALA A 471 -0.23 -34.69 -25.96
CA ALA A 471 -1.60 -34.92 -26.39
C ALA A 471 -1.92 -34.15 -27.68
N TYR A 472 -1.47 -32.89 -27.77
CA TYR A 472 -1.73 -32.11 -28.96
C TYR A 472 -1.09 -32.74 -30.19
N LEU A 473 0.19 -33.15 -30.08
CA LEU A 473 0.89 -33.74 -31.22
C LEU A 473 0.23 -35.03 -31.70
N MET A 474 -0.13 -35.93 -30.76
CA MET A 474 -0.78 -37.18 -31.14
C MET A 474 -2.08 -36.93 -31.91
N ARG A 475 -2.96 -36.06 -31.39
CA ARG A 475 -4.25 -35.87 -32.04
C ARG A 475 -4.09 -35.13 -33.37
N THR A 476 -3.21 -34.12 -33.43
CA THR A 476 -3.09 -33.27 -34.60
C THR A 476 -2.41 -34.01 -35.75
N ASN A 477 -1.30 -34.71 -35.47
CA ASN A 477 -0.53 -35.43 -36.48
C ASN A 477 -0.91 -36.90 -36.57
N ARG A 478 -1.93 -37.34 -35.85
CA ARG A 478 -2.35 -38.74 -35.80
C ARG A 478 -1.14 -39.68 -35.67
N VAL A 479 -0.32 -39.42 -34.64
CA VAL A 479 0.84 -40.24 -34.35
C VAL A 479 0.68 -40.82 -32.95
N LYS A 480 1.44 -41.88 -32.69
CA LYS A 480 1.38 -42.60 -31.43
C LYS A 480 2.27 -41.92 -30.38
N LEU A 481 2.05 -42.27 -29.12
CA LEU A 481 2.78 -41.62 -28.03
C LEU A 481 4.28 -41.79 -28.18
N ASP A 482 4.74 -42.98 -28.54
CA ASP A 482 6.18 -43.17 -28.63
C ASP A 482 6.79 -42.25 -29.67
N GLU A 483 6.05 -41.94 -30.74
CA GLU A 483 6.60 -41.02 -31.74
C GLU A 483 6.59 -39.58 -31.22
N ALA A 484 5.44 -39.12 -30.70
CA ALA A 484 5.37 -37.78 -30.12
C ALA A 484 6.36 -37.62 -28.99
N PHE A 485 6.47 -38.65 -28.14
CA PHE A 485 7.38 -38.61 -27.00
C PHE A 485 8.83 -38.50 -27.45
N GLU A 486 9.21 -39.27 -28.47
CA GLU A 486 10.57 -39.17 -28.98
C GLU A 486 10.83 -37.78 -29.57
N PHE A 487 9.82 -37.23 -30.27
CA PHE A 487 9.94 -35.89 -30.85
C PHE A 487 10.22 -34.82 -29.79
N VAL A 488 9.48 -34.85 -28.68
CA VAL A 488 9.68 -33.83 -27.65
C VAL A 488 10.97 -34.08 -26.87
N LYS A 489 11.33 -35.34 -26.62
CA LYS A 489 12.57 -35.60 -25.90
C LYS A 489 13.76 -35.12 -26.71
N GLN A 490 13.63 -35.12 -28.03
CA GLN A 490 14.64 -34.54 -28.93
C GLN A 490 14.77 -33.01 -28.79
N ARG A 491 13.75 -32.32 -28.28
CA ARG A 491 13.89 -30.87 -28.09
C ARG A 491 14.14 -30.50 -26.64
N ARG A 492 13.86 -31.41 -25.71
CA ARG A 492 14.04 -31.18 -24.28
CA ARG A 492 14.06 -31.18 -24.29
C ARG A 492 13.99 -32.54 -23.58
N SER A 493 15.16 -33.18 -23.46
CA SER A 493 15.25 -34.56 -22.98
C SER A 493 14.74 -34.77 -21.56
N ILE A 494 14.54 -33.70 -20.79
CA ILE A 494 14.15 -33.84 -19.39
C ILE A 494 12.64 -34.01 -19.21
N ILE A 495 11.85 -33.92 -20.28
CA ILE A 495 10.40 -34.07 -20.11
C ILE A 495 10.09 -35.49 -19.65
N SER A 496 9.09 -35.61 -18.80
CA SER A 496 8.81 -36.89 -18.19
C SER A 496 7.46 -36.78 -17.49
N PRO A 497 6.36 -37.01 -18.20
CA PRO A 497 5.06 -37.12 -17.51
C PRO A 497 5.15 -38.17 -16.42
N ASN A 498 4.49 -37.92 -15.29
CA ASN A 498 4.42 -38.97 -14.28
C ASN A 498 3.72 -40.17 -14.91
N PHE A 499 3.96 -41.36 -14.35
CA PHE A 499 3.61 -42.55 -15.11
C PHE A 499 2.11 -42.71 -15.26
N SER A 500 1.34 -42.17 -14.32
CA SER A 500 -0.11 -42.11 -14.49
C SER A 500 -0.48 -41.21 -15.68
N PHE A 501 0.21 -40.07 -15.86
CA PHE A 501 -0.09 -39.23 -17.03
C PHE A 501 0.27 -39.95 -18.33
N MET A 502 1.43 -40.61 -18.37
CA MET A 502 1.81 -41.44 -19.51
C MET A 502 0.73 -42.50 -19.81
N GLY A 503 0.17 -43.12 -18.77
CA GLY A 503 -0.93 -44.05 -18.99
C GLY A 503 -2.14 -43.39 -19.63
N GLN A 504 -2.51 -42.20 -19.16
CA GLN A 504 -3.61 -41.47 -19.80
C GLN A 504 -3.27 -41.09 -21.24
N LEU A 505 -2.01 -40.75 -21.52
CA LEU A 505 -1.63 -40.50 -22.89
C LEU A 505 -1.83 -41.75 -23.75
N LEU A 506 -1.38 -42.92 -23.27
CA LEU A 506 -1.56 -44.15 -24.04
C LEU A 506 -3.04 -44.48 -24.20
N GLN A 507 -3.84 -44.25 -23.17
CA GLN A 507 -5.27 -44.47 -23.33
C GLN A 507 -5.87 -43.48 -24.33
N PHE A 508 -5.32 -42.25 -24.36
CA PHE A 508 -5.76 -41.25 -25.32
C PHE A 508 -5.46 -41.68 -26.76
N GLU A 509 -4.33 -42.33 -26.99
CA GLU A 509 -3.96 -42.73 -28.35
C GLU A 509 -4.94 -43.76 -28.89
N SER A 510 -5.40 -44.68 -28.03
CA SER A 510 -6.39 -45.67 -28.42
C SER A 510 -7.67 -45.03 -28.93
N GLN A 511 -7.95 -43.79 -28.54
CA GLN A 511 -9.16 -43.07 -28.89
C GLN A 511 -8.97 -42.06 -30.02
N VAL A 512 -7.77 -41.96 -30.58
CA VAL A 512 -7.52 -41.04 -31.69
C VAL A 512 -7.41 -41.82 -33.01
N ASP B 13 -13.08 -8.90 6.06
CA ASP B 13 -13.21 -10.34 6.25
C ASP B 13 -13.22 -10.70 7.75
N LEU B 14 -14.37 -11.19 8.20
CA LEU B 14 -14.49 -11.56 9.60
C LEU B 14 -13.62 -12.77 9.95
N GLY B 15 -13.43 -13.68 8.99
CA GLY B 15 -12.66 -14.89 9.27
C GLY B 15 -11.22 -14.59 9.64
N ARG B 16 -10.57 -13.73 8.86
CA ARG B 16 -9.19 -13.34 9.17
C ARG B 16 -9.12 -12.59 10.50
N LYS B 17 -10.13 -11.76 10.80
CA LYS B 17 -10.14 -11.08 12.08
C LYS B 17 -10.33 -12.07 13.23
N LEU B 18 -11.13 -13.12 13.02
CA LEU B 18 -11.29 -14.14 14.07
C LEU B 18 -9.99 -14.88 14.31
N LEU B 19 -9.26 -15.26 13.26
CA LEU B 19 -7.95 -15.89 13.42
C LEU B 19 -7.02 -15.01 14.26
N GLU B 20 -6.93 -13.70 13.95
CA GLU B 20 -6.01 -12.82 14.66
CA GLU B 20 -6.00 -12.85 14.67
C GLU B 20 -6.46 -12.60 16.11
N ALA B 21 -7.77 -12.50 16.33
CA ALA B 21 -8.24 -12.31 17.71
C ALA B 21 -7.99 -13.55 18.55
N ALA B 22 -8.10 -14.73 17.95
CA ALA B 22 -7.78 -15.95 18.67
C ALA B 22 -6.28 -16.05 18.93
N ARG B 23 -5.46 -15.69 17.94
CA ARG B 23 -4.01 -15.72 18.15
C ARG B 23 -3.61 -14.77 19.26
N ALA B 24 -4.23 -13.57 19.27
CA ALA B 24 -3.87 -12.47 20.15
C ALA B 24 -4.46 -12.56 21.54
N GLY B 25 -5.42 -13.46 21.78
CA GLY B 25 -6.04 -13.55 23.10
C GLY B 25 -7.12 -12.52 23.38
N GLN B 26 -7.77 -11.98 22.36
CA GLN B 26 -8.84 -11.00 22.58
C GLN B 26 -10.16 -11.74 22.75
N ASP B 27 -10.49 -12.09 24.00
CA ASP B 27 -11.69 -12.88 24.29
C ASP B 27 -12.94 -12.20 23.78
N ASP B 28 -13.13 -10.91 24.12
CA ASP B 28 -14.34 -10.20 23.73
C ASP B 28 -14.46 -10.09 22.23
N GLU B 29 -13.35 -9.78 21.55
CA GLU B 29 -13.38 -9.72 20.09
C GLU B 29 -13.82 -11.05 19.48
N VAL B 30 -13.26 -12.16 19.97
CA VAL B 30 -13.64 -13.48 19.45
C VAL B 30 -15.15 -13.66 19.55
N ARG B 31 -15.72 -13.39 20.72
CA ARG B 31 -17.17 -13.54 20.90
C ARG B 31 -17.96 -12.60 20.00
N ILE B 32 -17.54 -11.32 19.93
CA ILE B 32 -18.29 -10.35 19.14
C ILE B 32 -18.14 -10.64 17.64
N LEU B 33 -16.95 -11.05 17.20
CA LEU B 33 -16.78 -11.39 15.79
C LEU B 33 -17.70 -12.55 15.40
N MET B 34 -17.83 -13.55 16.27
CA MET B 34 -18.74 -14.66 15.96
C MET B 34 -20.20 -14.19 15.97
N ALA B 35 -20.58 -13.37 16.97
CA ALA B 35 -21.92 -12.78 16.97
C ALA B 35 -22.19 -11.98 15.70
N ASN B 36 -21.16 -11.42 15.09
CA ASN B 36 -21.33 -10.74 13.80
C ASN B 36 -21.23 -11.71 12.62
N GLY B 37 -21.12 -13.02 12.87
CA GLY B 37 -21.18 -14.01 11.80
C GLY B 37 -19.86 -14.61 11.36
N ALA B 38 -18.74 -14.30 12.01
CA ALA B 38 -17.48 -14.94 11.66
C ALA B 38 -17.61 -16.45 11.80
N ASP B 39 -17.10 -17.18 10.80
CA ASP B 39 -17.16 -18.64 10.77
C ASP B 39 -16.14 -19.21 11.75
N VAL B 40 -16.62 -19.94 12.76
CA VAL B 40 -15.78 -20.50 13.81
C VAL B 40 -14.70 -21.42 13.24
N ASN B 41 -14.92 -22.01 12.07
CA ASN B 41 -13.93 -22.84 11.39
C ASN B 41 -13.28 -22.12 10.21
N ALA B 42 -13.24 -20.78 10.23
CA ALA B 42 -12.44 -20.06 9.25
C ALA B 42 -11.04 -20.64 9.19
N ALA B 43 -10.53 -20.82 7.98
CA ALA B 43 -9.18 -21.32 7.79
C ALA B 43 -8.43 -20.44 6.80
N ASP B 44 -7.15 -20.20 7.07
CA ASP B 44 -6.34 -19.46 6.12
C ASP B 44 -5.87 -20.41 5.02
N ASN B 45 -4.89 -19.98 4.22
CA ASN B 45 -4.49 -20.76 3.06
C ASN B 45 -3.79 -22.06 3.44
N THR B 46 -3.38 -22.21 4.70
CA THR B 46 -2.71 -23.42 5.18
C THR B 46 -3.60 -24.27 6.08
N GLY B 47 -4.90 -24.03 6.09
CA GLY B 47 -5.80 -24.81 6.92
C GLY B 47 -5.75 -24.46 8.39
N THR B 48 -5.13 -23.35 8.76
CA THR B 48 -5.04 -22.95 10.15
C THR B 48 -6.35 -22.31 10.57
N THR B 49 -6.98 -22.86 11.60
CA THR B 49 -8.25 -22.42 12.15
C THR B 49 -8.05 -21.62 13.44
N PRO B 50 -9.06 -20.88 13.88
CA PRO B 50 -8.91 -20.17 15.17
C PRO B 50 -8.56 -21.08 16.32
N LEU B 51 -9.11 -22.31 16.34
CA LEU B 51 -8.79 -23.23 17.41
C LEU B 51 -7.31 -23.60 17.41
N HIS B 52 -6.70 -23.74 16.23
CA HIS B 52 -5.26 -23.93 16.15
C HIS B 52 -4.51 -22.81 16.87
N LEU B 53 -4.85 -21.55 16.57
CA LEU B 53 -4.07 -20.43 17.08
C LEU B 53 -4.30 -20.21 18.57
N ALA B 54 -5.53 -20.39 19.04
CA ALA B 54 -5.77 -20.27 20.47
C ALA B 54 -5.03 -21.36 21.26
N ALA B 55 -4.94 -22.56 20.70
CA ALA B 55 -4.25 -23.65 21.39
C ALA B 55 -2.74 -23.43 21.40
N TYR B 56 -2.18 -22.99 20.28
CA TYR B 56 -0.76 -22.62 20.21
C TYR B 56 -0.44 -21.49 21.19
N SER B 57 -1.26 -20.44 21.21
CA SER B 57 -1.00 -19.27 22.06
CA SER B 57 -1.02 -19.27 22.05
C SER B 57 -1.48 -19.48 23.50
N GLY B 58 -2.12 -20.59 23.82
CA GLY B 58 -2.42 -20.88 25.22
C GLY B 58 -3.58 -20.11 25.81
N HIS B 59 -4.56 -19.72 24.99
CA HIS B 59 -5.70 -18.94 25.45
C HIS B 59 -6.88 -19.88 25.74
N LEU B 60 -6.98 -20.29 27.02
CA LEU B 60 -7.88 -21.35 27.41
C LEU B 60 -9.36 -20.98 27.20
N GLU B 61 -9.76 -19.77 27.60
CA GLU B 61 -11.17 -19.40 27.48
C GLU B 61 -11.60 -19.33 26.03
N ILE B 62 -10.70 -18.85 25.17
CA ILE B 62 -11.05 -18.77 23.75
C ILE B 62 -11.21 -20.18 23.18
N VAL B 63 -10.33 -21.11 23.58
CA VAL B 63 -10.49 -22.51 23.17
C VAL B 63 -11.88 -23.02 23.52
N GLU B 64 -12.28 -22.81 24.79
CA GLU B 64 -13.57 -23.27 25.28
C GLU B 64 -14.72 -22.63 24.51
N VAL B 65 -14.63 -21.32 24.27
CA VAL B 65 -15.68 -20.62 23.55
C VAL B 65 -15.80 -21.10 22.11
N LEU B 66 -14.66 -21.27 21.42
CA LEU B 66 -14.71 -21.77 20.06
C LEU B 66 -15.34 -23.16 20.01
N LEU B 67 -14.89 -24.06 20.90
CA LEU B 67 -15.49 -25.39 20.93
C LEU B 67 -16.99 -25.31 21.19
N LYS B 68 -17.41 -24.49 22.15
CA LYS B 68 -18.84 -24.32 22.43
C LYS B 68 -19.64 -23.91 21.21
N HIS B 69 -19.04 -23.12 20.32
CA HIS B 69 -19.70 -22.68 19.09
C HIS B 69 -19.44 -23.60 17.91
N GLY B 70 -18.96 -24.82 18.14
CA GLY B 70 -18.88 -25.82 17.08
C GLY B 70 -17.59 -25.89 16.28
N ALA B 71 -16.48 -25.35 16.79
CA ALA B 71 -15.20 -25.50 16.11
C ALA B 71 -14.83 -26.98 15.99
N ASP B 72 -14.26 -27.36 14.85
N ASP B 72 -14.20 -27.36 14.88
CA ASP B 72 -13.71 -28.70 14.68
CA ASP B 72 -13.85 -28.77 14.68
C ASP B 72 -12.56 -28.89 15.65
C ASP B 72 -12.57 -29.09 15.48
N VAL B 73 -12.73 -29.82 16.60
CA VAL B 73 -11.65 -30.07 17.54
C VAL B 73 -10.46 -30.76 16.88
N ASP B 74 -10.67 -31.45 15.76
CA ASP B 74 -9.63 -32.22 15.09
C ASP B 74 -9.27 -31.65 13.72
N ALA B 75 -9.51 -30.36 13.50
CA ALA B 75 -9.04 -29.71 12.29
C ALA B 75 -7.53 -29.89 12.15
N SER B 76 -7.09 -30.23 10.94
CA SER B 76 -5.68 -30.44 10.71
C SER B 76 -5.22 -29.51 9.59
N ASP B 77 -4.13 -28.80 9.83
CA ASP B 77 -3.58 -27.84 8.88
C ASP B 77 -2.75 -28.57 7.82
N VAL B 78 -2.08 -27.81 6.96
CA VAL B 78 -1.40 -28.42 5.83
C VAL B 78 -0.25 -29.33 6.26
N PHE B 79 0.28 -29.15 7.45
CA PHE B 79 1.33 -30.04 7.93
C PHE B 79 0.79 -31.19 8.75
N GLY B 80 -0.53 -31.34 8.82
CA GLY B 80 -1.11 -32.43 9.59
C GLY B 80 -1.27 -32.15 11.07
N TYR B 81 -1.01 -30.93 11.52
CA TYR B 81 -1.18 -30.58 12.93
C TYR B 81 -2.66 -30.37 13.25
N THR B 82 -3.12 -30.99 14.32
CA THR B 82 -4.37 -30.64 14.98
C THR B 82 -4.09 -29.66 16.10
N PRO B 83 -5.13 -29.02 16.66
CA PRO B 83 -4.91 -28.22 17.87
C PRO B 83 -4.23 -29.02 18.99
N LEU B 84 -4.54 -30.31 19.14
CA LEU B 84 -3.89 -31.08 20.20
C LEU B 84 -2.38 -31.11 20.01
N HIS B 85 -1.92 -31.29 18.76
CA HIS B 85 -0.48 -31.20 18.47
C HIS B 85 0.12 -29.90 19.02
N LEU B 86 -0.48 -28.76 18.66
CA LEU B 86 0.08 -27.47 19.04
C LEU B 86 0.04 -27.25 20.55
N ALA B 87 -1.02 -27.72 21.21
CA ALA B 87 -1.11 -27.51 22.64
C ALA B 87 -0.07 -28.34 23.37
N ALA B 88 0.21 -29.53 22.87
CA ALA B 88 1.21 -30.39 23.49
C ALA B 88 2.61 -29.86 23.23
N TYR B 89 2.90 -29.47 21.99
CA TYR B 89 4.21 -28.85 21.69
C TYR B 89 4.42 -27.60 22.53
N TRP B 90 3.37 -26.79 22.72
CA TRP B 90 3.58 -25.52 23.41
C TRP B 90 3.32 -25.61 24.91
N GLY B 91 3.04 -26.80 25.44
CA GLY B 91 3.04 -27.01 26.86
C GLY B 91 1.82 -26.52 27.59
N HIS B 92 0.68 -26.38 26.92
CA HIS B 92 -0.52 -25.83 27.57
C HIS B 92 -1.38 -26.99 28.08
N LEU B 93 -1.20 -27.34 29.36
CA LEU B 93 -1.80 -28.55 29.92
C LEU B 93 -3.34 -28.49 29.95
N GLU B 94 -3.90 -27.39 30.44
CA GLU B 94 -5.36 -27.31 30.55
C GLU B 94 -6.03 -27.38 29.16
N ILE B 95 -5.44 -26.73 28.15
CA ILE B 95 -5.99 -26.80 26.80
C ILE B 95 -5.89 -28.22 26.27
N VAL B 96 -4.80 -28.91 26.59
CA VAL B 96 -4.68 -30.31 26.21
C VAL B 96 -5.87 -31.10 26.78
N GLU B 97 -6.19 -30.86 28.06
CA GLU B 97 -7.28 -31.62 28.69
C GLU B 97 -8.63 -31.26 28.09
N VAL B 98 -8.85 -29.98 27.80
CA VAL B 98 -10.11 -29.53 27.22
C VAL B 98 -10.30 -30.10 25.84
N LEU B 99 -9.23 -30.19 25.05
CA LEU B 99 -9.36 -30.74 23.70
C LEU B 99 -9.71 -32.23 23.73
N LEU B 100 -9.08 -33.00 24.62
CA LEU B 100 -9.39 -34.42 24.75
C LEU B 100 -10.84 -34.63 25.18
N LYS B 101 -11.30 -33.84 26.17
CA LYS B 101 -12.68 -33.91 26.63
C LYS B 101 -13.67 -33.65 25.51
N ASN B 102 -13.28 -32.86 24.50
CA ASN B 102 -14.16 -32.55 23.37
C ASN B 102 -13.90 -33.47 22.19
N GLY B 103 -13.28 -34.63 22.41
CA GLY B 103 -13.19 -35.64 21.36
C GLY B 103 -11.93 -35.63 20.51
N ALA B 104 -10.90 -34.89 20.91
CA ALA B 104 -9.68 -34.87 20.13
C ALA B 104 -9.08 -36.26 20.06
N ASP B 105 -8.59 -36.64 18.89
CA ASP B 105 -7.91 -37.90 18.69
C ASP B 105 -6.54 -37.85 19.37
N VAL B 106 -6.38 -38.60 20.47
CA VAL B 106 -5.12 -38.59 21.20
C VAL B 106 -3.97 -39.07 20.33
N ASN B 107 -4.26 -39.77 19.24
CA ASN B 107 -3.18 -40.38 18.45
C ASN B 107 -3.12 -39.80 17.05
N ALA B 108 -3.67 -38.61 16.83
CA ALA B 108 -3.56 -37.95 15.56
C ALA B 108 -2.10 -37.83 15.16
N MET B 109 -1.80 -38.10 13.90
CA MET B 109 -0.43 -38.04 13.41
C MET B 109 -0.34 -36.96 12.36
N ASP B 110 0.70 -36.14 12.44
CA ASP B 110 1.00 -35.16 11.41
C ASP B 110 1.69 -35.85 10.25
N SER B 111 2.12 -35.06 9.26
CA SER B 111 2.75 -35.60 8.07
C SER B 111 4.14 -36.20 8.33
N ASP B 112 4.75 -35.90 9.47
CA ASP B 112 5.95 -36.61 9.86
C ASP B 112 5.62 -37.83 10.71
N GLY B 113 4.35 -38.21 10.78
CA GLY B 113 3.94 -39.35 11.60
C GLY B 113 4.07 -39.12 13.08
N MET B 114 4.20 -37.88 13.52
CA MET B 114 4.32 -37.59 14.93
C MET B 114 2.95 -37.39 15.56
N THR B 115 2.82 -37.86 16.78
CA THR B 115 1.62 -37.71 17.58
C THR B 115 1.84 -36.65 18.64
N PRO B 116 0.79 -36.18 19.29
CA PRO B 116 0.98 -35.28 20.44
C PRO B 116 1.97 -35.83 21.48
N LEU B 117 2.00 -37.15 21.72
CA LEU B 117 2.94 -37.72 22.68
C LEU B 117 4.40 -37.47 22.29
N HIS B 118 4.71 -37.64 20.99
CA HIS B 118 6.05 -37.32 20.49
C HIS B 118 6.44 -35.89 20.81
N LEU B 119 5.51 -34.95 20.62
CA LEU B 119 5.79 -33.53 20.76
C LEU B 119 5.93 -33.13 22.24
N ALA B 120 5.08 -33.68 23.11
CA ALA B 120 5.27 -33.44 24.54
C ALA B 120 6.55 -34.08 25.05
N ALA B 121 6.97 -35.21 24.46
CA ALA B 121 8.23 -35.84 24.83
C ALA B 121 9.43 -34.99 24.45
N LYS B 122 9.36 -34.26 23.34
CA LYS B 122 10.49 -33.41 22.95
C LYS B 122 10.84 -32.41 24.04
N TRP B 123 9.85 -31.80 24.68
CA TRP B 123 10.10 -30.78 25.68
C TRP B 123 10.03 -31.30 27.11
N GLY B 124 9.79 -32.59 27.29
CA GLY B 124 9.71 -33.16 28.63
C GLY B 124 8.55 -32.69 29.48
N TYR B 125 7.38 -32.52 28.88
CA TYR B 125 6.20 -32.12 29.65
C TYR B 125 5.63 -33.38 30.33
N LEU B 126 5.97 -33.57 31.60
CA LEU B 126 5.55 -34.78 32.30
C LEU B 126 4.03 -34.84 32.47
N GLU B 127 3.42 -33.74 32.91
CA GLU B 127 1.97 -33.79 33.16
C GLU B 127 1.17 -33.95 31.87
N ILE B 128 1.56 -33.27 30.79
CA ILE B 128 0.89 -33.48 29.50
C ILE B 128 1.07 -34.92 29.04
N VAL B 129 2.27 -35.49 29.22
CA VAL B 129 2.48 -36.90 28.85
C VAL B 129 1.58 -37.82 29.67
N GLU B 130 1.42 -37.54 30.95
CA GLU B 130 0.56 -38.44 31.75
C GLU B 130 -0.89 -38.34 31.30
N VAL B 131 -1.35 -37.13 30.97
CA VAL B 131 -2.73 -36.97 30.52
C VAL B 131 -2.95 -37.71 29.21
N LEU B 132 -1.99 -37.60 28.29
CA LEU B 132 -2.15 -38.27 27.00
C LEU B 132 -2.16 -39.79 27.18
N LEU B 133 -1.25 -40.33 28.01
CA LEU B 133 -1.22 -41.77 28.25
C LEU B 133 -2.55 -42.26 28.85
N LYS B 134 -3.10 -41.52 29.81
CA LYS B 134 -4.36 -41.90 30.43
C LYS B 134 -5.49 -41.97 29.41
N HIS B 135 -5.40 -41.22 28.31
CA HIS B 135 -6.43 -41.21 27.28
C HIS B 135 -6.08 -42.15 26.15
N GLY B 136 -5.14 -43.06 26.36
CA GLY B 136 -4.85 -44.09 25.39
C GLY B 136 -3.79 -43.73 24.39
N ALA B 137 -2.89 -42.79 24.71
CA ALA B 137 -1.79 -42.47 23.81
C ALA B 137 -0.96 -43.72 23.53
N ASP B 138 -0.58 -43.87 22.27
CA ASP B 138 0.07 -45.08 21.78
C ASP B 138 1.59 -44.94 21.93
N VAL B 139 2.15 -45.55 22.98
CA VAL B 139 3.58 -45.47 23.21
C VAL B 139 4.39 -46.22 22.18
N ASN B 140 3.75 -47.00 21.31
CA ASN B 140 4.44 -47.73 20.27
C ASN B 140 4.52 -46.95 18.96
N ALA B 141 3.79 -45.84 18.85
CA ALA B 141 3.79 -45.06 17.62
C ALA B 141 5.18 -44.56 17.31
N GLN B 142 5.62 -44.79 16.07
CA GLN B 142 6.89 -44.30 15.56
C GLN B 142 6.64 -43.23 14.50
N ASP B 143 7.45 -42.17 14.53
CA ASP B 143 7.35 -41.14 13.50
C ASP B 143 8.11 -41.62 12.27
N LYS B 144 8.33 -40.74 11.29
CA LYS B 144 8.98 -41.17 10.06
C LYS B 144 10.47 -41.44 10.21
N PHE B 145 11.08 -41.06 11.33
CA PHE B 145 12.46 -41.41 11.66
C PHE B 145 12.54 -42.68 12.53
N GLY B 146 11.46 -43.45 12.61
CA GLY B 146 11.46 -44.65 13.43
C GLY B 146 11.51 -44.38 14.91
N LYS B 147 11.17 -43.19 15.36
CA LYS B 147 11.30 -42.81 16.76
C LYS B 147 9.98 -42.97 17.49
N THR B 148 10.04 -43.57 18.67
CA THR B 148 8.90 -43.54 19.58
C THR B 148 9.01 -42.33 20.48
N ALA B 149 7.92 -42.05 21.21
CA ALA B 149 7.98 -41.00 22.21
C ALA B 149 9.13 -41.24 23.17
N PHE B 150 9.34 -42.50 23.58
CA PHE B 150 10.46 -42.84 24.45
C PHE B 150 11.79 -42.46 23.81
N ASP B 151 12.00 -42.86 22.54
CA ASP B 151 13.22 -42.50 21.83
C ASP B 151 13.45 -41.01 21.88
N ILE B 152 12.41 -40.23 21.57
CA ILE B 152 12.53 -38.77 21.53
C ILE B 152 12.88 -38.23 22.90
N SER B 153 12.28 -38.77 23.96
CA SER B 153 12.62 -38.31 25.31
C SER B 153 14.08 -38.62 25.65
N ILE B 154 14.61 -39.73 25.13
CA ILE B 154 16.02 -40.05 25.32
C ILE B 154 16.90 -39.04 24.58
N ASP B 155 16.60 -38.80 23.29
CA ASP B 155 17.45 -37.93 22.48
C ASP B 155 17.37 -36.46 22.89
N ASN B 156 16.49 -36.08 23.82
CA ASN B 156 16.38 -34.70 24.24
C ASN B 156 16.72 -34.54 25.72
N GLY B 157 17.26 -35.58 26.34
CA GLY B 157 17.77 -35.48 27.69
C GLY B 157 16.72 -35.32 28.76
N ASN B 158 15.56 -35.95 28.59
CA ASN B 158 14.48 -35.85 29.56
C ASN B 158 14.43 -37.17 30.33
N GLU B 159 15.39 -37.32 31.26
CA GLU B 159 15.59 -38.60 31.94
C GLU B 159 14.36 -38.99 32.73
N ASP B 160 13.83 -38.08 33.56
CA ASP B 160 12.63 -38.36 34.33
C ASP B 160 11.49 -38.85 33.44
N LEU B 161 11.34 -38.24 32.26
CA LEU B 161 10.29 -38.67 31.33
C LEU B 161 10.61 -40.04 30.75
N ALA B 162 11.87 -40.28 30.38
CA ALA B 162 12.24 -41.57 29.80
C ALA B 162 12.03 -42.73 30.80
N GLU B 163 12.20 -42.44 32.09
CA GLU B 163 11.93 -43.46 33.11
C GLU B 163 10.47 -43.90 33.07
N ILE B 164 9.55 -42.94 32.91
CA ILE B 164 8.13 -43.27 32.86
C ILE B 164 7.78 -44.03 31.58
N LEU B 165 8.36 -43.62 30.45
CA LEU B 165 7.97 -44.20 29.17
C LEU B 165 8.56 -45.59 28.95
N GLN B 166 9.78 -45.86 29.43
CA GLN B 166 10.29 -47.23 29.50
C GLN B 166 9.19 -48.11 30.08
N LYS B 167 8.31 -48.63 29.22
CA LYS B 167 7.07 -49.30 29.65
C LYS B 167 7.18 -50.22 30.86
N ILE C 3 9.79 21.67 35.03
CA ILE C 3 10.28 22.72 34.13
C ILE C 3 11.23 23.63 34.87
N GLU C 4 12.46 23.75 34.38
CA GLU C 4 13.50 24.43 35.13
C GLU C 4 13.39 25.95 34.93
N GLU C 5 13.34 26.68 36.05
CA GLU C 5 13.39 28.13 36.02
C GLU C 5 14.75 28.60 35.51
N GLY C 6 14.75 29.74 34.81
CA GLY C 6 15.98 30.32 34.28
C GLY C 6 16.49 29.74 32.99
N LYS C 7 15.73 28.84 32.35
CA LYS C 7 16.11 28.18 31.11
C LYS C 7 14.87 28.09 30.24
N LEU C 8 15.06 27.90 28.94
CA LEU C 8 13.96 27.75 27.99
C LEU C 8 14.08 26.44 27.21
N VAL C 9 13.03 25.63 27.25
CA VAL C 9 12.91 24.42 26.45
C VAL C 9 11.78 24.63 25.43
N ILE C 10 12.07 24.35 24.16
CA ILE C 10 11.14 24.54 23.05
C ILE C 10 10.94 23.21 22.35
N TRP C 11 9.68 22.87 22.05
CA TRP C 11 9.34 21.75 21.18
C TRP C 11 8.84 22.27 19.84
N ILE C 12 9.43 21.75 18.77
CA ILE C 12 9.01 22.04 17.40
C ILE C 12 9.12 20.75 16.62
N ASN C 13 8.20 20.54 15.68
CA ASN C 13 8.14 19.27 14.97
C ASN C 13 9.38 19.04 14.12
N GLY C 14 9.65 17.77 13.83
CA GLY C 14 10.87 17.38 13.14
C GLY C 14 10.98 17.89 11.72
N ASP C 15 9.86 18.23 11.08
CA ASP C 15 9.88 18.71 9.71
C ASP C 15 10.08 20.23 9.60
N LYS C 16 10.32 20.92 10.71
CA LYS C 16 10.62 22.34 10.68
C LYS C 16 12.13 22.54 10.86
N GLY C 17 12.56 23.78 10.59
CA GLY C 17 13.95 24.14 10.71
C GLY C 17 14.40 24.27 12.14
N TYR C 18 14.44 23.16 12.88
CA TYR C 18 14.76 23.22 14.31
C TYR C 18 16.20 23.63 14.56
N ASN C 19 17.09 23.38 13.60
CA ASN C 19 18.47 23.82 13.76
C ASN C 19 18.59 25.32 13.57
N GLY C 20 17.82 25.88 12.63
CA GLY C 20 17.80 27.33 12.50
C GLY C 20 17.22 28.01 13.73
N LEU C 21 16.14 27.44 14.27
CA LEU C 21 15.57 27.92 15.53
C LEU C 21 16.58 27.80 16.66
N ALA C 22 17.31 26.67 16.73
CA ALA C 22 18.33 26.50 17.76
C ALA C 22 19.38 27.60 17.68
N GLU C 23 19.72 28.05 16.48
CA GLU C 23 20.65 29.18 16.34
C GLU C 23 20.12 30.43 17.02
N VAL C 24 18.82 30.71 16.87
CA VAL C 24 18.20 31.89 17.47
C VAL C 24 18.25 31.78 19.00
N GLY C 25 18.00 30.59 19.52
CA GLY C 25 18.17 30.37 20.95
C GLY C 25 19.59 30.54 21.41
N LYS C 26 20.55 30.20 20.55
CA LYS C 26 21.97 30.37 20.86
C LYS C 26 22.31 31.86 20.99
N LYS C 27 21.77 32.69 20.10
CA LYS C 27 21.97 34.14 20.21
C LYS C 27 21.23 34.70 21.42
N PHE C 28 20.05 34.15 21.74
CA PHE C 28 19.34 34.59 22.93
C PHE C 28 20.21 34.42 24.15
N GLU C 29 20.97 33.33 24.21
CA GLU C 29 21.75 33.03 25.40
C GLU C 29 23.00 33.89 25.47
N LYS C 30 23.61 34.17 24.33
CA LYS C 30 24.74 35.08 24.27
C LYS C 30 24.36 36.47 24.78
N ASP C 31 23.13 36.91 24.53
CA ASP C 31 22.72 38.25 24.93
C ASP C 31 22.17 38.30 26.35
N THR C 32 21.69 37.18 26.89
CA THR C 32 20.98 37.17 28.17
C THR C 32 21.57 36.22 29.19
N GLY C 33 22.39 35.25 28.78
CA GLY C 33 22.84 34.20 29.67
C GLY C 33 21.83 33.09 29.90
N ILE C 34 20.61 33.23 29.39
CA ILE C 34 19.56 32.21 29.52
C ILE C 34 19.70 31.20 28.40
N LYS C 35 19.78 29.92 28.76
CA LYS C 35 20.01 28.87 27.79
C LYS C 35 18.70 28.44 27.16
N VAL C 36 18.74 28.13 25.86
CA VAL C 36 17.57 27.73 25.10
C VAL C 36 17.85 26.36 24.49
N THR C 37 17.02 25.38 24.81
CA THR C 37 17.17 24.02 24.31
C THR C 37 15.99 23.70 23.38
N VAL C 38 16.29 23.46 22.10
CA VAL C 38 15.28 23.11 21.11
C VAL C 38 15.25 21.60 20.94
N GLU C 39 14.07 21.00 21.06
CA GLU C 39 13.86 19.58 20.91
C GLU C 39 12.76 19.34 19.89
N HIS C 40 12.83 18.20 19.19
CA HIS C 40 11.79 17.79 18.24
C HIS C 40 11.38 16.36 18.54
N PRO C 41 10.68 16.13 19.65
CA PRO C 41 10.24 14.76 19.96
C PRO C 41 9.16 14.28 19.02
N ASP C 42 9.07 12.96 18.88
CA ASP C 42 8.03 12.33 18.08
C ASP C 42 6.69 12.44 18.78
N LYS C 43 5.64 12.55 17.97
CA LYS C 43 4.28 12.62 18.48
C LYS C 43 4.08 13.77 19.48
N LEU C 44 4.84 14.86 19.29
CA LEU C 44 4.82 15.94 20.29
C LEU C 44 3.46 16.58 20.40
N GLU C 45 2.64 16.52 19.34
CA GLU C 45 1.29 17.07 19.44
C GLU C 45 0.41 16.21 20.33
N GLU C 46 0.80 14.97 20.57
CA GLU C 46 0.13 14.09 21.52
C GLU C 46 0.84 14.03 22.86
N LYS C 47 2.17 14.18 22.87
CA LYS C 47 2.90 14.26 24.14
C LYS C 47 2.55 15.53 24.91
N PHE C 48 2.54 16.68 24.22
CA PHE C 48 2.41 17.95 24.94
C PHE C 48 1.20 17.98 25.86
N PRO C 49 -0.01 17.66 25.41
CA PRO C 49 -1.16 17.70 26.32
C PRO C 49 -1.06 16.68 27.45
N GLN C 50 -0.22 15.66 27.32
CA GLN C 50 -0.02 14.74 28.44
C GLN C 50 0.85 15.36 29.51
N VAL C 51 2.09 15.72 29.17
CA VAL C 51 3.00 16.27 30.17
C VAL C 51 2.49 17.61 30.71
N ALA C 52 1.78 18.39 29.89
CA ALA C 52 1.38 19.71 30.34
C ALA C 52 0.27 19.63 31.37
N ALA C 53 -0.58 18.60 31.30
CA ALA C 53 -1.64 18.42 32.29
C ALA C 53 -1.07 18.05 33.66
N THR C 54 0.13 17.48 33.68
CA THR C 54 0.92 17.20 34.86
C THR C 54 1.70 18.41 35.36
N GLY C 55 1.68 19.52 34.63
CA GLY C 55 2.51 20.65 35.00
C GLY C 55 3.93 20.57 34.50
N ASP C 56 4.24 19.70 33.54
CA ASP C 56 5.57 19.60 32.94
C ASP C 56 5.51 19.95 31.45
N GLY C 57 6.60 19.65 30.76
CA GLY C 57 6.70 19.85 29.34
C GLY C 57 7.68 20.95 28.97
N PRO C 58 7.60 21.43 27.74
CA PRO C 58 8.47 22.53 27.33
C PRO C 58 7.87 23.86 27.76
N ASP C 59 8.74 24.88 27.74
CA ASP C 59 8.24 26.23 27.95
C ASP C 59 7.38 26.67 26.78
N ILE C 60 7.85 26.40 25.56
CA ILE C 60 7.24 26.87 24.33
C ILE C 60 7.00 25.66 23.42
N ILE C 61 5.87 25.66 22.72
CA ILE C 61 5.56 24.61 21.76
C ILE C 61 5.15 25.25 20.44
N PHE C 62 5.73 24.76 19.35
CA PHE C 62 5.38 25.20 18.00
C PHE C 62 4.49 24.15 17.33
N TRP C 63 3.30 24.56 16.88
CA TRP C 63 2.39 23.67 16.16
C TRP C 63 1.39 24.52 15.39
N ALA C 64 0.70 23.86 14.46
CA ALA C 64 -0.39 24.51 13.74
C ALA C 64 -1.46 24.97 14.72
N HIS C 65 -1.96 26.18 14.49
CA HIS C 65 -2.82 26.87 15.45
C HIS C 65 -4.08 26.10 15.80
N ASP C 66 -4.59 25.25 14.89
CA ASP C 66 -5.91 24.68 15.10
C ASP C 66 -5.88 23.61 16.19
N ARG C 67 -4.73 23.02 16.43
CA ARG C 67 -4.52 22.13 17.55
C ARG C 67 -4.47 22.87 18.89
N PHE C 68 -4.27 24.20 18.87
CA PHE C 68 -4.10 24.94 20.12
C PHE C 68 -5.42 25.25 20.81
N GLY C 69 -6.54 25.22 20.09
CA GLY C 69 -7.82 25.40 20.75
C GLY C 69 -8.13 24.32 21.78
N GLY C 70 -7.78 23.08 21.49
CA GLY C 70 -7.98 22.01 22.46
C GLY C 70 -7.07 22.16 23.66
N TYR C 71 -5.78 22.42 23.40
CA TYR C 71 -4.84 22.77 24.46
C TYR C 71 -5.38 23.86 25.39
N ALA C 72 -5.93 24.92 24.80
CA ALA C 72 -6.40 26.04 25.61
C ALA C 72 -7.69 25.70 26.34
N GLN C 73 -8.49 24.79 25.78
CA GLN C 73 -9.67 24.29 26.49
C GLN C 73 -9.27 23.61 27.79
N SER C 74 -8.19 22.82 27.75
CA SER C 74 -7.60 22.11 28.88
C SER C 74 -6.75 23.01 29.78
N GLY C 75 -6.73 24.32 29.53
CA GLY C 75 -5.96 25.22 30.37
C GLY C 75 -4.46 25.00 30.31
N LEU C 76 -3.94 24.56 29.16
CA LEU C 76 -2.51 24.24 29.09
C LEU C 76 -1.65 25.36 28.52
N LEU C 77 -2.23 26.45 28.01
CA LEU C 77 -1.50 27.52 27.34
C LEU C 77 -1.67 28.86 28.06
N ALA C 78 -0.54 29.52 28.29
CA ALA C 78 -0.57 30.84 28.90
C ALA C 78 -1.23 31.85 27.97
N GLU C 79 -1.97 32.79 28.55
CA GLU C 79 -2.47 33.91 27.78
C GLU C 79 -1.30 34.86 27.53
N ILE C 80 -1.09 35.24 26.29
CA ILE C 80 0.05 36.06 25.93
C ILE C 80 -0.38 37.52 25.91
N THR C 81 0.58 38.43 26.11
CA THR C 81 0.27 39.86 26.20
C THR C 81 1.15 40.68 25.27
N PRO C 82 1.06 40.46 23.95
CA PRO C 82 1.81 41.34 23.03
C PRO C 82 1.18 42.72 23.06
N ALA C 83 2.03 43.76 23.10
CA ALA C 83 1.51 45.11 23.04
C ALA C 83 0.96 45.40 21.65
N ALA C 84 0.07 46.39 21.58
CA ALA C 84 -0.53 46.76 20.31
C ALA C 84 0.52 47.05 19.24
N ALA C 85 1.60 47.77 19.61
CA ALA C 85 2.66 48.04 18.64
C ALA C 85 3.29 46.75 18.11
N PHE C 86 3.43 45.72 18.97
CA PHE C 86 3.94 44.45 18.45
C PHE C 86 2.92 43.77 17.56
N GLN C 87 1.66 43.75 17.96
CA GLN C 87 0.67 43.08 17.13
C GLN C 87 0.63 43.68 15.72
N ASP C 88 0.86 44.98 15.61
CA ASP C 88 0.81 45.63 14.32
C ASP C 88 1.95 45.24 13.39
N LYS C 89 2.99 44.53 13.86
CA LYS C 89 4.05 44.03 12.98
C LYS C 89 3.65 42.77 12.20
N LEU C 90 2.53 42.15 12.55
CA LEU C 90 2.09 40.92 11.92
C LEU C 90 0.77 41.21 11.22
N TYR C 91 0.50 40.48 10.14
CA TYR C 91 -0.73 40.69 9.39
C TYR C 91 -1.93 40.50 10.32
N PRO C 92 -2.91 41.39 10.28
CA PRO C 92 -4.03 41.30 11.23
C PRO C 92 -4.71 39.95 11.24
N PHE C 93 -4.87 39.32 10.07
CA PHE C 93 -5.66 38.10 10.06
C PHE C 93 -4.96 36.96 10.79
N THR C 94 -3.64 37.01 10.96
CA THR C 94 -2.98 35.92 11.68
C THR C 94 -3.29 35.94 13.17
N TRP C 95 -3.69 37.10 13.72
CA TRP C 95 -4.08 37.15 15.13
C TRP C 95 -5.41 36.45 15.39
N ASP C 96 -6.28 36.36 14.38
CA ASP C 96 -7.53 35.61 14.53
C ASP C 96 -7.31 34.11 14.68
N ALA C 97 -6.17 33.59 14.26
CA ALA C 97 -5.88 32.16 14.39
C ALA C 97 -5.44 31.75 15.80
N VAL C 98 -5.12 32.68 16.68
CA VAL C 98 -4.56 32.32 17.97
C VAL C 98 -5.43 32.85 19.11
N ARG C 99 -6.72 33.00 18.85
CA ARG C 99 -7.69 33.38 19.86
C ARG C 99 -8.51 32.17 20.29
N TYR C 100 -8.64 31.96 21.60
CA TYR C 100 -9.55 30.95 22.13
C TYR C 100 -10.28 31.56 23.32
N ASN C 101 -11.61 31.62 23.23
CA ASN C 101 -12.47 32.23 24.25
C ASN C 101 -12.04 33.65 24.60
N GLY C 102 -11.72 34.42 23.57
CA GLY C 102 -11.39 35.82 23.77
C GLY C 102 -10.02 36.10 24.36
N LYS C 103 -9.12 35.12 24.36
CA LYS C 103 -7.76 35.34 24.83
C LYS C 103 -6.78 34.95 23.73
N LEU C 104 -5.72 35.74 23.58
CA LEU C 104 -4.60 35.33 22.76
C LEU C 104 -3.86 34.20 23.46
N ILE C 105 -3.54 33.14 22.72
CA ILE C 105 -2.93 31.98 23.37
C ILE C 105 -1.71 31.47 22.61
N ALA C 106 -1.23 32.25 21.63
CA ALA C 106 -0.01 31.89 20.91
C ALA C 106 0.41 33.04 19.97
N TYR C 107 1.67 32.99 19.55
CA TYR C 107 2.22 33.92 18.56
C TYR C 107 2.19 33.30 17.17
N PRO C 108 1.55 33.92 16.19
CA PRO C 108 1.63 33.41 14.81
C PRO C 108 3.05 33.52 14.25
N ILE C 109 3.47 32.47 13.56
CA ILE C 109 4.80 32.38 12.93
C ILE C 109 4.69 32.35 11.40
N ALA C 110 4.03 31.31 10.84
CA ALA C 110 3.96 31.10 9.41
C ALA C 110 2.53 30.86 8.98
N VAL C 111 2.32 30.91 7.67
CA VAL C 111 1.01 30.95 7.05
C VAL C 111 1.07 30.09 5.80
N GLU C 112 0.15 29.15 5.68
CA GLU C 112 0.14 28.29 4.51
C GLU C 112 -1.29 28.00 4.10
N ALA C 113 -1.49 27.91 2.80
CA ALA C 113 -2.78 27.67 2.20
C ALA C 113 -2.56 27.00 0.84
N LEU C 114 -3.62 26.43 0.29
CA LEU C 114 -3.54 25.89 -1.06
C LEU C 114 -3.33 27.02 -2.07
N SER C 115 -2.67 26.70 -3.18
CA SER C 115 -2.61 27.58 -4.34
C SER C 115 -2.89 26.79 -5.62
N LEU C 116 -3.05 27.49 -6.74
CA LEU C 116 -3.14 26.85 -8.04
C LEU C 116 -1.73 26.67 -8.60
N ILE C 117 -1.37 25.43 -8.93
CA ILE C 117 -0.07 25.09 -9.49
C ILE C 117 -0.29 24.67 -10.92
N TYR C 118 0.50 25.22 -11.84
CA TYR C 118 0.25 24.96 -13.25
C TYR C 118 1.55 24.74 -13.99
N ASN C 119 1.44 24.06 -15.13
CA ASN C 119 2.57 23.69 -15.97
C ASN C 119 2.77 24.78 -17.02
N LYS C 120 3.85 25.53 -16.89
CA LYS C 120 4.08 26.66 -17.78
C LYS C 120 4.28 26.24 -19.24
N ASP C 121 4.71 25.01 -19.49
CA ASP C 121 4.85 24.55 -20.87
C ASP C 121 3.50 24.20 -21.49
N LEU C 122 2.61 23.52 -20.74
CA LEU C 122 1.30 23.20 -21.31
C LEU C 122 0.34 24.36 -21.27
N LEU C 123 0.52 25.27 -20.32
CA LEU C 123 -0.50 26.25 -20.00
C LEU C 123 0.15 27.52 -19.52
N PRO C 124 0.74 28.29 -20.44
CA PRO C 124 1.38 29.56 -20.02
C PRO C 124 0.43 30.54 -19.34
N ASN C 125 -0.87 30.47 -19.61
CA ASN C 125 -1.85 31.42 -19.08
C ASN C 125 -2.95 30.67 -18.35
N PRO C 126 -2.76 30.37 -17.05
CA PRO C 126 -3.76 29.56 -16.35
C PRO C 126 -5.10 30.31 -16.24
N PRO C 127 -6.20 29.58 -16.18
CA PRO C 127 -7.49 30.26 -16.16
C PRO C 127 -7.65 31.05 -14.86
N LYS C 128 -8.32 32.20 -14.97
CA LYS C 128 -8.68 32.99 -13.81
C LYS C 128 -10.00 32.56 -13.18
N THR C 129 -10.83 31.84 -13.91
CA THR C 129 -12.10 31.38 -13.37
C THR C 129 -12.24 29.87 -13.48
N TRP C 130 -12.99 29.30 -12.53
CA TRP C 130 -13.36 27.90 -12.60
C TRP C 130 -14.18 27.61 -13.86
N GLU C 131 -15.03 28.57 -14.26
CA GLU C 131 -15.93 28.37 -15.39
C GLU C 131 -15.20 28.07 -16.68
N GLU C 132 -13.92 28.44 -16.77
CA GLU C 132 -13.08 28.21 -17.93
C GLU C 132 -12.53 26.79 -18.01
N ILE C 133 -12.64 26.00 -16.96
CA ILE C 133 -11.96 24.72 -16.91
C ILE C 133 -12.55 23.76 -17.94
N PRO C 134 -13.89 23.65 -18.08
CA PRO C 134 -14.42 22.69 -19.08
C PRO C 134 -13.90 22.87 -20.52
N ALA C 135 -14.00 24.08 -21.08
CA ALA C 135 -13.52 24.28 -22.45
C ALA C 135 -12.02 24.07 -22.55
N LEU C 136 -11.28 24.49 -21.52
CA LEU C 136 -9.85 24.23 -21.46
C LEU C 136 -9.54 22.73 -21.41
N ASP C 137 -10.31 21.96 -20.63
CA ASP C 137 -10.06 20.51 -20.57
C ASP C 137 -10.30 19.86 -21.93
N LYS C 138 -11.40 20.24 -22.60
CA LYS C 138 -11.74 19.64 -23.89
C LYS C 138 -10.63 19.86 -24.91
N GLU C 139 -10.06 21.06 -24.94
CA GLU C 139 -9.01 21.35 -25.92
C GLU C 139 -7.71 20.63 -25.55
N LEU C 140 -7.43 20.45 -24.26
CA LEU C 140 -6.26 19.67 -23.84
C LEU C 140 -6.45 18.16 -23.98
N LYS C 141 -7.68 17.65 -23.82
CA LYS C 141 -7.90 16.22 -24.00
C LYS C 141 -7.57 15.80 -25.43
N ALA C 142 -7.92 16.66 -26.40
CA ALA C 142 -7.60 16.44 -27.81
C ALA C 142 -6.11 16.30 -28.07
N LYS C 143 -5.27 16.83 -27.19
CA LYS C 143 -3.81 16.71 -27.29
C LYS C 143 -3.24 15.68 -26.35
N GLY C 144 -4.07 14.81 -25.79
CA GLY C 144 -3.61 13.77 -24.89
C GLY C 144 -3.36 14.18 -23.45
N LYS C 145 -3.70 15.42 -23.05
CA LYS C 145 -3.54 15.92 -21.69
C LYS C 145 -4.90 16.19 -21.03
N SER C 146 -4.87 16.53 -19.75
CA SER C 146 -6.06 16.98 -19.04
C SER C 146 -5.77 18.35 -18.44
N ALA C 147 -6.85 19.10 -18.15
CA ALA C 147 -6.69 20.46 -17.63
C ALA C 147 -6.24 20.45 -16.17
N LEU C 148 -6.92 19.68 -15.31
CA LEU C 148 -6.79 19.87 -13.88
C LEU C 148 -6.97 18.55 -13.15
N MET C 149 -6.00 18.19 -12.28
CA MET C 149 -6.19 17.05 -11.38
C MET C 149 -5.77 17.41 -9.97
N PHE C 150 -6.65 17.16 -9.00
CA PHE C 150 -6.30 17.36 -7.60
C PHE C 150 -7.09 16.38 -6.75
N ASN C 151 -6.68 16.26 -5.48
CA ASN C 151 -7.25 15.30 -4.55
C ASN C 151 -8.73 15.57 -4.29
N LEU C 152 -9.63 14.74 -4.83
CA LEU C 152 -11.05 14.94 -4.57
C LEU C 152 -11.54 14.21 -3.31
N GLN C 153 -10.70 13.40 -2.67
CA GLN C 153 -11.13 12.61 -1.52
C GLN C 153 -11.24 13.44 -0.24
N GLU C 154 -10.39 14.41 -0.07
CA GLU C 154 -10.34 15.16 1.18
C GLU C 154 -11.02 16.51 1.00
N PRO C 155 -11.98 16.84 1.84
CA PRO C 155 -12.70 18.12 1.68
C PRO C 155 -11.83 19.35 1.87
N TYR C 156 -10.68 19.22 2.54
CA TYR C 156 -9.73 20.32 2.61
C TYR C 156 -9.41 20.84 1.23
N PHE C 157 -9.34 19.95 0.22
CA PHE C 157 -8.97 20.32 -1.13
C PHE C 157 -10.12 20.84 -1.98
N THR C 158 -11.36 20.43 -1.69
CA THR C 158 -12.50 20.85 -2.49
C THR C 158 -13.28 21.98 -1.85
N TRP C 159 -13.16 22.15 -0.53
CA TRP C 159 -13.77 23.29 0.15
C TRP C 159 -13.48 24.66 -0.47
N PRO C 160 -12.28 24.97 -0.97
CA PRO C 160 -12.07 26.34 -1.49
C PRO C 160 -13.08 26.72 -2.57
N LEU C 161 -13.51 25.76 -3.38
CA LEU C 161 -14.53 26.00 -4.39
C LEU C 161 -15.92 26.05 -3.77
N ILE C 162 -16.24 25.12 -2.86
CA ILE C 162 -17.56 25.09 -2.25
C ILE C 162 -17.83 26.37 -1.46
N ALA C 163 -16.81 26.93 -0.84
CA ALA C 163 -16.93 28.13 -0.02
C ALA C 163 -16.95 29.42 -0.84
N ALA C 164 -16.58 29.36 -2.13
CA ALA C 164 -16.28 30.60 -2.87
C ALA C 164 -17.49 31.52 -2.93
N ASP C 165 -18.66 30.98 -3.24
CA ASP C 165 -19.88 31.74 -3.39
C ASP C 165 -20.67 31.89 -2.08
N GLY C 166 -20.10 31.44 -0.95
CA GLY C 166 -20.77 31.72 0.32
C GLY C 166 -20.76 30.64 1.38
N GLY C 167 -20.15 29.48 1.12
CA GLY C 167 -20.01 28.47 2.15
C GLY C 167 -19.07 28.92 3.26
N TYR C 168 -19.34 28.43 4.47
CA TYR C 168 -18.44 28.59 5.60
C TYR C 168 -18.66 27.45 6.59
N ALA C 169 -17.66 27.22 7.45
CA ALA C 169 -17.75 26.15 8.44
C ALA C 169 -18.66 26.60 9.59
N PHE C 170 -18.11 27.37 10.53
CA PHE C 170 -18.88 28.00 11.61
C PHE C 170 -18.66 29.51 11.54
N LYS C 171 -19.74 30.27 11.62
CA LYS C 171 -19.64 31.72 11.49
C LYS C 171 -18.72 32.31 12.55
N TYR C 172 -17.81 33.18 12.13
CA TYR C 172 -16.83 33.81 13.01
C TYR C 172 -17.15 35.29 13.11
N ALA C 173 -17.38 35.77 14.33
CA ALA C 173 -17.72 37.17 14.55
C ALA C 173 -17.25 37.58 15.94
N ALA C 174 -16.44 38.64 16.00
CA ALA C 174 -15.90 39.14 17.26
C ALA C 174 -15.10 38.08 18.01
N GLY C 175 -14.18 37.42 17.29
CA GLY C 175 -13.31 36.45 17.92
C GLY C 175 -14.00 35.22 18.48
N LYS C 176 -15.22 34.93 18.02
CA LYS C 176 -15.99 33.81 18.55
C LYS C 176 -16.63 33.00 17.42
N TYR C 177 -16.50 31.68 17.48
CA TYR C 177 -17.22 30.80 16.58
C TYR C 177 -18.57 30.43 17.16
N ASP C 178 -19.59 30.49 16.33
CA ASP C 178 -20.96 30.12 16.67
C ASP C 178 -21.23 28.71 16.16
N ILE C 179 -21.18 27.72 17.05
CA ILE C 179 -21.28 26.32 16.63
C ILE C 179 -22.70 26.00 16.18
N LYS C 180 -23.61 26.95 16.31
CA LYS C 180 -24.98 26.80 15.84
C LYS C 180 -25.21 27.49 14.51
N ASP C 181 -24.18 28.12 13.94
CA ASP C 181 -24.30 28.82 12.67
C ASP C 181 -23.32 28.15 11.69
N VAL C 182 -23.83 27.16 10.95
CA VAL C 182 -23.04 26.40 9.99
C VAL C 182 -23.50 26.81 8.62
N GLY C 183 -22.55 27.07 7.73
CA GLY C 183 -22.85 27.52 6.38
C GLY C 183 -22.51 26.49 5.33
N VAL C 184 -22.86 25.23 5.60
CA VAL C 184 -22.52 24.14 4.70
C VAL C 184 -23.60 23.85 3.66
N ASP C 185 -24.85 24.27 3.89
CA ASP C 185 -25.94 23.98 2.97
C ASP C 185 -26.61 25.26 2.45
N ASN C 186 -25.92 26.39 2.46
CA ASN C 186 -26.50 27.59 1.89
C ASN C 186 -26.35 27.60 0.36
N ALA C 187 -26.80 28.68 -0.25
CA ALA C 187 -26.90 28.71 -1.71
C ALA C 187 -25.54 28.68 -2.37
N GLY C 188 -24.54 29.33 -1.77
CA GLY C 188 -23.21 29.32 -2.34
C GLY C 188 -22.54 27.97 -2.26
N ALA C 189 -22.64 27.30 -1.12
CA ALA C 189 -22.09 25.95 -1.01
C ALA C 189 -22.71 25.01 -2.03
N LYS C 190 -24.04 25.09 -2.21
CA LYS C 190 -24.69 24.24 -3.19
C LYS C 190 -24.19 24.53 -4.61
N ALA C 191 -24.00 25.81 -4.91
CA ALA C 191 -23.54 26.20 -6.24
C ALA C 191 -22.14 25.67 -6.52
N GLY C 192 -21.27 25.70 -5.50
CA GLY C 192 -19.92 25.21 -5.67
C GLY C 192 -19.86 23.70 -5.83
N LEU C 193 -20.56 22.96 -4.95
CA LEU C 193 -20.56 21.51 -5.07
C LEU C 193 -21.20 21.07 -6.40
N THR C 194 -22.27 21.76 -6.81
CA THR C 194 -22.90 21.47 -8.09
C THR C 194 -21.91 21.63 -9.24
N PHE C 195 -21.12 22.70 -9.22
CA PHE C 195 -20.14 22.88 -10.27
C PHE C 195 -19.10 21.76 -10.22
N LEU C 196 -18.65 21.38 -9.03
CA LEU C 196 -17.68 20.30 -8.91
C LEU C 196 -18.27 19.00 -9.45
N VAL C 197 -19.48 18.65 -9.02
CA VAL C 197 -20.10 17.40 -9.47
C VAL C 197 -20.26 17.41 -11.00
N ASP C 198 -20.57 18.57 -11.59
CA ASP C 198 -20.72 18.63 -13.04
C ASP C 198 -19.39 18.36 -13.77
N LEU C 199 -18.28 18.85 -13.25
CA LEU C 199 -16.98 18.48 -13.83
C LEU C 199 -16.80 16.96 -13.82
N ILE C 200 -17.30 16.31 -12.78
CA ILE C 200 -17.16 14.87 -12.67
C ILE C 200 -18.08 14.15 -13.65
N LYS C 201 -19.34 14.57 -13.74
CA LYS C 201 -20.26 13.89 -14.65
C LYS C 201 -19.92 14.14 -16.12
N ASN C 202 -19.32 15.28 -16.46
CA ASN C 202 -18.93 15.50 -17.84
C ASN C 202 -17.56 14.95 -18.15
N LYS C 203 -16.93 14.28 -17.19
CA LYS C 203 -15.64 13.61 -17.33
C LYS C 203 -14.48 14.58 -17.39
N HIS C 204 -14.64 15.81 -16.93
CA HIS C 204 -13.46 16.66 -16.80
C HIS C 204 -12.60 16.23 -15.62
N MET C 205 -13.20 15.62 -14.60
CA MET C 205 -12.44 15.06 -13.50
C MET C 205 -13.02 13.69 -13.15
N ASN C 206 -12.21 12.91 -12.44
CA ASN C 206 -12.55 11.56 -12.00
C ASN C 206 -12.80 11.58 -10.50
N ALA C 207 -13.95 11.05 -10.08
CA ALA C 207 -14.30 11.08 -8.66
C ALA C 207 -13.31 10.29 -7.80
N ASP C 208 -12.52 9.40 -8.41
CA ASP C 208 -11.55 8.59 -7.68
C ASP C 208 -10.20 9.25 -7.49
N THR C 209 -9.93 10.37 -8.16
CA THR C 209 -8.61 11.01 -8.03
C THR C 209 -8.36 11.36 -6.58
N ASP C 210 -7.21 10.90 -6.07
CA ASP C 210 -6.79 11.19 -4.71
C ASP C 210 -5.46 11.91 -4.77
N TYR C 211 -4.83 12.07 -3.61
CA TYR C 211 -3.61 12.87 -3.54
C TYR C 211 -2.53 12.32 -4.46
N SER C 212 -2.25 11.02 -4.38
CA SER C 212 -1.09 10.47 -5.06
C SER C 212 -1.30 10.37 -6.57
N ILE C 213 -2.51 10.09 -7.02
CA ILE C 213 -2.78 10.08 -8.46
C ILE C 213 -2.58 11.47 -9.05
N ALA C 214 -3.09 12.50 -8.36
CA ALA C 214 -3.00 13.85 -8.88
C ALA C 214 -1.54 14.34 -8.86
N GLU C 215 -0.81 13.97 -7.82
CA GLU C 215 0.60 14.34 -7.73
C GLU C 215 1.39 13.71 -8.86
N ALA C 216 1.20 12.41 -9.08
CA ALA C 216 1.92 11.73 -10.14
C ALA C 216 1.53 12.27 -11.50
N ALA C 217 0.24 12.52 -11.72
CA ALA C 217 -0.19 13.05 -13.01
C ALA C 217 0.45 14.39 -13.29
N PHE C 218 0.41 15.32 -12.31
CA PHE C 218 1.01 16.64 -12.53
C PHE C 218 2.53 16.54 -12.66
N ASN C 219 3.19 15.74 -11.81
CA ASN C 219 4.64 15.71 -11.83
C ASN C 219 5.20 14.90 -12.99
N LYS C 220 4.36 14.16 -13.72
CA LYS C 220 4.78 13.49 -14.93
C LYS C 220 4.36 14.26 -16.17
N GLY C 221 3.81 15.47 -16.01
CA GLY C 221 3.43 16.29 -17.14
C GLY C 221 2.15 15.85 -17.83
N GLU C 222 1.28 15.12 -17.14
CA GLU C 222 0.09 14.60 -17.80
C GLU C 222 -1.12 15.51 -17.65
N THR C 223 -1.10 16.45 -16.70
CA THR C 223 -2.20 17.38 -16.52
C THR C 223 -1.64 18.79 -16.40
N ALA C 224 -2.39 19.76 -16.91
CA ALA C 224 -1.89 21.13 -17.00
C ALA C 224 -1.89 21.83 -15.65
N MET C 225 -2.76 21.43 -14.71
CA MET C 225 -2.87 22.10 -13.42
C MET C 225 -3.15 21.12 -12.28
N THR C 226 -2.74 21.52 -11.07
CA THR C 226 -3.12 20.85 -9.84
C THR C 226 -3.33 21.93 -8.77
N ILE C 227 -3.96 21.52 -7.67
CA ILE C 227 -4.20 22.37 -6.49
C ILE C 227 -3.48 21.71 -5.31
N ASN C 228 -2.53 22.43 -4.72
CA ASN C 228 -1.71 21.85 -3.65
C ASN C 228 -1.01 22.95 -2.89
N GLY C 229 -0.32 22.54 -1.82
CA GLY C 229 0.27 23.48 -0.91
C GLY C 229 1.78 23.46 -0.98
N PRO C 230 2.43 24.32 -0.17
CA PRO C 230 3.89 24.44 -0.24
C PRO C 230 4.63 23.16 0.06
N TRP C 231 4.03 22.21 0.78
CA TRP C 231 4.67 20.93 1.04
C TRP C 231 4.89 20.12 -0.23
N ALA C 232 4.19 20.46 -1.31
CA ALA C 232 4.27 19.71 -2.56
C ALA C 232 5.37 20.19 -3.49
N TRP C 233 5.93 21.39 -3.26
CA TRP C 233 6.83 21.99 -4.24
C TRP C 233 8.10 21.17 -4.43
N SER C 234 8.65 20.65 -3.34
CA SER C 234 9.92 19.93 -3.44
C SER C 234 9.86 18.79 -4.44
N ASN C 235 8.78 18.00 -4.41
CA ASN C 235 8.63 16.92 -5.39
C ASN C 235 8.45 17.45 -6.82
N ILE C 236 7.79 18.59 -6.99
CA ILE C 236 7.70 19.16 -8.33
C ILE C 236 9.08 19.64 -8.78
N ASP C 237 9.86 20.22 -7.86
CA ASP C 237 11.22 20.62 -8.18
C ASP C 237 12.02 19.44 -8.72
N THR C 238 11.86 18.26 -8.09
CA THR C 238 12.59 17.07 -8.52
C THR C 238 12.20 16.63 -9.93
N SER C 239 10.91 16.73 -10.26
CA SER C 239 10.46 16.40 -11.61
C SER C 239 11.02 17.40 -12.62
N ALA C 240 10.66 17.21 -13.89
CA ALA C 240 11.08 18.10 -14.95
C ALA C 240 10.01 19.10 -15.36
N VAL C 241 8.98 19.31 -14.54
CA VAL C 241 7.93 20.29 -14.86
C VAL C 241 8.41 21.69 -14.51
N ASN C 242 8.26 22.61 -15.46
CA ASN C 242 8.44 24.04 -15.22
C ASN C 242 7.08 24.56 -14.75
N TYR C 243 6.93 24.74 -13.45
CA TYR C 243 5.65 25.08 -12.86
C TYR C 243 5.62 26.51 -12.34
N GLY C 244 4.42 27.04 -12.24
CA GLY C 244 4.19 28.27 -11.51
C GLY C 244 3.13 28.03 -10.44
N VAL C 245 3.07 28.93 -9.46
CA VAL C 245 2.09 28.88 -8.38
C VAL C 245 1.35 30.21 -8.39
N THR C 246 0.02 30.17 -8.33
CA THR C 246 -0.75 31.40 -8.56
C THR C 246 -2.03 31.41 -7.72
N VAL C 247 -2.78 32.50 -7.86
CA VAL C 247 -4.06 32.64 -7.16
C VAL C 247 -5.04 31.58 -7.65
N LEU C 248 -5.80 31.02 -6.73
CA LEU C 248 -6.81 30.06 -7.14
C LEU C 248 -7.84 30.75 -8.03
N PRO C 249 -8.49 30.00 -8.94
CA PRO C 249 -9.51 30.61 -9.82
C PRO C 249 -10.71 31.11 -9.04
N THR C 250 -11.38 32.11 -9.60
CA THR C 250 -12.64 32.53 -9.01
C THR C 250 -13.78 31.61 -9.46
N PHE C 251 -14.88 31.67 -8.72
CA PHE C 251 -16.11 30.99 -9.08
C PHE C 251 -17.25 31.98 -8.88
N LYS C 252 -18.06 32.17 -9.93
CA LYS C 252 -19.09 33.19 -9.94
C LYS C 252 -18.53 34.54 -9.51
N GLY C 253 -17.35 34.89 -10.04
CA GLY C 253 -16.67 36.14 -9.75
C GLY C 253 -16.08 36.28 -8.36
N GLN C 254 -16.24 35.29 -7.49
CA GLN C 254 -15.73 35.37 -6.13
CA GLN C 254 -15.77 35.33 -6.12
C GLN C 254 -14.48 34.53 -5.95
N PRO C 255 -13.53 34.96 -5.13
CA PRO C 255 -12.32 34.15 -4.92
C PRO C 255 -12.63 32.82 -4.23
N SER C 256 -11.87 31.80 -4.60
CA SER C 256 -11.87 30.58 -3.83
C SER C 256 -11.31 30.86 -2.44
N LYS C 257 -11.82 30.12 -1.44
CA LYS C 257 -11.49 30.38 -0.04
C LYS C 257 -10.87 29.14 0.57
N PRO C 258 -9.57 28.97 0.45
CA PRO C 258 -8.92 27.85 1.10
C PRO C 258 -8.76 28.11 2.59
N PHE C 259 -8.73 27.02 3.36
CA PHE C 259 -8.45 27.12 4.79
C PHE C 259 -6.99 27.48 5.04
N VAL C 260 -6.75 28.24 6.10
CA VAL C 260 -5.43 28.76 6.40
C VAL C 260 -4.91 28.10 7.66
N GLY C 261 -3.69 27.56 7.59
CA GLY C 261 -3.01 26.99 8.74
C GLY C 261 -1.87 27.91 9.15
N VAL C 262 -1.79 28.22 10.45
CA VAL C 262 -0.84 29.20 10.99
C VAL C 262 0.07 28.47 11.99
N LEU C 263 1.30 28.16 11.57
CA LEU C 263 2.28 27.64 12.51
C LEU C 263 2.47 28.67 13.63
N SER C 264 2.30 28.22 14.87
CA SER C 264 2.15 29.13 16.00
C SER C 264 3.04 28.69 17.16
N ALA C 265 3.41 29.66 18.01
CA ALA C 265 4.19 29.40 19.22
C ALA C 265 3.35 29.69 20.45
N GLY C 266 3.04 28.64 21.22
CA GLY C 266 2.33 28.78 22.49
C GLY C 266 3.26 28.62 23.69
N ILE C 267 2.86 29.24 24.80
CA ILE C 267 3.62 29.20 26.06
C ILE C 267 2.86 28.31 27.05
N ASN C 268 3.54 27.28 27.54
CA ASN C 268 2.98 26.31 28.50
C ASN C 268 2.46 27.05 29.73
N ALA C 269 1.17 26.83 30.08
CA ALA C 269 0.60 27.56 31.21
C ALA C 269 1.32 27.24 32.52
N ALA C 270 1.96 26.08 32.62
CA ALA C 270 2.76 25.68 33.75
C ALA C 270 4.17 26.26 33.72
N SER C 271 4.49 27.08 32.75
CA SER C 271 5.90 27.45 32.66
C SER C 271 6.24 28.51 33.70
N PRO C 272 7.38 28.38 34.37
CA PRO C 272 7.90 29.46 35.21
C PRO C 272 8.71 30.53 34.47
N ASN C 273 8.77 30.51 33.13
CA ASN C 273 9.60 31.44 32.38
C ASN C 273 8.79 32.23 31.37
N LYS C 274 7.53 32.56 31.71
CA LYS C 274 6.64 33.17 30.73
C LYS C 274 7.17 34.52 30.25
N GLU C 275 7.86 35.28 31.12
CA GLU C 275 8.45 36.53 30.66
C GLU C 275 9.65 36.30 29.76
N LEU C 276 10.46 35.29 30.07
CA LEU C 276 11.58 34.95 29.19
C LEU C 276 11.10 34.40 27.85
N ALA C 277 10.03 33.63 27.87
CA ALA C 277 9.46 33.11 26.61
C ALA C 277 8.92 34.24 25.76
N LYS C 278 8.28 35.24 26.39
CA LYS C 278 7.80 36.41 25.66
C LYS C 278 8.95 37.18 25.02
N GLU C 279 10.02 37.42 25.78
CA GLU C 279 11.15 38.16 25.23
C GLU C 279 11.80 37.40 24.09
N PHE C 280 11.93 36.08 24.22
CA PHE C 280 12.51 35.28 23.15
C PHE C 280 11.68 35.35 21.88
N LEU C 281 10.36 35.16 22.01
CA LEU C 281 9.52 35.11 20.82
C LEU C 281 9.40 36.46 20.14
N GLU C 282 9.13 37.51 20.92
CA GLU C 282 8.88 38.84 20.36
C GLU C 282 10.15 39.54 19.88
N ASN C 283 11.26 39.43 20.62
CA ASN C 283 12.46 40.21 20.35
C ASN C 283 13.54 39.46 19.60
N TYR C 284 13.44 38.14 19.48
CA TYR C 284 14.47 37.36 18.83
C TYR C 284 13.91 36.54 17.68
N LEU C 285 12.82 35.80 17.92
CA LEU C 285 12.29 34.97 16.84
C LEU C 285 11.54 35.79 15.82
N LEU C 286 10.56 36.57 16.28
CA LEU C 286 9.68 37.33 15.38
C LEU C 286 10.34 38.63 14.91
N THR C 287 11.54 38.47 14.35
CA THR C 287 12.27 39.53 13.68
C THR C 287 12.77 38.97 12.35
N ASP C 288 13.22 39.87 11.47
CA ASP C 288 13.79 39.41 10.21
C ASP C 288 14.94 38.43 10.44
N GLU C 289 15.82 38.75 11.37
CA GLU C 289 16.98 37.90 11.61
C GLU C 289 16.57 36.54 12.16
N GLY C 290 15.59 36.51 13.06
CA GLY C 290 15.19 35.25 13.65
C GLY C 290 14.51 34.33 12.63
N LEU C 291 13.51 34.85 11.94
CA LEU C 291 12.78 34.03 10.98
C LEU C 291 13.70 33.59 9.82
N GLU C 292 14.59 34.49 9.37
CA GLU C 292 15.49 34.11 8.29
C GLU C 292 16.38 32.93 8.70
N ALA C 293 16.91 32.98 9.92
CA ALA C 293 17.68 31.85 10.46
C ALA C 293 16.89 30.56 10.44
N VAL C 294 15.62 30.60 10.83
CA VAL C 294 14.77 29.41 10.74
C VAL C 294 14.54 29.03 9.29
N ASN C 295 14.30 30.04 8.44
CA ASN C 295 13.91 29.78 7.07
C ASN C 295 15.03 29.11 6.27
N LYS C 296 16.29 29.50 6.53
CA LYS C 296 17.42 28.92 5.82
C LYS C 296 17.58 27.44 6.13
N ASP C 297 17.21 27.00 7.33
CA ASP C 297 17.30 25.59 7.66
C ASP C 297 16.23 24.79 6.91
N LYS C 298 14.96 25.19 7.04
CA LYS C 298 13.88 24.59 6.28
C LYS C 298 12.86 25.70 6.04
N PRO C 299 12.45 25.94 4.79
CA PRO C 299 11.62 27.13 4.50
C PRO C 299 10.31 27.12 5.25
N LEU C 300 9.89 28.30 5.71
CA LEU C 300 8.63 28.43 6.43
C LEU C 300 7.45 28.60 5.50
N GLY C 301 7.69 28.96 4.23
CA GLY C 301 6.61 29.40 3.36
C GLY C 301 6.37 30.87 3.55
N ALA C 302 5.12 31.31 3.52
CA ALA C 302 4.77 32.68 3.87
C ALA C 302 4.80 32.83 5.38
N VAL C 303 5.13 34.05 5.85
CA VAL C 303 5.26 34.27 7.29
C VAL C 303 4.31 35.37 7.73
N ALA C 304 4.01 35.38 9.03
CA ALA C 304 3.13 36.39 9.58
C ALA C 304 3.80 37.75 9.79
N LEU C 305 5.14 37.81 9.91
CA LEU C 305 5.82 39.09 10.14
C LEU C 305 5.84 39.87 8.83
N LYS C 306 5.13 41.00 8.80
CA LYS C 306 5.01 41.80 7.57
C LYS C 306 6.36 42.09 6.92
N SER C 307 7.33 42.54 7.70
CA SER C 307 8.58 43.01 7.09
C SER C 307 9.33 41.87 6.43
N TYR C 308 9.32 40.69 7.04
CA TYR C 308 10.02 39.57 6.43
C TYR C 308 9.20 38.94 5.31
N GLU C 309 7.87 38.97 5.42
CA GLU C 309 7.06 38.42 4.33
C GLU C 309 7.29 39.21 3.05
N GLU C 310 7.40 40.54 3.17
CA GLU C 310 7.70 41.37 2.01
C GLU C 310 9.02 40.97 1.35
N GLU C 311 9.99 40.49 2.12
CA GLU C 311 11.21 39.99 1.50
C GLU C 311 10.97 38.63 0.83
N LEU C 312 10.32 37.69 1.55
CA LEU C 312 10.09 36.36 0.98
C LEU C 312 9.14 36.40 -0.22
N ALA C 313 8.19 37.33 -0.25
CA ALA C 313 7.23 37.39 -1.36
C ALA C 313 7.85 37.85 -2.68
N LYS C 314 9.14 38.16 -2.73
CA LYS C 314 9.77 38.34 -4.03
C LYS C 314 9.77 37.05 -4.83
N ASP C 315 9.70 35.89 -4.16
CA ASP C 315 9.37 34.62 -4.77
C ASP C 315 7.86 34.57 -5.04
N PRO C 316 7.43 34.58 -6.31
CA PRO C 316 5.99 34.67 -6.60
C PRO C 316 5.18 33.47 -6.09
N ARG C 317 5.82 32.35 -5.78
CA ARG C 317 5.10 31.23 -5.19
C ARG C 317 4.65 31.57 -3.77
N ILE C 318 5.55 32.18 -3.00
CA ILE C 318 5.22 32.59 -1.63
C ILE C 318 4.21 33.73 -1.65
N ALA C 319 4.35 34.69 -2.58
CA ALA C 319 3.33 35.72 -2.75
C ALA C 319 1.97 35.10 -3.07
N ALA C 320 1.93 34.07 -3.92
CA ALA C 320 0.66 33.42 -4.20
C ALA C 320 0.09 32.73 -2.96
N THR C 321 0.94 32.05 -2.17
CA THR C 321 0.46 31.42 -0.95
C THR C 321 -0.25 32.44 -0.06
N MET C 322 0.43 33.56 0.20
CA MET C 322 -0.11 34.59 1.09
C MET C 322 -1.37 35.19 0.50
N GLU C 323 -1.39 35.42 -0.81
CA GLU C 323 -2.58 35.96 -1.46
C GLU C 323 -3.77 35.01 -1.31
N ASN C 324 -3.55 33.71 -1.50
CA ASN C 324 -4.65 32.74 -1.31
C ASN C 324 -5.05 32.67 0.15
N ALA C 325 -4.09 32.74 1.07
CA ALA C 325 -4.39 32.74 2.50
C ALA C 325 -5.26 33.93 2.89
N GLN C 326 -4.97 35.11 2.34
CA GLN C 326 -5.74 36.30 2.70
C GLN C 326 -7.15 36.29 2.13
N LYS C 327 -7.37 35.58 1.03
CA LYS C 327 -8.70 35.43 0.50
C LYS C 327 -9.47 34.31 1.16
N GLY C 328 -8.78 33.44 1.89
CA GLY C 328 -9.42 32.28 2.50
C GLY C 328 -9.92 32.56 3.89
N GLU C 329 -10.09 31.49 4.65
CA GLU C 329 -10.54 31.60 6.03
C GLU C 329 -9.58 30.82 6.91
N ILE C 330 -9.29 31.41 8.08
CA ILE C 330 -8.52 30.72 9.10
C ILE C 330 -9.24 29.43 9.46
N MET C 331 -8.50 28.35 9.56
CA MET C 331 -9.05 27.09 10.06
C MET C 331 -9.60 27.28 11.48
N PRO C 332 -10.89 27.04 11.73
CA PRO C 332 -11.39 27.19 13.09
C PRO C 332 -10.71 26.19 14.02
N ASN C 333 -10.40 26.64 15.23
CA ASN C 333 -9.62 25.86 16.20
C ASN C 333 -10.49 25.23 17.28
N ILE C 334 -11.75 24.91 16.97
CA ILE C 334 -12.71 24.42 17.97
C ILE C 334 -12.90 22.93 17.74
N PRO C 335 -13.37 22.18 18.74
CA PRO C 335 -13.45 20.73 18.56
C PRO C 335 -14.58 20.28 17.64
N GLN C 336 -15.56 21.14 17.37
CA GLN C 336 -16.61 20.76 16.43
C GLN C 336 -16.11 20.59 15.00
N MET C 337 -14.86 20.95 14.71
CA MET C 337 -14.35 20.82 13.34
C MET C 337 -14.34 19.36 12.90
N SER C 338 -14.11 18.45 13.86
CA SER C 338 -14.00 17.04 13.54
C SER C 338 -15.29 16.51 12.94
N ALA C 339 -16.43 16.88 13.52
CA ALA C 339 -17.71 16.49 12.94
C ALA C 339 -17.93 17.18 11.60
N PHE C 340 -17.52 18.45 11.50
CA PHE C 340 -17.62 19.18 10.24
C PHE C 340 -16.89 18.45 9.13
N TRP C 341 -15.60 18.15 9.35
CA TRP C 341 -14.80 17.55 8.29
C TRP C 341 -15.43 16.25 7.83
N TYR C 342 -15.85 15.41 8.78
CA TYR C 342 -16.43 14.11 8.45
C TYR C 342 -17.72 14.27 7.66
N ALA C 343 -18.55 15.25 8.06
CA ALA C 343 -19.81 15.49 7.37
C ALA C 343 -19.58 15.94 5.93
N VAL C 344 -18.66 16.88 5.71
CA VAL C 344 -18.44 17.44 4.38
C VAL C 344 -17.78 16.41 3.47
N ARG C 345 -16.85 15.62 4.02
CA ARG C 345 -16.18 14.63 3.18
C ARG C 345 -17.15 13.59 2.67
N THR C 346 -18.10 13.18 3.50
CA THR C 346 -19.13 12.26 3.08
C THR C 346 -20.05 12.92 2.05
N ALA C 347 -20.38 14.19 2.26
CA ALA C 347 -21.25 14.90 1.32
C ALA C 347 -20.62 14.98 -0.07
N VAL C 348 -19.34 15.34 -0.13
CA VAL C 348 -18.68 15.43 -1.43
C VAL C 348 -18.59 14.06 -2.09
N ILE C 349 -18.21 13.02 -1.33
CA ILE C 349 -18.17 11.67 -1.90
C ILE C 349 -19.55 11.26 -2.40
N ASN C 350 -20.58 11.46 -1.59
CA ASN C 350 -21.92 11.06 -1.97
C ASN C 350 -22.43 11.84 -3.18
N ALA C 351 -22.13 13.14 -3.26
CA ALA C 351 -22.59 13.92 -4.40
C ALA C 351 -21.79 13.59 -5.66
N ALA C 352 -20.48 13.37 -5.51
CA ALA C 352 -19.63 13.10 -6.66
C ALA C 352 -19.95 11.74 -7.28
N SER C 353 -20.46 10.81 -6.48
CA SER C 353 -20.78 9.48 -6.97
C SER C 353 -22.25 9.32 -7.35
N GLY C 354 -23.02 10.42 -7.34
CA GLY C 354 -24.43 10.37 -7.70
C GLY C 354 -25.34 9.64 -6.72
N ARG C 355 -24.81 9.12 -5.61
CA ARG C 355 -25.65 8.46 -4.63
C ARG C 355 -26.63 9.43 -3.99
N GLN C 356 -26.26 10.70 -3.81
CA GLN C 356 -27.18 11.73 -3.34
C GLN C 356 -27.09 12.94 -4.25
N THR C 357 -28.18 13.68 -4.34
CA THR C 357 -28.14 15.00 -4.94
C THR C 357 -27.29 15.94 -4.10
N VAL C 358 -26.88 17.03 -4.74
CA VAL C 358 -26.11 18.05 -4.03
C VAL C 358 -26.92 18.62 -2.87
N ASP C 359 -28.22 18.90 -3.10
CA ASP C 359 -29.06 19.46 -2.06
C ASP C 359 -29.18 18.50 -0.88
N ALA C 360 -29.46 17.22 -1.16
CA ALA C 360 -29.64 16.26 -0.07
C ALA C 360 -28.32 16.00 0.66
N ALA C 361 -27.21 15.95 -0.08
CA ALA C 361 -25.91 15.69 0.57
C ALA C 361 -25.56 16.81 1.53
N LEU C 362 -25.73 18.07 1.09
CA LEU C 362 -25.34 19.19 1.92
C LEU C 362 -26.32 19.42 3.07
N ALA C 363 -27.60 19.10 2.87
CA ALA C 363 -28.57 19.22 3.96
C ALA C 363 -28.20 18.29 5.09
N ALA C 364 -27.84 17.05 4.76
CA ALA C 364 -27.36 16.10 5.76
C ALA C 364 -26.06 16.59 6.40
N ALA C 365 -25.09 17.03 5.58
CA ALA C 365 -23.83 17.51 6.15
C ALA C 365 -24.07 18.69 7.07
N GLN C 366 -25.02 19.56 6.72
CA GLN C 366 -25.32 20.72 7.56
C GLN C 366 -25.82 20.28 8.93
N THR C 367 -26.64 19.22 8.98
CA THR C 367 -27.10 18.72 10.27
C THR C 367 -25.94 18.15 11.08
N ASN C 368 -25.08 17.35 10.45
CA ASN C 368 -24.00 16.70 11.19
C ASN C 368 -22.95 17.68 11.67
N ALA C 369 -22.69 18.73 10.89
CA ALA C 369 -21.70 19.71 11.32
C ALA C 369 -22.08 20.37 12.64
N ALA C 370 -23.37 20.57 12.86
CA ALA C 370 -23.89 21.25 14.04
C ALA C 370 -24.35 20.31 15.16
N ALA C 371 -24.42 19.00 14.89
CA ALA C 371 -24.96 18.06 15.86
C ALA C 371 -24.06 17.94 17.08
N GLY C 372 -24.69 17.66 18.23
CA GLY C 372 -23.97 17.24 19.42
C GLY C 372 -23.64 15.77 19.34
N GLY C 373 -23.43 15.16 20.51
CA GLY C 373 -23.18 13.74 20.60
C GLY C 373 -24.47 12.93 20.50
N PRO C 374 -24.33 11.61 20.62
CA PRO C 374 -25.50 10.72 20.56
C PRO C 374 -26.52 11.07 21.65
N VAL C 375 -27.80 10.88 21.34
CA VAL C 375 -28.87 11.21 22.26
C VAL C 375 -29.47 9.94 22.84
N GLU C 376 -29.60 9.93 24.17
CA GLU C 376 -30.20 8.82 24.88
C GLU C 376 -31.71 8.87 24.69
N ILE C 377 -32.28 7.81 24.14
CA ILE C 377 -33.74 7.71 24.01
C ILE C 377 -34.24 6.97 25.24
N LEU C 378 -33.73 5.77 25.43
CA LEU C 378 -33.89 4.95 26.61
C LEU C 378 -32.49 4.59 27.10
N PRO C 379 -32.34 4.11 28.34
CA PRO C 379 -30.99 3.79 28.82
C PRO C 379 -30.24 2.80 27.95
N PHE C 380 -30.94 1.94 27.22
CA PHE C 380 -30.30 0.96 26.34
C PHE C 380 -30.41 1.29 24.86
N LEU C 381 -30.81 2.51 24.52
CA LEU C 381 -31.14 2.85 23.14
C LEU C 381 -30.73 4.28 22.84
N TYR C 382 -29.82 4.46 21.91
CA TYR C 382 -29.23 5.76 21.62
C TYR C 382 -29.46 6.10 20.16
N LEU C 383 -29.58 7.39 19.88
CA LEU C 383 -29.89 7.87 18.54
C LEU C 383 -28.80 8.85 18.13
N GLY C 384 -28.28 8.69 16.90
CA GLY C 384 -27.30 9.62 16.38
C GLY C 384 -26.91 9.37 14.93
N SER C 385 -25.70 9.75 14.57
CA SER C 385 -25.26 9.89 13.18
C SER C 385 -24.10 8.96 12.83
N ALA C 386 -23.85 8.86 11.51
CA ALA C 386 -22.72 8.07 11.01
C ALA C 386 -21.38 8.60 11.51
N TYR C 387 -21.27 9.90 11.78
CA TYR C 387 -20.02 10.39 12.36
C TYR C 387 -19.76 9.74 13.72
N HIS C 388 -20.78 9.73 14.59
CA HIS C 388 -20.66 9.10 15.90
C HIS C 388 -20.24 7.63 15.78
N ALA C 389 -20.80 6.92 14.82
CA ALA C 389 -20.55 5.50 14.66
C ALA C 389 -19.11 5.20 14.25
N SER C 390 -18.32 6.23 13.94
CA SER C 390 -16.91 6.09 13.60
C SER C 390 -15.99 6.45 14.76
N ARG C 391 -16.56 6.84 15.90
CA ARG C 391 -15.81 7.27 17.07
C ARG C 391 -15.89 6.15 18.10
N LYS C 392 -14.91 5.25 18.08
CA LYS C 392 -14.97 4.09 18.97
C LYS C 392 -14.93 4.52 20.44
N ASP C 393 -14.05 5.45 20.78
CA ASP C 393 -13.92 5.84 22.18
C ASP C 393 -15.16 6.58 22.66
N MET C 394 -15.78 7.38 21.79
CA MET C 394 -17.02 8.04 22.19
C MET C 394 -18.13 7.01 22.41
N LEU C 395 -18.27 6.06 21.51
CA LEU C 395 -19.26 5.00 21.70
C LEU C 395 -19.01 4.26 23.00
N ASP C 396 -17.74 3.93 23.28
CA ASP C 396 -17.41 3.16 24.49
C ASP C 396 -17.71 3.94 25.76
N ALA C 397 -17.43 5.24 25.76
CA ALA C 397 -17.75 6.09 26.90
C ALA C 397 -19.24 6.09 27.19
N LEU C 398 -20.08 5.85 26.19
CA LEU C 398 -21.51 5.74 26.46
C LEU C 398 -21.93 4.34 26.91
N GLY C 399 -21.01 3.37 26.83
CA GLY C 399 -21.36 1.99 27.11
C GLY C 399 -22.11 1.30 25.99
N ILE C 400 -21.95 1.76 24.74
CA ILE C 400 -22.62 1.14 23.61
C ILE C 400 -22.00 -0.24 23.33
N THR C 401 -22.85 -1.25 23.12
CA THR C 401 -22.34 -2.56 22.73
C THR C 401 -22.82 -3.02 21.36
N ALA C 402 -23.74 -2.30 20.72
CA ALA C 402 -24.32 -2.77 19.48
C ALA C 402 -24.81 -1.58 18.69
N LEU C 403 -24.78 -1.71 17.35
CA LEU C 403 -25.13 -0.65 16.43
C LEU C 403 -26.14 -1.16 15.42
N ILE C 404 -27.18 -0.38 15.18
CA ILE C 404 -28.06 -0.61 14.05
C ILE C 404 -27.73 0.45 13.02
N ASN C 405 -27.23 0.01 11.89
CA ASN C 405 -26.75 0.88 10.83
C ASN C 405 -27.87 1.02 9.80
N VAL C 406 -28.64 2.12 9.87
CA VAL C 406 -29.79 2.30 8.98
C VAL C 406 -29.26 3.09 7.78
N SER C 407 -28.69 2.37 6.82
CA SER C 407 -28.07 3.07 5.70
C SER C 407 -27.82 2.07 4.58
N ALA C 408 -27.63 2.63 3.38
CA ALA C 408 -27.38 1.84 2.19
C ALA C 408 -25.91 1.49 1.99
N ASN C 409 -25.00 2.42 2.28
CA ASN C 409 -23.59 2.23 1.93
C ASN C 409 -22.63 2.38 3.10
N CYS C 410 -23.05 2.95 4.23
CA CYS C 410 -22.15 3.18 5.36
C CYS C 410 -21.62 1.84 5.88
N PRO C 411 -20.32 1.74 6.15
CA PRO C 411 -19.75 0.49 6.65
C PRO C 411 -19.88 0.37 8.17
N ASN C 412 -19.78 -0.87 8.63
CA ASN C 412 -19.65 -1.20 10.04
C ASN C 412 -18.18 -1.15 10.37
N HIS C 413 -17.76 -0.16 11.18
CA HIS C 413 -16.33 0.08 11.31
C HIS C 413 -15.62 -0.90 12.23
N PHE C 414 -16.29 -1.43 13.27
CA PHE C 414 -15.61 -2.09 14.38
C PHE C 414 -16.28 -3.42 14.70
N GLU C 415 -16.14 -4.38 13.77
CA GLU C 415 -16.85 -5.63 13.88
C GLU C 415 -16.31 -6.53 14.98
N GLY C 416 -15.13 -6.23 15.51
CA GLY C 416 -14.67 -6.92 16.70
C GLY C 416 -15.05 -6.25 18.01
N HIS C 417 -15.73 -5.11 17.98
N HIS C 417 -15.68 -5.08 17.95
CA HIS C 417 -16.04 -4.42 19.23
CA HIS C 417 -16.00 -4.28 19.14
C HIS C 417 -17.52 -4.14 19.45
C HIS C 417 -17.50 -4.20 19.43
N TYR C 418 -18.34 -4.12 18.41
CA TYR C 418 -19.79 -4.02 18.59
C TYR C 418 -20.47 -5.06 17.71
N GLN C 419 -21.63 -5.53 18.18
CA GLN C 419 -22.55 -6.29 17.33
C GLN C 419 -23.28 -5.34 16.39
N TYR C 420 -23.36 -5.72 15.12
CA TYR C 420 -23.99 -4.85 14.13
C TYR C 420 -25.27 -5.46 13.58
N LYS C 421 -26.23 -4.60 13.30
CA LYS C 421 -27.39 -4.96 12.52
C LYS C 421 -27.53 -3.92 11.43
N SER C 422 -27.67 -4.39 10.20
CA SER C 422 -27.77 -3.50 9.05
C SER C 422 -29.21 -3.45 8.58
N ILE C 423 -29.73 -2.23 8.41
CA ILE C 423 -31.03 -1.96 7.83
C ILE C 423 -30.75 -1.14 6.58
N PRO C 424 -30.64 -1.78 5.41
CA PRO C 424 -30.10 -1.08 4.22
C PRO C 424 -31.18 -0.35 3.41
N VAL C 425 -31.58 0.82 3.88
CA VAL C 425 -32.63 1.60 3.22
C VAL C 425 -32.12 3.01 2.94
N GLU C 426 -32.72 3.62 1.94
CA GLU C 426 -32.46 5.00 1.58
C GLU C 426 -33.48 5.92 2.25
N ASP C 427 -33.15 7.22 2.28
CA ASP C 427 -34.02 8.22 2.91
C ASP C 427 -34.84 8.93 1.84
N ASN C 428 -35.84 8.21 1.31
CA ASN C 428 -36.74 8.76 0.30
C ASN C 428 -38.12 8.13 0.45
N HIS C 429 -39.06 8.57 -0.39
CA HIS C 429 -40.46 8.16 -0.36
C HIS C 429 -40.69 6.74 -0.89
N LYS C 430 -39.68 6.09 -1.49
CA LYS C 430 -39.86 4.74 -2.00
C LYS C 430 -39.39 3.66 -1.02
N ALA C 431 -38.53 4.01 -0.06
CA ALA C 431 -37.94 2.99 0.81
C ALA C 431 -38.99 2.38 1.73
N ASP C 432 -39.04 1.06 1.75
CA ASP C 432 -39.98 0.34 2.61
C ASP C 432 -39.26 0.03 3.93
N ILE C 433 -39.13 1.07 4.77
CA ILE C 433 -38.40 0.91 6.02
C ILE C 433 -39.18 0.05 6.99
N SER C 434 -40.52 0.09 6.93
CA SER C 434 -41.34 -0.67 7.86
C SER C 434 -41.22 -2.18 7.66
N SER C 435 -40.76 -2.65 6.51
CA SER C 435 -40.53 -4.08 6.42
C SER C 435 -39.32 -4.53 7.23
N TRP C 436 -38.55 -3.60 7.82
CA TRP C 436 -37.44 -3.96 8.70
C TRP C 436 -37.76 -3.75 10.18
N PHE C 437 -38.96 -3.25 10.51
CA PHE C 437 -39.28 -2.90 11.88
C PHE C 437 -39.14 -4.09 12.82
N ASN C 438 -39.72 -5.24 12.46
CA ASN C 438 -39.69 -6.37 13.38
C ASN C 438 -38.27 -6.88 13.58
N GLU C 439 -37.49 -6.93 12.50
CA GLU C 439 -36.12 -7.37 12.61
C GLU C 439 -35.30 -6.42 13.49
N ALA C 440 -35.53 -5.11 13.34
CA ALA C 440 -34.85 -4.13 14.19
C ALA C 440 -35.29 -4.27 15.64
N ILE C 441 -36.59 -4.41 15.88
CA ILE C 441 -37.09 -4.49 17.25
C ILE C 441 -36.57 -5.74 17.95
N ASP C 442 -36.60 -6.89 17.26
CA ASP C 442 -36.06 -8.12 17.84
C ASP C 442 -34.57 -7.96 18.19
N PHE C 443 -33.81 -7.28 17.33
CA PHE C 443 -32.39 -7.10 17.59
C PHE C 443 -32.17 -6.21 18.81
N ILE C 444 -32.93 -5.12 18.94
CA ILE C 444 -32.79 -4.26 20.10
C ILE C 444 -33.13 -5.02 21.36
N ASP C 445 -34.20 -5.82 21.32
CA ASP C 445 -34.61 -6.58 22.48
C ASP C 445 -33.57 -7.63 22.86
N SER C 446 -32.91 -8.25 21.89
CA SER C 446 -31.92 -9.24 22.28
C SER C 446 -30.68 -8.58 22.88
N ILE C 447 -30.33 -7.37 22.45
CA ILE C 447 -29.21 -6.68 23.09
C ILE C 447 -29.57 -6.28 24.52
N LYS C 448 -30.78 -5.75 24.72
CA LYS C 448 -31.24 -5.36 26.04
C LYS C 448 -31.29 -6.56 26.99
N ASN C 449 -31.75 -7.72 26.49
CA ASN C 449 -31.85 -8.90 27.33
C ASN C 449 -30.49 -9.46 27.72
N ALA C 450 -29.43 -9.08 27.02
CA ALA C 450 -28.07 -9.41 27.43
C ALA C 450 -27.41 -8.28 28.22
N GLY C 451 -28.18 -7.28 28.62
CA GLY C 451 -27.63 -6.11 29.32
C GLY C 451 -26.80 -5.17 28.48
N GLY C 452 -26.90 -5.22 27.15
CA GLY C 452 -26.19 -4.30 26.27
C GLY C 452 -26.92 -2.99 26.02
N ARG C 453 -26.32 -2.15 25.16
CA ARG C 453 -26.87 -0.87 24.75
C ARG C 453 -26.76 -0.72 23.25
N VAL C 454 -27.82 -0.22 22.62
CA VAL C 454 -27.91 -0.12 21.16
C VAL C 454 -27.73 1.33 20.75
N PHE C 455 -26.87 1.58 19.75
CA PHE C 455 -26.76 2.88 19.09
C PHE C 455 -27.34 2.75 17.68
N VAL C 456 -28.44 3.46 17.42
CA VAL C 456 -29.13 3.46 16.13
C VAL C 456 -28.70 4.71 15.37
N HIS C 457 -28.16 4.54 14.17
CA HIS C 457 -27.70 5.71 13.44
C HIS C 457 -28.05 5.60 11.96
N SER C 458 -28.08 6.77 11.34
CA SER C 458 -28.11 6.96 9.90
C SER C 458 -27.24 8.19 9.63
N GLN C 459 -27.17 8.58 8.35
CA GLN C 459 -26.23 9.63 7.94
C GLN C 459 -26.40 10.90 8.78
N ALA C 460 -27.64 11.38 8.91
CA ALA C 460 -27.90 12.62 9.62
C ALA C 460 -28.57 12.42 10.97
N GLY C 461 -28.94 11.19 11.33
CA GLY C 461 -29.61 10.94 12.60
C GLY C 461 -30.94 11.66 12.73
N ILE C 462 -31.63 11.88 11.61
CA ILE C 462 -32.79 12.77 11.54
C ILE C 462 -34.05 12.00 11.12
N SER C 463 -33.94 11.18 10.07
CA SER C 463 -35.09 10.52 9.47
C SER C 463 -35.05 9.00 9.64
N ARG C 464 -34.05 8.32 9.06
CA ARG C 464 -34.06 6.86 9.04
C ARG C 464 -33.89 6.24 10.43
N SER C 465 -32.86 6.68 11.16
CA SER C 465 -32.61 6.11 12.49
C SER C 465 -33.69 6.53 13.48
N ALA C 466 -34.18 7.77 13.37
CA ALA C 466 -35.25 8.20 14.25
C ALA C 466 -36.50 7.38 14.01
N THR C 467 -36.76 7.00 12.75
CA THR C 467 -37.92 6.17 12.45
C THR C 467 -37.83 4.83 13.15
N ILE C 468 -36.63 4.22 13.14
CA ILE C 468 -36.44 2.94 13.80
C ILE C 468 -36.68 3.09 15.31
N CYS C 469 -36.22 4.20 15.89
CA CYS C 469 -36.44 4.37 17.32
C CYS C 469 -37.91 4.56 17.65
N LEU C 470 -38.63 5.35 16.84
CA LEU C 470 -40.07 5.52 17.07
C LEU C 470 -40.82 4.19 17.00
N ALA C 471 -40.50 3.37 15.98
CA ALA C 471 -41.13 2.06 15.88
C ALA C 471 -40.88 1.21 17.11
N TYR C 472 -39.64 1.24 17.63
CA TYR C 472 -39.35 0.45 18.84
C TYR C 472 -40.24 0.91 20.00
N LEU C 473 -40.37 2.22 20.18
CA LEU C 473 -41.17 2.75 21.29
C LEU C 473 -42.64 2.39 21.13
N MET C 474 -43.19 2.56 19.93
CA MET C 474 -44.60 2.26 19.68
C MET C 474 -44.92 0.81 20.03
N ARG C 475 -44.13 -0.14 19.53
CA ARG C 475 -44.41 -1.55 19.81
C ARG C 475 -44.12 -1.90 21.26
N THR C 476 -43.02 -1.39 21.81
CA THR C 476 -42.59 -1.82 23.14
C THR C 476 -43.48 -1.24 24.23
N ASN C 477 -43.79 0.05 24.14
CA ASN C 477 -44.64 0.72 25.12
C ASN C 477 -46.10 0.74 24.72
N ARG C 478 -46.45 0.10 23.60
CA ARG C 478 -47.81 0.11 23.10
C ARG C 478 -48.41 1.52 23.10
N VAL C 479 -47.69 2.45 22.44
CA VAL C 479 -48.11 3.86 22.35
C VAL C 479 -48.27 4.25 20.88
N LYS C 480 -48.99 5.35 20.67
CA LYS C 480 -49.26 5.84 19.34
C LYS C 480 -48.10 6.67 18.81
N LEU C 481 -48.13 6.93 17.49
CA LEU C 481 -47.03 7.66 16.86
C LEU C 481 -46.85 9.04 17.47
N ASP C 482 -47.94 9.77 17.69
CA ASP C 482 -47.79 11.15 18.16
C ASP C 482 -47.14 11.20 19.53
N GLU C 483 -47.41 10.21 20.37
CA GLU C 483 -46.78 10.16 21.70
C GLU C 483 -45.30 9.80 21.58
N ALA C 484 -44.97 8.73 20.85
CA ALA C 484 -43.57 8.38 20.65
C ALA C 484 -42.81 9.53 20.02
N PHE C 485 -43.42 10.19 19.03
CA PHE C 485 -42.75 11.29 18.35
C PHE C 485 -42.45 12.42 19.33
N GLU C 486 -43.41 12.76 20.19
CA GLU C 486 -43.20 13.78 21.20
C GLU C 486 -42.11 13.36 22.17
N PHE C 487 -42.10 12.08 22.55
CA PHE C 487 -41.09 11.57 23.47
C PHE C 487 -39.67 11.76 22.91
N VAL C 488 -39.46 11.41 21.63
CA VAL C 488 -38.13 11.54 21.04
C VAL C 488 -37.80 13.00 20.73
N LYS C 489 -38.79 13.79 20.30
CA LYS C 489 -38.54 15.20 20.01
C LYS C 489 -38.23 16.01 21.26
N GLN C 490 -38.68 15.55 22.43
CA GLN C 490 -38.23 16.15 23.68
C GLN C 490 -36.74 15.93 23.92
N ARG C 491 -36.14 14.91 23.30
CA ARG C 491 -34.72 14.64 23.48
C ARG C 491 -33.87 15.09 22.30
N ARG C 492 -34.49 15.31 21.14
CA ARG C 492 -33.75 15.63 19.92
C ARG C 492 -34.76 16.32 19.01
N SER C 493 -34.90 17.63 19.20
CA SER C 493 -36.05 18.34 18.63
C SER C 493 -36.08 18.34 17.11
N ILE C 494 -34.96 18.11 16.44
CA ILE C 494 -34.91 18.21 14.98
C ILE C 494 -35.15 16.88 14.28
N ILE C 495 -35.47 15.82 15.02
CA ILE C 495 -35.79 14.58 14.35
C ILE C 495 -36.97 14.86 13.43
N SER C 496 -36.99 14.18 12.30
CA SER C 496 -37.97 14.44 11.26
C SER C 496 -37.97 13.32 10.22
N PRO C 497 -38.64 12.21 10.50
CA PRO C 497 -38.84 11.22 9.44
C PRO C 497 -39.55 11.88 8.27
N ASN C 498 -39.14 11.53 7.06
CA ASN C 498 -39.87 12.01 5.90
C ASN C 498 -41.33 11.52 5.94
N PHE C 499 -42.18 12.16 5.12
CA PHE C 499 -43.62 11.94 5.27
C PHE C 499 -43.99 10.50 5.00
N SER C 500 -43.28 9.83 4.10
CA SER C 500 -43.54 8.40 3.88
C SER C 500 -43.19 7.57 5.11
N PHE C 501 -42.09 7.90 5.79
CA PHE C 501 -41.73 7.18 7.01
C PHE C 501 -42.78 7.40 8.09
N MET C 502 -43.21 8.63 8.28
CA MET C 502 -44.30 8.90 9.21
C MET C 502 -45.55 8.10 8.84
N GLY C 503 -45.86 8.03 7.54
CA GLY C 503 -47.01 7.27 7.10
C GLY C 503 -46.90 5.80 7.46
N GLN C 504 -45.72 5.21 7.23
CA GLN C 504 -45.51 3.81 7.60
C GLN C 504 -45.60 3.61 9.11
N LEU C 505 -45.07 4.55 9.89
CA LEU C 505 -45.23 4.44 11.35
C LEU C 505 -46.71 4.49 11.73
N LEU C 506 -47.48 5.37 11.09
CA LEU C 506 -48.90 5.48 11.39
C LEU C 506 -49.64 4.17 11.09
N GLN C 507 -49.32 3.53 9.96
CA GLN C 507 -49.91 2.23 9.66
C GLN C 507 -49.40 1.15 10.60
N PHE C 508 -48.13 1.25 11.03
CA PHE C 508 -47.60 0.34 12.03
C PHE C 508 -48.41 0.42 13.30
N GLU C 509 -48.88 1.62 13.64
CA GLU C 509 -49.68 1.82 14.85
C GLU C 509 -50.97 1.02 14.79
N SER C 510 -51.62 1.00 13.63
CA SER C 510 -52.83 0.20 13.47
C SER C 510 -52.58 -1.29 13.64
N GLN C 511 -51.34 -1.76 13.45
CA GLN C 511 -51.07 -3.20 13.59
C GLN C 511 -50.46 -3.58 14.93
N VAL C 512 -50.06 -2.61 15.75
CA VAL C 512 -49.55 -2.90 17.09
C VAL C 512 -50.50 -2.42 18.18
N LEU C 513 -51.54 -1.67 17.84
CA LEU C 513 -52.56 -1.21 18.79
C LEU C 513 -53.94 -1.70 18.36
N SER D 12 -14.26 -9.07 -12.68
CA SER D 12 -14.42 -7.76 -12.08
C SER D 12 -13.04 -7.13 -11.86
N ASP D 13 -12.05 -8.00 -11.61
CA ASP D 13 -10.66 -7.61 -11.80
C ASP D 13 -10.42 -7.27 -13.27
N LEU D 14 -10.83 -8.19 -14.17
CA LEU D 14 -10.71 -7.89 -15.58
C LEU D 14 -11.63 -6.74 -15.97
N GLY D 15 -12.77 -6.61 -15.29
CA GLY D 15 -13.69 -5.54 -15.60
C GLY D 15 -13.05 -4.18 -15.45
N ARG D 16 -12.32 -3.98 -14.34
CA ARG D 16 -11.63 -2.72 -14.14
C ARG D 16 -10.59 -2.49 -15.21
N LYS D 17 -9.88 -3.55 -15.61
CA LYS D 17 -8.87 -3.39 -16.65
C LYS D 17 -9.52 -3.06 -17.99
N LEU D 18 -10.69 -3.63 -18.28
CA LEU D 18 -11.37 -3.33 -19.53
C LEU D 18 -11.79 -1.86 -19.58
N LEU D 19 -12.33 -1.36 -18.47
CA LEU D 19 -12.66 0.06 -18.35
C LEU D 19 -11.44 0.94 -18.64
N GLU D 20 -10.31 0.64 -17.98
CA GLU D 20 -9.11 1.43 -18.19
C GLU D 20 -8.61 1.33 -19.62
N ALA D 21 -8.71 0.13 -20.21
CA ALA D 21 -8.21 -0.03 -21.56
C ALA D 21 -9.11 0.69 -22.58
N ALA D 22 -10.42 0.74 -22.31
CA ALA D 22 -11.33 1.51 -23.16
C ALA D 22 -11.06 3.01 -23.05
N ARG D 23 -10.78 3.49 -21.84
CA ARG D 23 -10.48 4.90 -21.64
C ARG D 23 -9.19 5.29 -22.36
N ALA D 24 -8.14 4.47 -22.27
CA ALA D 24 -6.85 4.82 -22.84
C ALA D 24 -6.74 4.48 -24.33
N GLY D 25 -7.71 3.80 -24.91
CA GLY D 25 -7.55 3.51 -26.32
C GLY D 25 -6.63 2.36 -26.63
N GLN D 26 -6.45 1.41 -25.71
CA GLN D 26 -5.62 0.22 -25.96
C GLN D 26 -6.47 -0.85 -26.65
N ASP D 27 -6.52 -0.79 -27.99
CA ASP D 27 -7.34 -1.71 -28.78
C ASP D 27 -6.95 -3.17 -28.52
N ASP D 28 -5.66 -3.48 -28.60
CA ASP D 28 -5.22 -4.86 -28.40
C ASP D 28 -5.53 -5.36 -27.00
N GLU D 29 -5.30 -4.53 -25.98
CA GLU D 29 -5.67 -4.93 -24.63
C GLU D 29 -7.18 -5.18 -24.54
N VAL D 30 -8.00 -4.27 -25.08
CA VAL D 30 -9.45 -4.42 -25.03
C VAL D 30 -9.86 -5.77 -25.62
N ARG D 31 -9.32 -6.09 -26.80
CA ARG D 31 -9.65 -7.35 -27.46
C ARG D 31 -9.18 -8.54 -26.63
N ILE D 32 -7.97 -8.47 -26.07
CA ILE D 32 -7.42 -9.60 -25.34
C ILE D 32 -8.13 -9.79 -24.00
N LEU D 33 -8.45 -8.68 -23.32
CA LEU D 33 -9.18 -8.78 -22.05
C LEU D 33 -10.56 -9.43 -22.26
N MET D 34 -11.23 -9.08 -23.36
CA MET D 34 -12.52 -9.69 -23.64
C MET D 34 -12.34 -11.16 -23.96
N ALA D 35 -11.34 -11.51 -24.78
CA ALA D 35 -11.03 -12.91 -25.02
C ALA D 35 -10.74 -13.67 -23.73
N ASN D 36 -10.22 -13.00 -22.72
CA ASN D 36 -9.99 -13.66 -21.45
C ASN D 36 -11.21 -13.62 -20.53
N GLY D 37 -12.34 -13.12 -21.00
CA GLY D 37 -13.57 -13.19 -20.22
C GLY D 37 -14.05 -11.90 -19.58
N ALA D 38 -13.41 -10.75 -19.84
CA ALA D 38 -13.91 -9.49 -19.30
C ALA D 38 -15.33 -9.22 -19.81
N ASP D 39 -16.20 -8.80 -18.91
CA ASP D 39 -17.61 -8.52 -19.23
C ASP D 39 -17.69 -7.17 -19.95
N VAL D 40 -18.18 -7.17 -21.19
CA VAL D 40 -18.26 -5.93 -21.98
C VAL D 40 -19.15 -4.90 -21.31
N ASN D 41 -20.06 -5.32 -20.43
CA ASN D 41 -20.87 -4.40 -19.67
C ASN D 41 -20.42 -4.28 -18.23
N ALA D 42 -19.13 -4.55 -17.95
CA ALA D 42 -18.58 -4.27 -16.65
C ALA D 42 -18.91 -2.83 -16.25
N ALA D 43 -19.33 -2.64 -15.03
CA ALA D 43 -19.65 -1.31 -14.57
C ALA D 43 -18.93 -1.05 -13.25
N ASP D 44 -18.40 0.18 -13.13
CA ASP D 44 -17.81 0.61 -11.88
C ASP D 44 -18.94 1.03 -10.94
N ASN D 45 -18.61 1.71 -9.83
CA ASN D 45 -19.64 1.97 -8.83
C ASN D 45 -20.63 3.04 -9.28
N THR D 46 -20.33 3.78 -10.33
CA THR D 46 -21.21 4.82 -10.85
C THR D 46 -21.92 4.42 -12.13
N GLY D 47 -21.93 3.13 -12.47
CA GLY D 47 -22.61 2.67 -13.67
C GLY D 47 -21.90 2.98 -14.97
N THR D 48 -20.63 3.39 -14.91
CA THR D 48 -19.86 3.69 -16.10
C THR D 48 -19.35 2.38 -16.71
N THR D 49 -19.67 2.13 -17.96
CA THR D 49 -19.27 0.95 -18.72
C THR D 49 -18.11 1.27 -19.66
N PRO D 50 -17.44 0.25 -20.21
CA PRO D 50 -16.39 0.53 -21.20
C PRO D 50 -16.87 1.34 -22.39
N LEU D 51 -18.13 1.12 -22.81
CA LEU D 51 -18.66 1.88 -23.94
C LEU D 51 -18.76 3.37 -23.60
N HIS D 52 -19.13 3.69 -22.35
CA HIS D 52 -19.10 5.09 -21.91
C HIS D 52 -17.72 5.68 -22.11
N LEU D 53 -16.68 4.97 -21.65
CA LEU D 53 -15.34 5.53 -21.64
C LEU D 53 -14.78 5.63 -23.05
N ALA D 54 -15.01 4.61 -23.89
CA ALA D 54 -14.56 4.69 -25.27
C ALA D 54 -15.27 5.78 -26.05
N ALA D 55 -16.57 6.00 -25.77
CA ALA D 55 -17.31 7.07 -26.43
C ALA D 55 -16.83 8.45 -25.99
N TYR D 56 -16.59 8.61 -24.68
CA TYR D 56 -16.06 9.86 -24.17
C TYR D 56 -14.68 10.17 -24.75
N SER D 57 -13.81 9.17 -24.83
CA SER D 57 -12.44 9.44 -25.21
C SER D 57 -12.21 9.34 -26.71
N GLY D 58 -13.24 9.01 -27.49
CA GLY D 58 -13.13 9.11 -28.93
C GLY D 58 -12.45 7.94 -29.61
N HIS D 59 -12.51 6.75 -29.02
CA HIS D 59 -11.83 5.58 -29.57
C HIS D 59 -12.82 4.76 -30.37
N LEU D 60 -12.87 5.03 -31.68
CA LEU D 60 -13.95 4.48 -32.50
C LEU D 60 -13.87 2.97 -32.64
N GLU D 61 -12.68 2.42 -32.89
CA GLU D 61 -12.58 0.99 -33.11
C GLU D 61 -12.99 0.22 -31.87
N ILE D 62 -12.66 0.78 -30.70
CA ILE D 62 -13.03 0.13 -29.45
C ILE D 62 -14.54 0.17 -29.27
N VAL D 63 -15.17 1.31 -29.58
CA VAL D 63 -16.63 1.38 -29.57
C VAL D 63 -17.21 0.28 -30.44
N GLU D 64 -16.71 0.16 -31.68
CA GLU D 64 -17.24 -0.84 -32.62
C GLU D 64 -17.05 -2.25 -32.08
N VAL D 65 -15.87 -2.52 -31.51
CA VAL D 65 -15.58 -3.85 -30.99
C VAL D 65 -16.49 -4.20 -29.82
N LEU D 66 -16.69 -3.25 -28.89
CA LEU D 66 -17.58 -3.50 -27.75
C LEU D 66 -19.02 -3.79 -28.21
N LEU D 67 -19.53 -2.98 -29.13
CA LEU D 67 -20.88 -3.16 -29.66
C LEU D 67 -21.03 -4.52 -30.34
N LYS D 68 -20.03 -4.91 -31.14
CA LYS D 68 -20.02 -6.22 -31.79
C LYS D 68 -20.21 -7.34 -30.78
N HIS D 69 -19.61 -7.21 -29.60
CA HIS D 69 -19.65 -8.22 -28.56
C HIS D 69 -20.77 -7.99 -27.55
N GLY D 70 -21.78 -7.20 -27.90
CA GLY D 70 -22.98 -7.13 -27.09
C GLY D 70 -23.01 -6.09 -26.00
N ALA D 71 -22.13 -5.09 -26.07
CA ALA D 71 -22.19 -3.97 -25.13
C ALA D 71 -23.54 -3.27 -25.25
N ASP D 72 -24.17 -3.00 -24.12
CA ASP D 72 -25.47 -2.33 -24.14
C ASP D 72 -25.27 -0.89 -24.61
N VAL D 73 -25.71 -0.61 -25.85
CA VAL D 73 -25.61 0.72 -26.44
C VAL D 73 -26.31 1.79 -25.61
N ASP D 74 -27.25 1.42 -24.74
CA ASP D 74 -28.00 2.41 -23.98
C ASP D 74 -27.70 2.32 -22.49
N ALA D 75 -26.52 1.83 -22.11
CA ALA D 75 -26.14 1.82 -20.71
C ALA D 75 -26.22 3.23 -20.16
N SER D 76 -26.78 3.36 -18.97
CA SER D 76 -26.98 4.65 -18.34
C SER D 76 -26.23 4.69 -17.03
N ASP D 77 -25.41 5.72 -16.82
CA ASP D 77 -24.64 5.81 -15.59
C ASP D 77 -25.52 6.44 -14.51
N VAL D 78 -24.93 6.70 -13.34
CA VAL D 78 -25.70 7.14 -12.19
C VAL D 78 -26.28 8.54 -12.42
N PHE D 79 -25.68 9.34 -13.28
CA PHE D 79 -26.18 10.66 -13.59
C PHE D 79 -27.10 10.65 -14.81
N GLY D 80 -27.43 9.47 -15.34
CA GLY D 80 -28.30 9.37 -16.48
C GLY D 80 -27.64 9.50 -17.84
N TYR D 81 -26.32 9.57 -17.90
CA TYR D 81 -25.63 9.67 -19.19
C TYR D 81 -25.58 8.33 -19.88
N THR D 82 -25.95 8.31 -21.15
CA THR D 82 -25.64 7.18 -22.04
C THR D 82 -24.36 7.47 -22.81
N PRO D 83 -23.79 6.46 -23.46
CA PRO D 83 -22.65 6.74 -24.35
C PRO D 83 -22.93 7.83 -25.37
N LEU D 84 -24.15 7.90 -25.91
CA LEU D 84 -24.49 8.92 -26.88
C LEU D 84 -24.35 10.32 -26.30
N HIS D 85 -24.81 10.53 -25.05
CA HIS D 85 -24.57 11.80 -24.35
C HIS D 85 -23.10 12.16 -24.38
N LEU D 86 -22.24 11.22 -23.97
CA LEU D 86 -20.81 11.53 -23.84
C LEU D 86 -20.18 11.80 -25.19
N ALA D 87 -20.60 11.07 -26.24
CA ALA D 87 -20.03 11.29 -27.56
C ALA D 87 -20.47 12.65 -28.12
N ALA D 88 -21.70 13.04 -27.84
CA ALA D 88 -22.19 14.35 -28.28
C ALA D 88 -21.51 15.47 -27.50
N TYR D 89 -21.43 15.33 -26.18
CA TYR D 89 -20.74 16.34 -25.38
C TYR D 89 -19.30 16.53 -25.84
N TRP D 90 -18.63 15.42 -26.20
CA TRP D 90 -17.21 15.46 -26.51
C TRP D 90 -16.91 15.57 -28.00
N GLY D 91 -17.94 15.68 -28.85
CA GLY D 91 -17.72 16.04 -30.25
C GLY D 91 -17.23 14.93 -31.15
N HIS D 92 -17.49 13.67 -30.83
CA HIS D 92 -17.01 12.55 -31.64
C HIS D 92 -18.12 12.16 -32.61
N LEU D 93 -18.06 12.73 -33.82
CA LEU D 93 -19.16 12.58 -34.78
C LEU D 93 -19.32 11.13 -35.24
N GLU D 94 -18.24 10.48 -35.63
CA GLU D 94 -18.32 9.11 -36.13
C GLU D 94 -18.85 8.15 -35.06
N ILE D 95 -18.44 8.36 -33.80
CA ILE D 95 -18.96 7.51 -32.74
C ILE D 95 -20.46 7.75 -32.56
N VAL D 96 -20.91 9.01 -32.65
CA VAL D 96 -22.33 9.34 -32.60
C VAL D 96 -23.09 8.58 -33.70
N GLU D 97 -22.53 8.56 -34.91
CA GLU D 97 -23.18 7.84 -36.00
C GLU D 97 -23.21 6.33 -35.72
N VAL D 98 -22.10 5.78 -35.20
CA VAL D 98 -22.06 4.35 -34.93
C VAL D 98 -23.03 3.97 -33.82
N LEU D 99 -23.12 4.80 -32.78
CA LEU D 99 -24.04 4.47 -31.70
C LEU D 99 -25.48 4.51 -32.17
N LEU D 100 -25.84 5.53 -32.98
CA LEU D 100 -27.22 5.61 -33.48
C LEU D 100 -27.55 4.41 -34.36
N LYS D 101 -26.61 4.03 -35.22
CA LYS D 101 -26.77 2.84 -36.07
C LYS D 101 -26.96 1.57 -35.25
N ASN D 102 -26.42 1.50 -34.04
CA ASN D 102 -26.59 0.33 -33.19
C ASN D 102 -27.76 0.48 -32.22
N GLY D 103 -28.69 1.40 -32.50
CA GLY D 103 -29.93 1.49 -31.74
C GLY D 103 -29.96 2.46 -30.57
N ALA D 104 -28.98 3.36 -30.48
CA ALA D 104 -28.96 4.28 -29.35
C ALA D 104 -30.21 5.15 -29.38
N ASP D 105 -30.81 5.33 -28.21
CA ASP D 105 -31.96 6.20 -28.07
C ASP D 105 -31.52 7.65 -28.29
N VAL D 106 -31.93 8.24 -29.42
CA VAL D 106 -31.53 9.60 -29.77
C VAL D 106 -32.04 10.64 -28.78
N ASN D 107 -33.08 10.31 -28.01
CA ASN D 107 -33.71 11.28 -27.12
C ASN D 107 -33.56 10.90 -25.65
N ALA D 108 -32.59 10.05 -25.32
CA ALA D 108 -32.30 9.72 -23.93
C ALA D 108 -32.03 10.98 -23.10
N MET D 109 -32.58 11.02 -21.89
CA MET D 109 -32.42 12.17 -21.00
C MET D 109 -31.67 11.78 -19.74
N ASP D 110 -30.70 12.59 -19.36
CA ASP D 110 -29.97 12.39 -18.12
C ASP D 110 -30.82 12.96 -16.97
N SER D 111 -30.24 12.96 -15.76
CA SER D 111 -30.97 13.42 -14.58
C SER D 111 -31.25 14.92 -14.61
N ASP D 112 -30.58 15.67 -15.47
CA ASP D 112 -30.90 17.08 -15.69
C ASP D 112 -31.92 17.28 -16.80
N GLY D 113 -32.53 16.21 -17.31
CA GLY D 113 -33.44 16.34 -18.44
C GLY D 113 -32.78 16.75 -19.73
N MET D 114 -31.46 16.66 -19.82
CA MET D 114 -30.77 17.01 -21.05
C MET D 114 -30.67 15.77 -21.95
N THR D 115 -30.77 16.00 -23.23
CA THR D 115 -30.65 15.05 -24.30
C THR D 115 -29.32 15.25 -25.02
N PRO D 116 -28.90 14.28 -25.82
CA PRO D 116 -27.69 14.50 -26.63
C PRO D 116 -27.75 15.79 -27.43
N LEU D 117 -28.93 16.16 -27.91
CA LEU D 117 -29.07 17.39 -28.67
C LEU D 117 -28.69 18.62 -27.85
N HIS D 118 -29.13 18.68 -26.58
CA HIS D 118 -28.73 19.77 -25.70
C HIS D 118 -27.21 19.86 -25.56
N LEU D 119 -26.54 18.70 -25.43
CA LEU D 119 -25.11 18.71 -25.15
C LEU D 119 -24.31 19.11 -26.38
N ALA D 120 -24.69 18.60 -27.55
CA ALA D 120 -24.06 19.06 -28.78
C ALA D 120 -24.37 20.53 -29.04
N ALA D 121 -25.54 21.00 -28.59
CA ALA D 121 -25.86 22.42 -28.76
C ALA D 121 -24.96 23.31 -27.93
N LYS D 122 -24.55 22.85 -26.74
CA LYS D 122 -23.68 23.68 -25.91
C LYS D 122 -22.37 24.00 -26.61
N TRP D 123 -21.79 23.03 -27.31
CA TRP D 123 -20.48 23.22 -27.92
C TRP D 123 -20.56 23.59 -29.39
N GLY D 124 -21.75 23.72 -29.94
CA GLY D 124 -21.88 24.11 -31.33
C GLY D 124 -21.39 23.06 -32.31
N TYR D 125 -21.70 21.78 -32.05
CA TYR D 125 -21.33 20.72 -32.99
C TYR D 125 -22.39 20.67 -34.08
N LEU D 126 -22.12 21.35 -35.19
CA LEU D 126 -23.12 21.45 -36.25
C LEU D 126 -23.46 20.08 -36.83
N GLU D 127 -22.43 19.30 -37.20
CA GLU D 127 -22.65 18.04 -37.88
C GLU D 127 -23.31 17.01 -36.96
N ILE D 128 -22.87 16.98 -35.69
CA ILE D 128 -23.51 16.09 -34.72
C ILE D 128 -24.97 16.48 -34.55
N VAL D 129 -25.25 17.78 -34.51
CA VAL D 129 -26.65 18.23 -34.36
C VAL D 129 -27.47 17.76 -35.55
N GLU D 130 -26.91 17.86 -36.76
CA GLU D 130 -27.64 17.47 -37.96
C GLU D 130 -27.88 15.97 -37.99
N VAL D 131 -26.90 15.17 -37.56
CA VAL D 131 -27.08 13.73 -37.46
C VAL D 131 -28.17 13.39 -36.45
N LEU D 132 -28.16 14.05 -35.29
CA LEU D 132 -29.17 13.78 -34.29
C LEU D 132 -30.56 14.17 -34.77
N LEU D 133 -30.68 15.31 -35.47
CA LEU D 133 -31.97 15.72 -36.03
C LEU D 133 -32.48 14.68 -37.02
N LYS D 134 -31.61 14.21 -37.91
CA LYS D 134 -31.99 13.23 -38.91
C LYS D 134 -32.51 11.94 -38.27
N HIS D 135 -32.10 11.65 -37.03
CA HIS D 135 -32.55 10.45 -36.34
C HIS D 135 -33.66 10.73 -35.34
N GLY D 136 -34.35 11.86 -35.46
CA GLY D 136 -35.52 12.11 -34.64
C GLY D 136 -35.30 12.79 -33.31
N ALA D 137 -34.19 13.50 -33.12
CA ALA D 137 -34.01 14.26 -31.90
C ALA D 137 -35.14 15.26 -31.73
N ASP D 138 -35.66 15.37 -30.52
CA ASP D 138 -36.82 16.20 -30.22
C ASP D 138 -36.34 17.60 -29.86
N VAL D 139 -36.45 18.53 -30.82
CA VAL D 139 -35.94 19.90 -30.64
C VAL D 139 -36.73 20.76 -29.66
N ASN D 140 -37.89 20.28 -29.19
CA ASN D 140 -38.64 21.02 -28.18
C ASN D 140 -38.32 20.57 -26.77
N ALA D 141 -37.57 19.48 -26.61
CA ALA D 141 -37.27 18.99 -25.26
C ALA D 141 -36.60 20.07 -24.45
N GLN D 142 -37.10 20.28 -23.24
CA GLN D 142 -36.52 21.23 -22.30
C GLN D 142 -35.85 20.46 -21.18
N ASP D 143 -34.69 20.94 -20.75
CA ASP D 143 -34.02 20.35 -19.61
C ASP D 143 -34.66 20.91 -18.33
N LYS D 144 -34.08 20.61 -17.16
CA LYS D 144 -34.72 21.05 -15.92
C LYS D 144 -34.58 22.56 -15.68
N PHE D 145 -33.74 23.26 -16.44
CA PHE D 145 -33.72 24.72 -16.43
C PHE D 145 -34.59 25.32 -17.51
N GLY D 146 -35.51 24.53 -18.07
CA GLY D 146 -36.43 25.01 -19.11
C GLY D 146 -35.80 25.34 -20.44
N LYS D 147 -34.60 24.84 -20.72
CA LYS D 147 -33.89 25.19 -21.94
C LYS D 147 -34.13 24.15 -23.02
N THR D 148 -34.38 24.62 -24.24
CA THR D 148 -34.32 23.77 -25.42
C THR D 148 -32.89 23.79 -25.98
N ALA D 149 -32.64 22.91 -26.94
CA ALA D 149 -31.36 22.95 -27.64
C ALA D 149 -31.12 24.31 -28.27
N PHE D 150 -32.16 24.91 -28.86
CA PHE D 150 -32.02 26.23 -29.46
C PHE D 150 -31.58 27.26 -28.43
N ASP D 151 -32.26 27.28 -27.27
CA ASP D 151 -31.89 28.20 -26.20
C ASP D 151 -30.41 28.08 -25.87
N ILE D 152 -29.94 26.85 -25.69
CA ILE D 152 -28.55 26.61 -25.30
C ILE D 152 -27.60 27.12 -26.39
N SER D 153 -27.93 26.88 -27.66
CA SER D 153 -27.07 27.38 -28.73
C SER D 153 -27.02 28.91 -28.74
N ILE D 154 -28.09 29.57 -28.33
CA ILE D 154 -28.07 31.02 -28.20
C ILE D 154 -27.14 31.44 -27.07
N ASP D 155 -27.31 30.86 -25.88
CA ASP D 155 -26.54 31.31 -24.72
C ASP D 155 -25.06 30.97 -24.81
N ASN D 156 -24.61 30.21 -25.81
CA ASN D 156 -23.20 29.85 -25.92
C ASN D 156 -22.53 30.42 -27.16
N GLY D 157 -23.19 31.33 -27.87
CA GLY D 157 -22.58 32.02 -28.99
C GLY D 157 -22.35 31.16 -30.21
N ASN D 158 -23.26 30.23 -30.48
CA ASN D 158 -23.18 29.34 -31.64
C ASN D 158 -24.26 29.75 -32.64
N GLU D 159 -24.00 30.86 -33.34
CA GLU D 159 -25.01 31.46 -34.22
C GLU D 159 -25.42 30.51 -35.34
N ASP D 160 -24.42 29.95 -36.05
CA ASP D 160 -24.71 29.03 -37.15
C ASP D 160 -25.63 27.90 -36.71
N LEU D 161 -25.40 27.38 -35.50
CA LEU D 161 -26.25 26.31 -34.98
C LEU D 161 -27.63 26.84 -34.63
N ALA D 162 -27.70 28.01 -33.99
CA ALA D 162 -28.99 28.59 -33.64
C ALA D 162 -29.82 28.90 -34.87
N GLU D 163 -29.17 29.25 -36.00
CA GLU D 163 -29.90 29.47 -37.24
C GLU D 163 -30.64 28.21 -37.68
N ILE D 164 -29.99 27.06 -37.61
CA ILE D 164 -30.66 25.82 -38.00
C ILE D 164 -31.76 25.47 -37.01
N LEU D 165 -31.50 25.68 -35.72
CA LEU D 165 -32.46 25.24 -34.70
C LEU D 165 -33.66 26.16 -34.63
N GLN D 166 -33.48 27.47 -34.89
CA GLN D 166 -34.57 28.43 -35.06
C GLN D 166 -35.71 27.84 -35.91
N LYS D 167 -35.35 26.86 -36.76
CA LYS D 167 -36.21 26.20 -37.74
C LYS D 167 -36.40 27.08 -38.95
C1 GOL E . 23.75 -35.55 -0.85
O1 GOL E . 25.07 -35.32 -0.40
C2 GOL E . 23.70 -35.40 -2.36
O2 GOL E . 24.50 -34.30 -2.77
C3 GOL E . 22.26 -35.31 -2.85
O3 GOL E . 22.24 -34.98 -4.23
C1 GOL F . 15.62 -30.79 13.90
O1 GOL F . 16.85 -30.27 13.44
C2 GOL F . 14.64 -29.67 14.25
O2 GOL F . 13.70 -30.06 15.25
C3 GOL F . 13.90 -29.17 13.02
O3 GOL F . 14.49 -29.61 11.81
C1 GOL G . 1.55 -39.22 -6.75
O1 GOL G . 2.93 -39.29 -6.46
C2 GOL G . 0.70 -39.69 -5.57
O2 GOL G . 0.66 -38.70 -4.57
C3 GOL G . -0.74 -40.00 -5.97
O3 GOL G . -1.56 -38.86 -5.78
S SO4 H . 19.72 11.80 -15.29
O1 SO4 H . 21.16 12.04 -15.18
O2 SO4 H . 19.03 12.77 -14.43
O3 SO4 H . 19.28 11.96 -16.68
O4 SO4 H . 19.40 10.43 -14.88
S SO4 I . 12.92 -10.39 -19.44
O1 SO4 I . 13.47 -10.60 -20.78
O2 SO4 I . 13.48 -9.15 -18.87
O3 SO4 I . 11.45 -10.24 -19.50
O4 SO4 I . 13.26 -11.55 -18.61
S SO4 J . -10.08 -20.58 -18.55
O1 SO4 J . -8.77 -21.21 -18.51
O2 SO4 J . -9.90 -19.15 -18.84
O3 SO4 J . -10.92 -21.20 -19.60
O4 SO4 J . -10.72 -20.75 -17.25
S SO4 K . 5.72 -30.23 -13.60
O1 SO4 K . 6.22 -29.32 -14.61
O2 SO4 K . 5.72 -29.59 -12.30
O3 SO4 K . 4.34 -30.66 -13.86
O4 SO4 K . 6.62 -31.38 -13.60
S SO4 L . 1.69 -25.60 -8.90
O1 SO4 L . 2.62 -25.45 -7.79
O2 SO4 L . 0.87 -24.39 -9.06
O3 SO4 L . 2.54 -25.80 -10.07
O4 SO4 L . 0.75 -26.72 -8.74
S SO4 M . -1.42 -6.59 -18.42
O1 SO4 M . -0.27 -6.30 -17.55
O2 SO4 M . -1.88 -5.38 -19.10
O3 SO4 M . -2.52 -7.15 -17.61
O4 SO4 M . -1.02 -7.57 -19.42
C1 EOH N . 20.05 10.41 -7.90
C2 EOH N . 20.24 9.22 -8.83
O EOH N . 18.93 10.24 -7.06
C1 EOH O . 44.96 4.21 -22.84
C2 EOH O . 43.49 4.14 -23.23
O EOH O . 45.23 5.33 -22.01
C1 EOH P . 46.05 7.32 2.52
C2 EOH P . 46.43 8.12 3.76
O EOH P . 45.86 8.12 1.35
C1 EOH Q . 41.16 -1.42 19.20
C2 EOH Q . 42.06 -0.20 19.27
O EOH Q . 41.80 -2.64 19.54
S SO4 R . 6.64 -40.66 -11.80
O1 SO4 R . 7.55 -41.44 -10.96
O2 SO4 R . 6.94 -39.24 -11.59
O3 SO4 R . 6.86 -41.00 -13.20
O4 SO4 R . 5.25 -40.91 -11.43
C1 GOL S . 18.07 -32.08 -24.78
O1 GOL S . 18.06 -31.55 -26.09
C2 GOL S . 17.77 -30.98 -23.78
O2 GOL S . 17.41 -31.49 -22.51
C3 GOL S . 19.01 -30.14 -23.54
O3 GOL S . 18.64 -29.19 -22.57
C1 EOH T . -4.80 -43.20 -38.40
C2 EOH T . -4.18 -42.35 -39.52
O EOH T . -5.77 -42.48 -37.68
C1 EOH U . 10.69 -6.77 -13.36
C2 EOH U . 12.04 -7.26 -12.83
O EOH U . 10.64 -6.91 -14.76
C1 EOH V . 23.83 17.53 -3.95
C2 EOH V . 23.80 17.28 -2.44
O EOH V . 22.89 16.73 -4.63
S SO4 W . 9.02 -8.30 0.41
O1 SO4 W . 10.39 -8.55 -0.04
O2 SO4 W . 8.46 -7.10 -0.25
O3 SO4 W . 8.18 -9.47 0.10
O4 SO4 W . 9.06 -8.04 1.84
S SO4 X . -6.68 -17.72 29.54
O1 SO4 X . -6.84 -17.73 30.99
O2 SO4 X . -5.98 -16.51 29.13
O3 SO4 X . -5.92 -18.92 29.17
O4 SO4 X . -7.99 -17.77 28.91
S SO4 Y . -1.10 -24.82 31.97
O1 SO4 Y . -0.28 -25.34 30.89
O2 SO4 Y . -0.82 -23.40 32.22
O3 SO4 Y . -2.52 -24.99 31.61
O4 SO4 Y . -0.79 -25.55 33.19
S SO4 Z . 5.95 -30.74 34.02
O1 SO4 Z . 5.84 -29.37 34.51
O2 SO4 Z . 6.97 -30.85 32.97
O3 SO4 Z . 4.63 -31.14 33.54
O4 SO4 Z . 6.36 -31.62 35.12
C1 EOH AA . 2.14 -15.10 17.92
C2 EOH AA . 2.19 -15.73 16.55
O EOH AA . 3.08 -14.05 18.04
C1 EOH BA . -12.71 -27.10 8.89
C2 EOH BA . -12.25 -28.21 9.82
O EOH BA . -11.63 -26.29 8.46
S SO4 CA . 0.23 42.52 1.49
O1 SO4 CA . 0.02 42.75 0.06
O2 SO4 CA . 1.25 43.46 1.97
O3 SO4 CA . 0.70 41.14 1.65
O4 SO4 CA . -1.02 42.71 2.24
S SO4 DA . -22.01 24.27 -15.11
O1 SO4 DA . -20.88 24.78 -15.90
O2 SO4 DA . -22.50 25.28 -14.18
O3 SO4 DA . -23.07 23.81 -16.03
O4 SO4 DA . -21.54 23.14 -14.30
S SO4 EA . -40.87 -10.88 10.52
O1 SO4 EA . -39.70 -9.99 10.47
O2 SO4 EA . -41.43 -10.90 11.87
O3 SO4 EA . -40.44 -12.24 10.18
O4 SO4 EA . -41.89 -10.43 9.57
S SO4 FA . -12.29 -3.99 15.29
O1 SO4 FA . -11.22 -4.61 16.07
O2 SO4 FA . -11.86 -2.69 14.77
O3 SO4 FA . -12.65 -4.87 14.17
O4 SO4 FA . -13.44 -3.78 16.17
S SO4 GA . -13.39 9.96 20.19
O1 SO4 GA . -11.93 10.17 20.08
O2 SO4 GA . -14.09 10.99 19.43
O3 SO4 GA . -13.69 8.63 19.65
O4 SO4 GA . -13.83 10.02 21.59
S SO4 HA . -26.28 6.57 2.99
O1 SO4 HA . -26.16 7.04 4.37
O2 SO4 HA . -26.54 7.76 2.17
O3 SO4 HA . -27.36 5.58 2.85
O4 SO4 HA . -25.04 5.94 2.60
S SO4 IA . -31.15 10.43 7.68
O1 SO4 IA . -29.91 10.20 6.98
O2 SO4 IA . -31.70 11.75 7.41
O3 SO4 IA . -30.87 10.38 9.12
O4 SO4 IA . -32.12 9.41 7.27
S SO4 JA . -27.14 -8.44 9.53
O1 SO4 JA . -25.77 -8.78 9.11
O2 SO4 JA . -27.27 -6.99 9.42
O3 SO4 JA . -28.10 -9.11 8.65
O4 SO4 JA . -27.39 -8.85 10.90
S SO4 KA . -31.96 19.55 20.07
O1 SO4 KA . -30.76 18.72 20.16
O2 SO4 KA . -31.68 20.90 20.54
O3 SO4 KA . -33.03 19.00 20.93
O4 SO4 KA . -32.38 19.57 18.67
C1 EOH LA . -0.02 23.91 -29.08
C2 EOH LA . 1.47 24.14 -29.37
O EOH LA . -0.76 23.64 -30.25
C1 EOH MA . 7.62 34.25 34.55
C2 EOH MA . 6.91 35.54 34.95
O EOH MA . 6.72 33.14 34.45
C1 EOH NA . -6.45 10.75 0.02
C2 EOH NA . -6.10 11.53 1.28
O EOH NA . -5.33 10.69 -0.82
C1 GOL OA . -27.99 32.42 1.75
O1 GOL OA . -27.49 32.17 3.05
C2 GOL OA . -28.62 31.15 1.18
O2 GOL OA . -29.59 31.47 0.22
C3 GOL OA . -29.27 30.28 2.25
O3 GOL OA . -30.20 29.42 1.62
C1 EOH PA . -33.42 16.95 -4.90
C2 EOH PA . -32.77 18.21 -5.49
O EOH PA . -33.04 16.70 -3.56
C1 EOH QA . -23.41 15.88 24.35
C2 EOH QA . -22.11 15.09 24.17
O EOH QA . -23.45 17.00 23.48
C1 EOH RA . -8.81 8.59 16.05
C2 EOH RA . -7.96 8.87 17.29
O EOH RA . -8.08 8.66 14.85
C1 EOH SA . -37.36 12.18 -2.47
C2 EOH SA . -37.56 11.23 -3.64
O EOH SA . -38.36 12.06 -1.48
C1 EOH TA . -53.64 -2.54 22.13
C2 EOH TA . -52.38 -3.40 22.06
O EOH TA . -53.45 -1.34 22.85
C1 EOH UA . -40.11 14.69 2.69
C2 EOH UA . -40.11 16.12 2.16
O EOH UA . -40.60 14.60 4.01
C1 EOH VA . 12.36 13.60 12.23
C2 EOH VA . 13.31 14.42 11.36
O EOH VA . 12.55 13.85 13.61
C1 GOL WA . 11.49 11.02 20.71
O1 GOL WA . 10.20 11.13 21.24
C2 GOL WA . 12.43 11.63 21.74
O2 GOL WA . 11.65 12.25 22.74
C3 GOL WA . 13.30 12.66 21.02
O3 GOL WA . 13.43 12.28 19.67
S SO4 XA . -9.69 5.30 -33.40
O1 SO4 XA . -8.67 5.54 -32.37
O2 SO4 XA . -9.17 5.64 -34.71
O3 SO4 XA . -10.12 3.89 -33.38
O4 SO4 XA . -10.85 6.15 -33.12
S SO4 YA . -14.86 12.97 -35.79
O1 SO4 YA . -13.40 12.94 -35.72
O2 SO4 YA . -15.41 13.62 -34.60
O3 SO4 YA . -15.36 11.60 -35.90
O4 SO4 YA . -15.29 13.75 -36.96
S SO4 ZA . -18.74 21.13 -37.01
O1 SO4 ZA . -17.36 20.67 -36.80
O2 SO4 ZA . -18.71 22.20 -38.01
O3 SO4 ZA . -19.54 20.01 -37.50
O4 SO4 ZA . -19.35 21.66 -35.79
C1 EOH AB . -8.50 10.28 -19.28
C2 EOH AB . -7.62 11.49 -19.65
O EOH AB . -9.87 10.59 -19.30
C1 EOH BB . -3.23 -0.56 -30.28
C2 EOH BB . -4.16 0.62 -30.05
O EOH BB . -3.32 -1.50 -29.24
#